data_1YFJ
#
_entry.id   1YFJ
#
_cell.length_a   111.200
_cell.length_b   133.000
_cell.length_c   189.200
_cell.angle_alpha   90.00
_cell.angle_beta   90.00
_cell.angle_gamma   90.00
#
_symmetry.space_group_name_H-M   'P 21 21 21'
#
loop_
_entity.id
_entity.type
_entity.pdbx_description
1 polymer "5'-D(*TP*CP*AP*CP*AP*GP*GP*AP*TP*CP*CP*TP*GP*TP*G)-3'"
2 polymer 'DNA adenine methylase'
3 non-polymer 'CHLORIDE ION'
4 non-polymer 'CALCIUM ION'
5 non-polymer S-ADENOSYL-L-HOMOCYSTEINE
6 water water
#
loop_
_entity_poly.entity_id
_entity_poly.type
_entity_poly.pdbx_seq_one_letter_code
_entity_poly.pdbx_strand_id
1 'polydeoxyribonucleotide' (DT)(DC)(DA)(DC)(DA)(DG)(DG)(DA)(DT)(DC)(DC)(DT)(DG)(DT)(DG) 1,2,3,4,5,6,7,8,9,0
2 'polypeptide(L)'
;MLGAIAYTGNKQSLLPELKSHFPKYNRFVDLFCGGLSVSLNVNGPVLANDIQEPIIEMYKRLINVSWDDVLKVIKQYKLS
KTSKEEFLKLREDYNKTRDPLLLYVLHFHGFSNMIRINDKGNFTTPFGKRTINKNSEKRFNHFKQNCDKIIFSSLHFKDV
KILDGDFVYVDPPYLITVADYNKFWSEDEEKDLLNLLDSLNDRGIKFGLSNVLEHHGKENTLLKEWSKKYNVKHLNKKYV
FNIYHSKEKNGTDEVYIFN
;
A,B,C,D,E,F
#
loop_
_chem_comp.id
_chem_comp.type
_chem_comp.name
_chem_comp.formula
CA non-polymer 'CALCIUM ION' 'Ca 2'
CL non-polymer 'CHLORIDE ION' 'Cl -1'
DA DNA linking 2'-DEOXYADENOSINE-5'-MONOPHOSPHATE 'C10 H14 N5 O6 P'
DC DNA linking 2'-DEOXYCYTIDINE-5'-MONOPHOSPHATE 'C9 H14 N3 O7 P'
DG DNA linking 2'-DEOXYGUANOSINE-5'-MONOPHOSPHATE 'C10 H14 N5 O7 P'
DT DNA linking THYMIDINE-5'-MONOPHOSPHATE 'C10 H15 N2 O8 P'
#
# COMPACT_ATOMS: atom_id res chain seq x y z
N MET K 1 21.68 54.13 38.02
CA MET K 1 22.67 53.86 36.99
C MET K 1 22.10 54.06 35.59
N LEU K 2 22.91 54.64 34.70
CA LEU K 2 22.46 54.97 33.34
C LEU K 2 22.15 53.82 32.38
N GLY K 3 21.10 54.10 31.62
CA GLY K 3 20.61 53.30 30.55
C GLY K 3 21.19 53.91 29.28
N ALA K 4 21.23 53.15 28.20
CA ALA K 4 21.80 53.62 26.94
C ALA K 4 21.03 54.81 26.36
N ILE K 5 19.73 54.89 26.63
CA ILE K 5 18.89 56.00 26.15
C ILE K 5 17.73 56.30 27.12
N ALA K 6 17.12 57.47 26.98
CA ALA K 6 16.00 57.77 27.85
C ALA K 6 14.94 56.74 27.44
N TYR K 7 14.11 56.29 28.38
CA TYR K 7 13.17 55.25 28.01
C TYR K 7 12.02 55.14 28.98
N THR K 8 10.81 55.19 28.45
CA THR K 8 9.60 55.06 29.22
C THR K 8 9.66 53.73 29.93
N GLY K 9 9.56 53.78 31.26
CA GLY K 9 9.57 52.55 32.04
C GLY K 9 10.95 52.04 32.42
N ASN K 10 12.00 52.83 32.20
CA ASN K 10 13.34 52.39 32.54
C ASN K 10 13.47 52.15 34.04
N LYS K 11 14.49 51.40 34.44
CA LYS K 11 14.74 51.06 35.84
C LYS K 11 16.00 51.73 36.42
N GLN K 12 16.39 52.88 35.90
CA GLN K 12 17.59 53.58 36.37
C GLN K 12 17.67 53.83 37.88
N SER K 13 16.67 54.51 38.39
CA SER K 13 16.65 54.81 39.80
C SER K 13 16.43 53.60 40.71
N LEU K 14 15.79 52.54 40.20
CA LEU K 14 15.51 51.36 41.02
C LEU K 14 16.55 50.28 40.97
N LEU K 15 17.44 50.34 39.99
CA LEU K 15 18.43 49.29 39.85
C LEU K 15 19.19 48.89 41.13
N PRO K 16 19.69 49.85 41.93
CA PRO K 16 20.40 49.40 43.14
C PRO K 16 19.51 48.52 44.03
N GLU K 17 18.27 48.94 44.26
CA GLU K 17 17.37 48.16 45.09
C GLU K 17 17.15 46.75 44.48
N LEU K 18 16.97 46.70 43.16
CA LEU K 18 16.80 45.42 42.48
C LEU K 18 18.06 44.54 42.62
N LYS K 19 19.26 45.08 42.36
CA LYS K 19 20.47 44.26 42.49
C LYS K 19 20.54 43.66 43.89
N SER K 20 19.88 44.29 44.84
CA SER K 20 19.89 43.77 46.20
C SER K 20 19.30 42.37 46.24
N HIS K 21 18.20 42.19 45.53
CA HIS K 21 17.50 40.92 45.50
C HIS K 21 17.94 39.87 44.50
N PHE K 22 18.82 40.23 43.57
CA PHE K 22 19.28 39.29 42.56
C PHE K 22 20.07 38.14 43.13
N PRO K 23 20.08 37.01 42.43
CA PRO K 23 20.82 35.83 42.87
C PRO K 23 22.12 35.77 42.12
N LYS K 24 22.91 34.73 42.37
CA LYS K 24 24.13 34.54 41.59
C LYS K 24 23.68 33.83 40.32
N TYR K 25 24.48 33.83 39.28
CA TYR K 25 24.08 33.22 38.01
C TYR K 25 25.28 33.09 37.07
N ASN K 26 25.14 32.25 36.05
CA ASN K 26 26.18 32.04 35.05
C ASN K 26 25.97 32.98 33.90
N ARG K 27 24.72 33.38 33.71
CA ARG K 27 24.34 34.28 32.63
C ARG K 27 23.13 35.05 33.10
N PHE K 28 23.09 36.33 32.73
CA PHE K 28 22.01 37.20 33.08
C PHE K 28 21.16 37.46 31.83
N VAL K 29 19.89 37.06 31.89
CA VAL K 29 18.99 37.24 30.78
C VAL K 29 17.99 38.34 31.05
N ASP K 30 18.20 39.46 30.35
CA ASP K 30 17.34 40.62 30.40
C ASP K 30 16.34 40.44 29.27
N LEU K 31 15.24 39.75 29.56
CA LEU K 31 14.25 39.37 28.57
C LEU K 31 13.47 40.48 27.83
N PHE K 32 13.33 41.66 28.45
CA PHE K 32 12.65 42.80 27.83
C PHE K 32 13.60 43.96 28.11
N CYS K 33 14.80 43.90 27.55
CA CYS K 33 15.83 44.88 27.85
C CYS K 33 15.53 46.36 27.65
N GLY K 34 14.63 46.70 26.76
CA GLY K 34 14.32 48.12 26.58
C GLY K 34 15.55 49.05 26.38
N GLY K 35 15.62 50.11 27.17
CA GLY K 35 16.67 51.12 27.09
C GLY K 35 18.02 50.65 27.66
N LEU K 36 18.07 49.41 28.16
CA LEU K 36 19.31 48.82 28.66
C LEU K 36 19.73 49.35 30.03
N SER K 37 18.79 49.83 30.84
CA SER K 37 19.13 50.33 32.18
C SER K 37 19.57 49.18 33.08
N VAL K 38 19.00 48.01 32.85
CA VAL K 38 19.37 46.83 33.65
C VAL K 38 20.67 46.22 33.15
N SER K 39 20.68 45.85 31.86
CA SER K 39 21.79 45.15 31.23
C SER K 39 23.14 45.82 31.32
N LEU K 40 23.20 47.11 31.15
CA LEU K 40 24.51 47.75 31.24
C LEU K 40 25.07 47.70 32.66
N ASN K 41 24.21 47.47 33.64
CA ASN K 41 24.68 47.54 35.02
C ASN K 41 24.65 46.26 35.86
N VAL K 42 24.72 45.09 35.23
CA VAL K 42 24.77 43.86 36.00
C VAL K 42 25.98 43.11 35.43
N ASN K 43 26.55 42.20 36.21
CA ASN K 43 27.73 41.47 35.75
C ASN K 43 27.40 40.52 34.64
N GLY K 44 28.30 40.42 33.66
CA GLY K 44 28.07 39.53 32.54
C GLY K 44 28.33 38.06 32.85
N PRO K 45 28.14 37.16 31.89
CA PRO K 45 27.65 37.43 30.51
C PRO K 45 26.18 37.86 30.51
N VAL K 46 25.85 38.81 29.65
CA VAL K 46 24.48 39.31 29.59
C VAL K 46 23.83 39.09 28.24
N LEU K 47 22.58 38.67 28.26
CA LEU K 47 21.85 38.50 27.02
C LEU K 47 20.73 39.55 27.06
N ALA K 48 20.84 40.59 26.23
CA ALA K 48 19.82 41.66 26.18
C ALA K 48 18.82 41.38 25.07
N ASN K 49 17.58 41.05 25.42
CA ASN K 49 16.58 40.75 24.40
C ASN K 49 15.42 41.73 24.33
N ASP K 50 14.97 42.06 23.12
CA ASP K 50 13.80 42.91 23.01
C ASP K 50 13.13 42.66 21.69
N ILE K 51 11.81 42.59 21.71
CA ILE K 51 11.06 42.31 20.49
C ILE K 51 11.15 43.39 19.43
N GLN K 52 11.54 44.61 19.81
CA GLN K 52 11.65 45.72 18.86
C GLN K 52 13.01 45.72 18.13
N GLU K 53 13.07 44.95 17.07
CA GLU K 53 14.29 44.78 16.30
C GLU K 53 15.06 46.04 15.92
N PRO K 54 14.36 47.10 15.49
CA PRO K 54 15.06 48.33 15.12
C PRO K 54 15.89 48.87 16.28
N ILE K 55 15.39 48.76 17.51
CA ILE K 55 16.15 49.25 18.63
C ILE K 55 17.34 48.34 18.88
N ILE K 56 17.11 47.04 18.83
CA ILE K 56 18.21 46.11 19.04
C ILE K 56 19.31 46.33 17.98
N GLU K 57 18.91 46.52 16.72
CA GLU K 57 19.90 46.72 15.66
C GLU K 57 20.65 48.02 15.83
N MET K 58 19.98 48.99 16.44
CA MET K 58 20.55 50.29 16.71
C MET K 58 21.66 50.13 17.77
N TYR K 59 21.44 49.25 18.76
CA TYR K 59 22.45 49.03 19.79
C TYR K 59 23.63 48.31 19.14
N LYS K 60 23.34 47.32 18.30
CA LYS K 60 24.43 46.58 17.64
C LYS K 60 25.29 47.50 16.82
N ARG K 61 24.68 48.56 16.30
CA ARG K 61 25.39 49.52 15.49
C ARG K 61 26.18 50.48 16.36
N LEU K 62 25.61 50.86 17.50
CA LEU K 62 26.29 51.82 18.39
C LEU K 62 27.66 51.38 18.80
N ILE K 63 27.81 50.06 18.94
CA ILE K 63 29.06 49.48 19.34
C ILE K 63 30.24 49.99 18.51
N ASN K 64 30.01 50.22 17.22
CA ASN K 64 31.08 50.67 16.33
C ASN K 64 31.08 52.16 15.95
N VAL K 65 30.45 53.02 16.72
CA VAL K 65 30.47 54.41 16.34
C VAL K 65 30.96 55.26 17.48
N SER K 66 31.33 56.51 17.18
CA SER K 66 31.82 57.38 18.21
C SER K 66 30.87 58.54 18.34
N TRP K 67 30.93 59.22 19.48
CA TRP K 67 30.08 60.36 19.70
C TRP K 67 30.25 61.33 18.53
N ASP K 68 31.43 61.27 17.90
CA ASP K 68 31.69 62.18 16.81
C ASP K 68 30.87 61.86 15.60
N ASP K 69 30.59 60.58 15.41
CA ASP K 69 29.77 60.16 14.29
C ASP K 69 28.37 60.71 14.51
N VAL K 70 27.97 60.79 15.78
CA VAL K 70 26.64 61.29 16.11
C VAL K 70 26.56 62.78 15.86
N LEU K 71 27.58 63.53 16.27
CA LEU K 71 27.57 64.97 16.05
C LEU K 71 27.60 65.30 14.56
N LYS K 72 28.38 64.53 13.79
CA LYS K 72 28.48 64.80 12.37
C LYS K 72 27.09 64.72 11.79
N VAL K 73 26.34 63.67 12.14
CA VAL K 73 24.99 63.56 11.61
C VAL K 73 24.13 64.74 12.08
N ILE K 74 24.19 65.04 13.37
CA ILE K 74 23.40 66.13 13.88
C ILE K 74 23.75 67.41 13.15
N LYS K 75 25.01 67.55 12.81
CA LYS K 75 25.45 68.75 12.09
C LYS K 75 24.92 68.77 10.65
N GLN K 76 25.06 67.64 9.95
CA GLN K 76 24.66 67.54 8.56
C GLN K 76 23.16 67.67 8.30
N TYR K 77 22.36 67.50 9.35
CA TYR K 77 20.90 67.65 9.25
C TYR K 77 20.46 68.89 10.00
N LYS K 78 21.45 69.68 10.40
CA LYS K 78 21.24 70.97 11.08
C LYS K 78 20.09 70.93 12.10
N LEU K 79 20.09 69.90 12.98
CA LEU K 79 19.06 69.71 13.98
C LEU K 79 19.24 70.58 15.20
N SER K 80 18.13 70.93 15.82
CA SER K 80 18.14 71.77 17.00
C SER K 80 16.84 71.60 17.76
N LYS K 81 16.67 72.38 18.82
CA LYS K 81 15.47 72.31 19.63
C LYS K 81 14.29 72.81 18.83
N THR K 82 14.55 73.47 17.70
CA THR K 82 13.46 74.02 16.91
C THR K 82 13.42 73.66 15.42
N SER K 83 14.22 72.66 15.01
CA SER K 83 14.28 72.25 13.61
C SER K 83 13.27 71.17 13.20
N LYS K 84 12.00 71.56 13.25
CA LYS K 84 10.86 70.69 12.90
C LYS K 84 10.98 70.12 11.50
N GLU K 85 11.29 70.98 10.53
CA GLU K 85 11.37 70.54 9.15
C GLU K 85 12.57 69.66 8.88
N GLU K 86 13.69 69.97 9.55
CA GLU K 86 14.91 69.18 9.42
C GLU K 86 14.63 67.79 10.04
N PHE K 87 13.93 67.77 11.17
CA PHE K 87 13.57 66.50 11.83
C PHE K 87 12.74 65.62 10.84
N LEU K 88 11.79 66.22 10.14
CA LEU K 88 11.02 65.43 9.19
C LEU K 88 11.90 64.79 8.14
N LYS K 89 12.91 65.52 7.68
CA LYS K 89 13.85 65.01 6.66
C LYS K 89 14.63 63.79 7.17
N LEU K 90 15.13 63.89 8.40
CA LEU K 90 15.90 62.79 8.99
C LEU K 90 14.99 61.57 9.09
N ARG K 91 13.76 61.83 9.53
CA ARG K 91 12.81 60.78 9.68
C ARG K 91 12.60 60.04 8.34
N GLU K 92 12.39 60.78 7.25
CA GLU K 92 12.24 60.13 5.95
C GLU K 92 13.48 59.35 5.55
N ASP K 93 14.67 59.91 5.84
CA ASP K 93 15.89 59.19 5.47
C ASP K 93 15.98 57.92 6.29
N TYR K 94 15.73 57.99 7.59
CA TYR K 94 15.80 56.75 8.34
C TYR K 94 14.80 55.74 7.79
N ASN K 95 13.61 56.21 7.41
CA ASN K 95 12.60 55.29 6.92
C ASN K 95 12.88 54.62 5.57
N LYS K 96 13.62 55.25 4.68
CA LYS K 96 13.89 54.54 3.44
C LYS K 96 15.22 53.79 3.50
N THR K 97 16.20 54.28 4.25
CA THR K 97 17.48 53.58 4.32
C THR K 97 17.60 52.59 5.47
N ARG K 98 16.86 52.82 6.55
CA ARG K 98 16.89 51.97 7.74
C ARG K 98 18.27 51.89 8.41
N ASP K 99 19.10 52.91 8.24
CA ASP K 99 20.38 52.93 8.91
C ASP K 99 20.17 53.22 10.43
N PRO K 100 20.57 52.28 11.30
CA PRO K 100 20.40 52.46 12.75
C PRO K 100 21.02 53.70 13.35
N LEU K 101 22.10 54.20 12.77
CA LEU K 101 22.69 55.40 13.34
C LEU K 101 21.67 56.58 13.31
N LEU K 102 20.89 56.63 12.22
CA LEU K 102 19.88 57.66 12.06
C LEU K 102 18.76 57.44 13.08
N LEU K 103 18.35 56.20 13.28
CA LEU K 103 17.34 55.94 14.26
C LEU K 103 17.86 56.47 15.60
N TYR K 104 19.14 56.26 15.89
CA TYR K 104 19.69 56.72 17.16
C TYR K 104 19.61 58.24 17.24
N VAL K 105 19.96 58.92 16.17
CA VAL K 105 19.91 60.37 16.22
C VAL K 105 18.46 60.87 16.31
N LEU K 106 17.54 60.18 15.62
CA LEU K 106 16.15 60.62 15.65
C LEU K 106 15.55 60.60 17.03
N HIS K 107 15.80 59.51 17.75
CA HIS K 107 15.21 59.36 19.07
C HIS K 107 15.48 60.58 19.98
N PHE K 108 16.67 61.16 19.90
CA PHE K 108 17.00 62.36 20.68
C PHE K 108 16.06 63.54 20.39
N HIS K 109 15.54 63.61 19.16
CA HIS K 109 14.68 64.73 18.75
C HIS K 109 13.17 64.55 18.74
N GLY K 110 12.69 63.35 19.05
CA GLY K 110 11.26 63.15 19.00
C GLY K 110 10.43 63.36 20.24
N PHE K 111 9.12 63.41 20.02
CA PHE K 111 8.13 63.59 21.08
C PHE K 111 8.43 62.72 22.29
N SER K 112 8.80 63.37 23.39
CA SER K 112 9.10 62.71 24.64
C SER K 112 10.12 61.59 24.47
N ASN K 113 11.03 61.76 23.51
CA ASN K 113 12.08 60.78 23.20
C ASN K 113 11.57 59.43 22.82
N MET K 114 10.30 59.34 22.50
CA MET K 114 9.74 58.05 22.15
C MET K 114 10.24 57.47 20.85
N ILE K 115 10.47 56.16 20.82
CA ILE K 115 10.84 55.52 19.57
C ILE K 115 9.61 54.71 19.14
N ARG K 116 8.85 55.21 18.17
CA ARG K 116 7.67 54.50 17.70
C ARG K 116 7.91 54.08 16.27
N ILE K 117 7.80 52.78 16.05
CA ILE K 117 8.03 52.19 14.76
C ILE K 117 6.81 51.35 14.42
N ASN K 118 6.16 51.68 13.29
CA ASN K 118 4.95 50.98 12.89
C ASN K 118 5.17 49.64 12.19
N ASP K 119 4.09 49.03 11.73
CA ASP K 119 4.16 47.72 11.09
C ASP K 119 5.06 47.68 9.88
N LYS K 120 5.05 48.75 9.09
CA LYS K 120 5.87 48.79 7.91
C LYS K 120 7.31 49.08 8.30
N GLY K 121 7.58 49.16 9.60
CA GLY K 121 8.94 49.42 10.03
C GLY K 121 9.39 50.87 9.98
N ASN K 122 8.46 51.80 9.89
CA ASN K 122 8.80 53.22 9.87
C ASN K 122 8.67 53.88 11.23
N PHE K 123 9.49 54.89 11.42
CA PHE K 123 9.53 55.68 12.63
C PHE K 123 8.50 56.79 12.46
N THR K 124 7.46 56.78 13.28
CA THR K 124 6.42 57.79 13.17
C THR K 124 6.27 58.71 14.37
N THR K 125 7.28 58.75 15.23
CA THR K 125 7.20 59.63 16.38
C THR K 125 7.32 61.07 15.89
N PRO K 126 6.41 61.93 16.33
CA PRO K 126 6.44 63.35 15.91
C PRO K 126 7.57 64.12 16.54
N PHE K 127 7.74 65.38 16.13
CA PHE K 127 8.83 66.20 16.64
C PHE K 127 8.66 66.48 18.13
N GLY K 128 9.76 66.47 18.86
CA GLY K 128 9.71 66.69 20.30
C GLY K 128 10.27 68.00 20.76
N LYS K 129 10.49 68.92 19.82
CA LYS K 129 11.02 70.21 20.19
C LYS K 129 12.21 70.04 21.12
N ARG K 130 13.12 69.13 20.78
CA ARG K 130 14.28 68.90 21.61
C ARG K 130 15.46 68.33 20.80
N THR K 131 16.65 68.35 21.40
CA THR K 131 17.82 67.78 20.74
C THR K 131 18.71 67.17 21.82
N ILE K 132 19.96 66.83 21.50
CA ILE K 132 20.85 66.22 22.50
C ILE K 132 21.02 67.09 23.72
N ASN K 133 21.51 66.50 24.82
CA ASN K 133 21.68 67.25 26.05
C ASN K 133 22.80 66.70 26.96
N LYS K 134 22.89 67.21 28.18
CA LYS K 134 23.93 66.79 29.11
C LYS K 134 24.03 65.29 29.27
N ASN K 135 22.90 64.60 29.35
CA ASN K 135 22.94 63.16 29.55
C ASN K 135 23.14 62.33 28.31
N SER K 136 22.99 62.95 27.15
CA SER K 136 23.13 62.22 25.91
C SER K 136 24.47 61.54 25.81
N GLU K 137 25.55 62.32 25.77
CA GLU K 137 26.85 61.71 25.65
C GLU K 137 27.19 60.84 26.88
N LYS K 138 26.59 61.15 28.01
CA LYS K 138 26.82 60.36 29.20
C LYS K 138 26.30 58.94 29.02
N ARG K 139 24.99 58.84 28.72
CA ARG K 139 24.36 57.54 28.49
C ARG K 139 25.15 56.87 27.39
N PHE K 140 25.49 57.67 26.38
CA PHE K 140 26.26 57.13 25.29
C PHE K 140 27.60 56.55 25.79
N ASN K 141 28.35 57.33 26.57
CA ASN K 141 29.61 56.83 27.08
C ASN K 141 29.41 55.61 27.94
N HIS K 142 28.39 55.63 28.77
CA HIS K 142 28.11 54.49 29.64
C HIS K 142 27.79 53.25 28.85
N PHE K 143 27.19 53.41 27.67
CA PHE K 143 26.86 52.27 26.86
C PHE K 143 28.14 51.69 26.29
N LYS K 144 29.05 52.57 25.90
CA LYS K 144 30.28 52.11 25.28
C LYS K 144 31.20 51.43 26.27
N GLN K 145 31.23 51.94 27.49
CA GLN K 145 32.03 51.38 28.53
C GLN K 145 31.50 50.05 29.07
N ASN K 146 30.29 49.66 28.70
CA ASN K 146 29.75 48.41 29.23
C ASN K 146 29.05 47.49 28.27
N CYS K 147 29.12 47.73 26.97
CA CYS K 147 28.43 46.85 26.04
C CYS K 147 29.16 45.55 25.71
N ASP K 148 30.44 45.47 26.05
CA ASP K 148 31.24 44.27 25.80
C ASP K 148 30.59 42.96 26.25
N LYS K 149 30.14 42.97 27.50
CA LYS K 149 29.55 41.79 28.12
C LYS K 149 28.18 41.41 27.59
N ILE K 150 27.64 42.22 26.67
CA ILE K 150 26.28 41.96 26.17
C ILE K 150 26.22 41.29 24.78
N ILE K 151 25.24 40.38 24.67
CA ILE K 151 24.88 39.75 23.44
C ILE K 151 23.45 40.18 23.22
N PHE K 152 23.22 40.87 22.08
CA PHE K 152 21.87 41.37 21.83
C PHE K 152 21.03 40.39 21.02
N SER K 153 19.72 40.40 21.25
CA SER K 153 18.83 39.56 20.47
C SER K 153 17.47 40.20 20.42
N SER K 154 16.71 39.85 19.41
CA SER K 154 15.38 40.42 19.29
C SER K 154 14.42 39.31 18.96
N LEU K 155 13.95 38.65 20.00
CA LEU K 155 13.01 37.57 19.84
C LEU K 155 11.88 37.83 20.80
N HIS K 156 10.77 37.14 20.62
CA HIS K 156 9.64 37.29 21.52
C HIS K 156 10.11 36.59 22.78
N PHE K 157 9.83 37.14 23.96
CA PHE K 157 10.30 36.50 25.20
C PHE K 157 10.11 34.98 25.33
N LYS K 158 9.00 34.43 24.84
CA LYS K 158 8.83 33.00 25.01
C LYS K 158 9.64 32.15 24.02
N ASP K 159 10.23 32.78 23.01
CA ASP K 159 11.04 32.08 22.01
C ASP K 159 12.55 32.19 22.31
N VAL K 160 12.88 32.57 23.55
CA VAL K 160 14.27 32.66 23.95
C VAL K 160 14.66 31.41 24.77
N LYS K 161 15.76 30.78 24.42
CA LYS K 161 16.15 29.57 25.14
C LYS K 161 16.74 29.93 26.50
N ILE K 162 16.22 29.28 27.53
CA ILE K 162 16.71 29.51 28.87
C ILE K 162 17.54 28.30 29.33
N LEU K 163 18.81 28.58 29.63
CA LEU K 163 19.79 27.59 30.07
C LEU K 163 19.93 27.57 31.59
N ASP K 164 20.29 26.41 32.12
CA ASP K 164 20.49 26.24 33.57
C ASP K 164 21.55 27.23 34.03
N GLY K 165 21.32 27.91 35.14
CA GLY K 165 22.30 28.84 35.63
C GLY K 165 21.95 30.25 35.17
N ASP K 166 20.87 30.38 34.39
CA ASP K 166 20.40 31.67 33.93
C ASP K 166 19.56 32.32 35.03
N PHE K 167 19.76 33.63 35.23
CA PHE K 167 18.91 34.38 36.17
C PHE K 167 18.05 35.27 35.30
N VAL K 168 16.81 34.90 35.08
CA VAL K 168 15.93 35.63 34.18
C VAL K 168 15.21 36.84 34.81
N TYR K 169 15.60 38.03 34.35
CA TYR K 169 15.00 39.26 34.80
C TYR K 169 13.95 39.71 33.80
N VAL K 170 12.74 39.90 34.34
CA VAL K 170 11.62 40.23 33.47
C VAL K 170 10.83 41.46 33.92
N ASP K 171 11.00 42.50 33.05
CA ASP K 171 10.38 43.83 33.16
C ASP K 171 9.58 44.14 31.89
N PRO K 172 8.43 43.49 31.76
CA PRO K 172 7.59 43.66 30.58
C PRO K 172 6.68 44.85 30.55
N PRO K 173 6.01 45.07 29.41
CA PRO K 173 5.04 46.15 29.32
C PRO K 173 4.04 45.91 30.43
N TYR K 174 3.59 46.96 31.16
CA TYR K 174 2.61 46.68 32.22
C TYR K 174 1.25 47.06 31.71
N LEU K 175 0.27 46.17 31.77
CA LEU K 175 -1.08 46.46 31.30
C LEU K 175 -1.57 47.85 31.78
N ILE K 176 -1.57 48.06 33.09
CA ILE K 176 -2.16 49.28 33.66
C ILE K 176 -1.34 50.55 33.60
N THR K 177 -0.24 50.63 32.86
CA THR K 177 0.37 51.96 32.73
C THR K 177 0.38 52.29 31.24
N VAL K 178 0.90 53.48 30.87
CA VAL K 178 0.88 53.95 29.49
C VAL K 178 2.21 53.97 28.74
N ALA K 179 2.30 53.19 27.68
CA ALA K 179 3.51 53.17 26.85
C ALA K 179 3.17 52.68 25.46
N ASP K 180 3.88 53.18 24.45
CA ASP K 180 3.63 52.75 23.10
C ASP K 180 3.88 51.24 22.99
N TYR K 181 4.86 50.71 23.73
CA TYR K 181 5.15 49.27 23.60
C TYR K 181 4.04 48.41 24.15
N ASN K 182 3.06 49.07 24.73
CA ASN K 182 1.93 48.33 25.24
C ASN K 182 1.14 47.68 24.11
N LYS K 183 1.36 48.13 22.88
CA LYS K 183 0.66 47.53 21.74
C LYS K 183 1.08 46.07 21.53
N PHE K 184 2.22 45.65 22.08
CA PHE K 184 2.67 44.26 21.92
C PHE K 184 2.14 43.42 23.07
N TRP K 185 1.32 44.02 23.94
CA TRP K 185 0.86 43.34 25.15
C TRP K 185 -0.63 43.09 25.29
N SER K 186 -1.01 42.19 26.18
CA SER K 186 -2.40 41.83 26.35
C SER K 186 -2.54 40.87 27.53
N GLU K 187 -3.77 40.63 27.98
CA GLU K 187 -3.96 39.71 29.10
C GLU K 187 -3.39 38.34 28.78
N ASP K 188 -3.53 37.93 27.52
CA ASP K 188 -3.03 36.61 27.08
C ASP K 188 -1.51 36.55 27.10
N GLU K 189 -0.85 37.62 26.67
CA GLU K 189 0.62 37.60 26.67
C GLU K 189 1.06 37.46 28.12
N GLU K 190 0.38 38.19 28.99
CA GLU K 190 0.74 38.13 30.38
C GLU K 190 0.55 36.73 30.97
N LYS K 191 -0.51 36.02 30.56
CA LYS K 191 -0.72 34.70 31.12
C LYS K 191 0.45 33.84 30.71
N ASP K 192 0.89 34.01 29.46
CA ASP K 192 2.02 33.27 28.93
C ASP K 192 3.31 33.53 29.68
N LEU K 193 3.55 34.78 30.03
CA LEU K 193 4.76 35.12 30.75
C LEU K 193 4.69 34.50 32.15
N LEU K 194 3.57 34.62 32.81
CA LEU K 194 3.52 34.03 34.13
C LEU K 194 3.66 32.50 34.09
N ASN K 195 3.20 31.87 33.02
CA ASN K 195 3.34 30.41 32.94
C ASN K 195 4.80 30.08 32.71
N LEU K 196 5.43 30.86 31.83
CA LEU K 196 6.83 30.68 31.58
C LEU K 196 7.57 30.78 32.92
N LEU K 197 7.37 31.88 33.65
CA LEU K 197 8.04 32.04 34.94
C LEU K 197 7.81 30.82 35.85
N ASP K 198 6.55 30.38 36.00
CA ASP K 198 6.29 29.20 36.83
C ASP K 198 7.14 28.00 36.36
N SER K 199 7.34 27.84 35.05
CA SER K 199 8.13 26.73 34.56
C SER K 199 9.57 26.87 35.00
N LEU K 200 10.11 28.08 34.84
CA LEU K 200 11.47 28.33 35.26
C LEU K 200 11.59 27.88 36.72
N ASN K 201 10.56 28.18 37.50
CA ASN K 201 10.57 27.76 38.87
C ASN K 201 10.58 26.22 38.93
N ASP K 202 9.66 25.57 38.22
CA ASP K 202 9.64 24.11 38.19
C ASP K 202 11.04 23.55 37.86
N ARG K 203 11.77 24.24 36.98
CA ARG K 203 13.10 23.79 36.61
C ARG K 203 14.18 24.23 37.58
N GLY K 204 13.80 24.93 38.65
CA GLY K 204 14.84 25.39 39.57
C GLY K 204 15.66 26.55 39.04
N ILE K 205 15.10 27.32 38.11
CA ILE K 205 15.77 28.49 37.57
C ILE K 205 15.24 29.76 38.28
N LYS K 206 16.14 30.61 38.73
CA LYS K 206 15.74 31.82 39.43
C LYS K 206 15.26 32.91 38.47
N PHE K 207 14.22 33.62 38.87
CA PHE K 207 13.71 34.72 38.03
C PHE K 207 13.31 35.89 38.91
N GLY K 208 13.23 37.06 38.31
CA GLY K 208 12.85 38.27 39.00
C GLY K 208 11.89 39.02 38.08
N LEU K 209 10.81 39.52 38.62
CA LEU K 209 9.90 40.15 37.73
C LEU K 209 9.38 41.51 38.22
N SER K 210 9.53 42.54 37.38
CA SER K 210 9.11 43.90 37.73
C SER K 210 7.69 44.17 37.26
N ASN K 211 6.94 44.93 38.02
CA ASN K 211 5.59 45.25 37.62
C ASN K 211 4.94 46.21 38.58
N VAL K 212 3.65 46.44 38.39
CA VAL K 212 2.92 47.33 39.26
C VAL K 212 1.59 46.65 39.51
N LEU K 213 1.17 46.60 40.78
CA LEU K 213 -0.08 45.93 41.11
C LEU K 213 -1.22 46.91 41.07
N GLU K 214 -0.91 48.19 41.27
CA GLU K 214 -1.89 49.23 41.27
C GLU K 214 -1.24 50.47 40.72
N HIS K 215 -2.00 51.15 39.89
CA HIS K 215 -1.62 52.43 39.31
C HIS K 215 -2.86 53.25 39.10
N HIS K 216 -2.79 54.49 39.45
CA HIS K 216 -3.92 55.40 39.27
C HIS K 216 -5.33 54.84 39.40
N GLY K 217 -5.67 54.02 40.38
CA GLY K 217 -7.05 53.59 40.44
C GLY K 217 -7.26 52.21 39.83
N LYS K 218 -6.37 51.78 38.93
CA LYS K 218 -6.45 50.46 38.32
C LYS K 218 -5.59 49.44 39.09
N GLU K 219 -6.04 48.19 39.15
CA GLU K 219 -5.24 47.19 39.80
C GLU K 219 -5.10 45.96 38.94
N ASN K 220 -4.02 45.22 39.12
CA ASN K 220 -3.84 44.03 38.34
C ASN K 220 -4.16 42.84 39.27
N THR K 221 -5.43 42.50 39.30
CA THR K 221 -5.94 41.41 40.11
C THR K 221 -5.32 40.03 39.95
N LEU K 222 -5.09 39.59 38.71
CA LEU K 222 -4.51 38.28 38.47
C LEU K 222 -3.05 38.24 38.85
N LEU K 223 -2.39 39.37 38.66
CA LEU K 223 -1.00 39.45 39.01
C LEU K 223 -0.89 39.41 40.56
N LYS K 224 -1.80 40.09 41.26
CA LYS K 224 -1.76 40.05 42.73
C LYS K 224 -1.94 38.61 43.21
N GLU K 225 -2.90 37.89 42.64
CA GLU K 225 -3.09 36.52 43.08
C GLU K 225 -1.88 35.68 42.82
N TRP K 226 -1.34 35.80 41.61
CA TRP K 226 -0.20 35.03 41.20
C TRP K 226 1.02 35.35 42.07
N SER K 227 1.21 36.62 42.43
CA SER K 227 2.35 37.04 43.25
C SER K 227 2.40 36.38 44.61
N LYS K 228 1.28 35.87 45.10
CA LYS K 228 1.25 35.20 46.40
C LYS K 228 2.04 33.89 46.42
N LYS K 229 2.47 33.39 45.27
CA LYS K 229 3.25 32.15 45.26
C LYS K 229 4.74 32.41 45.38
N TYR K 230 5.11 33.69 45.42
CA TYR K 230 6.54 34.02 45.46
C TYR K 230 6.83 35.15 46.42
N ASN K 231 8.08 35.58 46.45
CA ASN K 231 8.48 36.70 47.28
C ASN K 231 8.03 37.99 46.60
N VAL K 232 7.64 38.97 47.39
CA VAL K 232 7.20 40.23 46.84
C VAL K 232 7.91 41.35 47.56
N LYS K 233 8.50 42.26 46.80
CA LYS K 233 9.14 43.45 47.36
C LYS K 233 8.37 44.67 46.82
N HIS K 234 7.97 45.56 47.71
CA HIS K 234 7.28 46.78 47.30
C HIS K 234 8.35 47.84 47.23
N LEU K 235 8.40 48.53 46.08
CA LEU K 235 9.47 49.47 45.82
C LEU K 235 9.15 50.93 45.78
N ASN K 236 7.89 51.27 45.61
CA ASN K 236 7.52 52.66 45.55
C ASN K 236 7.44 53.18 47.00
N LYS K 237 8.48 53.91 47.41
CA LYS K 237 8.59 54.46 48.76
C LYS K 237 7.34 55.23 49.22
N LYS K 238 6.83 56.08 48.33
CA LYS K 238 5.62 56.87 48.61
C LYS K 238 4.43 55.96 48.88
N TYR K 239 4.28 54.93 48.07
CA TYR K 239 3.20 53.99 48.23
C TYR K 239 3.28 53.30 49.61
N VAL K 240 4.50 52.94 50.01
CA VAL K 240 4.68 52.29 51.29
C VAL K 240 4.45 53.25 52.47
N PHE K 241 4.91 54.49 52.32
CA PHE K 241 4.71 55.49 53.38
C PHE K 241 3.21 55.60 53.56
N ASN K 242 2.51 56.00 52.50
CA ASN K 242 1.07 56.20 52.60
C ASN K 242 0.36 54.98 53.23
N ILE K 243 0.87 53.78 53.00
CA ILE K 243 0.28 52.55 53.56
C ILE K 243 0.40 52.51 55.07
N TYR K 244 1.53 52.97 55.59
CA TYR K 244 1.73 52.98 57.02
C TYR K 244 1.02 54.16 57.68
N HIS K 245 0.99 55.26 56.99
CA HIS K 245 0.36 56.43 57.53
C HIS K 245 -1.18 56.39 57.27
N SER K 246 -1.70 55.36 56.60
CA SER K 246 -3.13 55.20 56.30
C SER K 246 -3.83 56.51 55.84
N LYS K 247 -3.55 57.05 54.63
CA LYS K 247 -4.18 58.34 54.32
C LYS K 247 -4.52 58.63 52.87
N GLU K 248 -4.10 57.78 51.93
CA GLU K 248 -4.38 58.05 50.54
C GLU K 248 -4.78 56.82 49.69
N LYS K 249 -5.43 57.12 48.55
CA LYS K 249 -5.89 56.20 47.50
C LYS K 249 -5.31 56.60 46.16
N ASN K 250 -5.29 55.55 45.27
CA ASN K 250 -4.83 55.60 43.90
C ASN K 250 -3.36 55.93 43.78
N GLY K 251 -2.53 55.11 44.39
CA GLY K 251 -1.08 55.27 44.35
C GLY K 251 -0.50 54.25 43.41
N THR K 252 0.81 54.28 43.20
CA THR K 252 1.46 53.33 42.29
C THR K 252 2.25 52.28 43.04
N ASP K 253 1.72 51.06 43.07
CA ASP K 253 2.41 50.01 43.79
C ASP K 253 3.43 49.25 42.88
N GLU K 254 4.66 49.77 42.83
CA GLU K 254 5.71 49.15 42.01
C GLU K 254 6.27 47.94 42.79
N VAL K 255 6.28 46.77 42.18
CA VAL K 255 6.79 45.59 42.86
C VAL K 255 7.84 44.81 42.13
N TYR K 256 8.54 43.98 42.89
CA TYR K 256 9.54 43.10 42.32
C TYR K 256 9.17 41.71 42.88
N ILE K 257 8.73 40.83 42.00
CA ILE K 257 8.30 39.49 42.39
C ILE K 257 9.34 38.47 42.02
N PHE K 258 9.70 37.62 42.96
CA PHE K 258 10.76 36.66 42.69
C PHE K 258 10.75 35.36 43.47
N ASN K 259 11.42 34.37 42.90
CA ASN K 259 11.52 33.06 43.52
C ASN K 259 12.93 32.93 44.12
N MET L 1 -8.48 98.71 -5.26
CA MET L 1 -9.75 98.06 -4.93
C MET L 1 -9.50 96.63 -4.52
N LEU L 2 -10.19 96.19 -3.45
CA LEU L 2 -10.00 94.86 -2.91
C LEU L 2 -10.80 93.80 -3.61
N GLY L 3 -10.32 92.59 -3.37
CA GLY L 3 -10.89 91.32 -3.78
C GLY L 3 -11.42 90.70 -2.50
N ALA L 4 -12.46 89.85 -2.58
CA ALA L 4 -13.03 89.24 -1.39
C ALA L 4 -12.01 88.59 -0.49
N ILE L 5 -11.00 88.07 -1.12
CA ILE L 5 -9.96 87.42 -0.38
C ILE L 5 -8.66 87.70 -1.05
N ALA L 6 -7.65 87.35 -0.29
CA ALA L 6 -6.29 87.45 -0.78
C ALA L 6 -6.14 86.28 -1.73
N TYR L 7 -5.56 86.51 -2.91
CA TYR L 7 -5.55 85.43 -3.92
C TYR L 7 -4.38 85.52 -4.88
N THR L 8 -3.67 84.42 -5.09
CA THR L 8 -2.56 84.39 -6.03
C THR L 8 -3.07 84.70 -7.44
N GLY L 9 -2.47 85.68 -8.10
CA GLY L 9 -2.88 86.04 -9.44
C GLY L 9 -3.92 87.13 -9.46
N ASN L 10 -4.32 87.63 -8.30
CA ASN L 10 -5.32 88.70 -8.22
C ASN L 10 -4.87 89.92 -9.02
N LYS L 11 -5.85 90.69 -9.47
CA LYS L 11 -5.61 91.87 -10.28
C LYS L 11 -5.86 93.22 -9.58
N GLN L 12 -5.83 93.28 -8.26
CA GLN L 12 -6.11 94.55 -7.60
C GLN L 12 -5.27 95.72 -8.10
N SER L 13 -3.99 95.52 -8.31
CA SER L 13 -3.17 96.63 -8.73
C SER L 13 -3.31 96.99 -10.20
N LEU L 14 -3.58 96.00 -11.04
CA LEU L 14 -3.71 96.24 -12.47
C LEU L 14 -5.08 96.64 -12.96
N LEU L 15 -6.11 96.50 -12.11
CA LEU L 15 -7.45 96.80 -12.60
C LEU L 15 -7.63 98.18 -13.22
N PRO L 16 -7.07 99.22 -12.59
CA PRO L 16 -7.26 100.56 -13.18
C PRO L 16 -6.76 100.66 -14.62
N GLU L 17 -5.60 100.09 -14.91
CA GLU L 17 -5.10 100.12 -16.29
C GLU L 17 -5.98 99.27 -17.19
N LEU L 18 -6.36 98.10 -16.69
CA LEU L 18 -7.20 97.21 -17.47
C LEU L 18 -8.51 97.91 -17.85
N LYS L 19 -9.19 98.50 -16.87
CA LYS L 19 -10.46 99.17 -17.18
C LYS L 19 -10.31 100.18 -18.29
N SER L 20 -9.15 100.81 -18.34
CA SER L 20 -8.89 101.79 -19.35
C SER L 20 -9.07 101.22 -20.76
N HIS L 21 -9.07 99.90 -20.91
CA HIS L 21 -9.24 99.31 -22.23
C HIS L 21 -10.57 98.58 -22.42
N PHE L 22 -11.37 98.48 -21.35
CA PHE L 22 -12.63 97.77 -21.44
C PHE L 22 -13.61 98.45 -22.38
N PRO L 23 -14.51 97.68 -23.00
CA PRO L 23 -15.55 98.15 -23.92
C PRO L 23 -16.84 98.42 -23.15
N LYS L 24 -17.91 98.73 -23.87
CA LYS L 24 -19.19 98.98 -23.20
C LYS L 24 -19.86 97.60 -23.19
N TYR L 25 -20.73 97.33 -22.22
CA TYR L 25 -21.35 96.01 -22.15
C TYR L 25 -22.67 95.92 -21.38
N ASN L 26 -23.46 94.88 -21.68
CA ASN L 26 -24.73 94.64 -20.98
C ASN L 26 -24.53 93.71 -19.79
N ARG L 27 -23.37 93.05 -19.75
CA ARG L 27 -23.08 92.12 -18.68
C ARG L 27 -21.58 91.83 -18.69
N PHE L 28 -20.98 91.88 -17.49
CA PHE L 28 -19.57 91.61 -17.35
C PHE L 28 -19.44 90.12 -17.01
N VAL L 29 -18.68 89.40 -17.81
CA VAL L 29 -18.50 87.98 -17.58
C VAL L 29 -17.07 87.71 -17.11
N ASP L 30 -16.89 87.59 -15.80
CA ASP L 30 -15.61 87.32 -15.19
C ASP L 30 -15.52 85.76 -15.16
N LEU L 31 -15.10 85.22 -16.30
CA LEU L 31 -15.03 83.78 -16.57
C LEU L 31 -14.12 82.95 -15.64
N PHE L 32 -13.05 83.54 -15.12
CA PHE L 32 -12.14 82.88 -14.16
C PHE L 32 -11.98 83.88 -12.98
N CYS L 33 -12.94 83.97 -12.05
CA CYS L 33 -12.95 85.00 -10.99
C CYS L 33 -12.05 84.83 -9.78
N GLY L 34 -11.56 83.64 -9.56
CA GLY L 34 -10.69 83.45 -8.42
C GLY L 34 -11.19 84.24 -7.20
N GLY L 35 -10.38 85.22 -6.75
CA GLY L 35 -10.63 86.00 -5.52
C GLY L 35 -11.57 87.21 -5.62
N LEU L 36 -12.18 87.42 -6.80
CA LEU L 36 -13.15 88.51 -6.99
C LEU L 36 -12.63 89.96 -7.14
N SER L 37 -11.32 90.19 -7.15
CA SER L 37 -10.84 91.56 -7.26
C SER L 37 -11.37 92.29 -8.49
N VAL L 38 -11.76 91.55 -9.51
CA VAL L 38 -12.30 92.17 -10.71
C VAL L 38 -13.82 92.28 -10.57
N SER L 39 -14.48 91.16 -10.30
CA SER L 39 -15.95 91.16 -10.20
C SER L 39 -16.55 92.13 -9.20
N LEU L 40 -15.88 92.33 -8.08
CA LEU L 40 -16.41 93.24 -7.09
C LEU L 40 -16.26 94.68 -7.55
N ASN L 41 -15.32 94.89 -8.46
CA ASN L 41 -15.04 96.28 -8.81
C ASN L 41 -15.35 96.73 -10.25
N VAL L 42 -16.17 96.01 -10.98
CA VAL L 42 -16.53 96.53 -12.29
C VAL L 42 -18.03 96.78 -12.30
N ASN L 43 -18.54 97.42 -13.34
CA ASN L 43 -19.96 97.72 -13.41
C ASN L 43 -20.80 96.50 -13.66
N GLY L 44 -21.90 96.36 -12.92
CA GLY L 44 -22.79 95.23 -13.12
C GLY L 44 -23.61 95.32 -14.40
N PRO L 45 -24.43 94.30 -14.71
CA PRO L 45 -24.61 93.08 -13.91
C PRO L 45 -23.36 92.23 -14.16
N VAL L 46 -23.00 91.39 -13.21
CA VAL L 46 -21.80 90.60 -13.35
C VAL L 46 -21.98 89.13 -13.13
N LEU L 47 -21.39 88.33 -14.01
CA LEU L 47 -21.37 86.87 -13.90
C LEU L 47 -19.95 86.48 -13.44
N ALA L 48 -19.82 86.00 -12.20
CA ALA L 48 -18.51 85.58 -11.68
C ALA L 48 -18.49 84.06 -11.73
N ASN L 49 -17.55 83.53 -12.51
CA ASN L 49 -17.45 82.10 -12.68
C ASN L 49 -16.07 81.55 -12.35
N ASP L 50 -16.04 80.45 -11.60
CA ASP L 50 -14.80 79.76 -11.29
C ASP L 50 -15.07 78.26 -11.21
N ILE L 51 -14.13 77.48 -11.72
CA ILE L 51 -14.30 76.05 -11.72
C ILE L 51 -14.16 75.48 -10.30
N GLN L 52 -13.65 76.27 -9.38
CA GLN L 52 -13.50 75.76 -8.04
C GLN L 52 -14.75 76.01 -7.23
N GLU L 53 -15.64 75.04 -7.33
CA GLU L 53 -16.92 75.12 -6.68
C GLU L 53 -16.90 75.43 -5.19
N PRO L 54 -16.00 74.81 -4.40
CA PRO L 54 -16.03 75.16 -2.97
C PRO L 54 -15.85 76.64 -2.74
N ILE L 55 -15.02 77.31 -3.55
CA ILE L 55 -14.85 78.75 -3.35
C ILE L 55 -16.09 79.51 -3.81
N ILE L 56 -16.73 79.05 -4.88
CA ILE L 56 -17.92 79.71 -5.34
C ILE L 56 -19.03 79.50 -4.32
N GLU L 57 -19.01 78.36 -3.63
CA GLU L 57 -20.02 78.05 -2.61
C GLU L 57 -19.72 78.90 -1.39
N MET L 58 -18.45 79.12 -1.16
CA MET L 58 -18.04 79.97 -0.05
C MET L 58 -18.62 81.37 -0.25
N TYR L 59 -18.52 81.89 -1.48
CA TYR L 59 -19.04 83.23 -1.76
C TYR L 59 -20.55 83.31 -1.60
N LYS L 60 -21.27 82.32 -2.13
CA LYS L 60 -22.72 82.33 -2.03
C LYS L 60 -23.14 82.30 -0.58
N ARG L 61 -22.35 81.67 0.27
CA ARG L 61 -22.64 81.63 1.68
C ARG L 61 -22.33 82.97 2.35
N LEU L 62 -21.22 83.60 1.97
CA LEU L 62 -20.82 84.86 2.57
C LEU L 62 -21.90 85.92 2.49
N ILE L 63 -22.63 85.89 1.37
CA ILE L 63 -23.73 86.81 1.09
C ILE L 63 -24.63 86.97 2.32
N ASN L 64 -24.86 85.90 3.06
CA ASN L 64 -25.70 86.00 4.25
C ASN L 64 -25.03 85.79 5.60
N VAL L 65 -23.72 85.94 5.71
CA VAL L 65 -23.16 85.82 7.05
C VAL L 65 -22.76 87.23 7.44
N SER L 66 -22.52 87.44 8.72
CA SER L 66 -22.11 88.76 9.17
C SER L 66 -20.68 88.60 9.68
N TRP L 67 -20.00 89.72 9.88
CA TRP L 67 -18.65 89.63 10.36
C TRP L 67 -18.69 88.97 11.74
N ASP L 68 -19.76 89.21 12.48
CA ASP L 68 -19.84 88.60 13.80
C ASP L 68 -19.85 87.08 13.71
N ASP L 69 -20.61 86.54 12.74
CA ASP L 69 -20.67 85.10 12.55
C ASP L 69 -19.21 84.59 12.34
N VAL L 70 -18.44 85.31 11.52
CA VAL L 70 -17.07 84.92 11.27
C VAL L 70 -16.32 84.89 12.61
N LEU L 71 -16.46 85.94 13.41
CA LEU L 71 -15.75 85.98 14.70
C LEU L 71 -16.23 84.89 15.67
N LYS L 72 -17.49 84.51 15.63
CA LYS L 72 -17.91 83.45 16.54
C LYS L 72 -17.08 82.19 16.28
N VAL L 73 -16.91 81.85 14.99
CA VAL L 73 -16.15 80.65 14.63
C VAL L 73 -14.69 80.77 15.09
N ILE L 74 -14.10 81.94 14.90
CA ILE L 74 -12.73 82.11 15.33
C ILE L 74 -12.62 81.93 16.85
N LYS L 75 -13.63 82.39 17.59
CA LYS L 75 -13.61 82.23 19.04
C LYS L 75 -13.80 80.77 19.36
N GLN L 76 -14.85 80.19 18.80
CA GLN L 76 -15.10 78.81 19.09
C GLN L 76 -13.88 77.91 18.94
N TYR L 77 -13.13 78.02 17.84
CA TYR L 77 -11.96 77.16 17.68
C TYR L 77 -10.68 77.71 18.29
N LYS L 78 -10.78 78.82 19.01
CA LYS L 78 -9.63 79.43 19.64
C LYS L 78 -8.46 79.71 18.70
N LEU L 79 -8.76 80.11 17.48
CA LEU L 79 -7.75 80.39 16.46
C LEU L 79 -6.88 81.63 16.75
N SER L 80 -5.65 81.60 16.25
CA SER L 80 -4.68 82.68 16.44
C SER L 80 -3.51 82.42 15.49
N LYS L 81 -2.53 83.32 15.45
CA LYS L 81 -1.40 83.09 14.55
C LYS L 81 -0.45 81.99 15.01
N THR L 82 -0.77 81.35 16.13
CA THR L 82 0.08 80.27 16.60
C THR L 82 -0.70 79.00 16.89
N SER L 83 -2.00 79.03 16.64
CA SER L 83 -2.86 77.88 16.92
C SER L 83 -2.81 76.73 15.92
N LYS L 84 -1.64 76.11 15.74
CA LYS L 84 -1.53 75.02 14.79
C LYS L 84 -2.52 73.88 15.03
N GLU L 85 -2.60 73.38 16.25
CA GLU L 85 -3.51 72.28 16.50
C GLU L 85 -4.97 72.65 16.29
N GLU L 86 -5.32 73.87 16.69
CA GLU L 86 -6.69 74.34 16.51
C GLU L 86 -7.00 74.46 15.02
N PHE L 87 -5.98 74.82 14.23
CA PHE L 87 -6.13 74.94 12.78
C PHE L 87 -6.38 73.57 12.18
N LEU L 88 -5.66 72.57 12.66
CA LEU L 88 -5.87 71.24 12.14
C LEU L 88 -7.30 70.79 12.46
N LYS L 89 -7.80 71.22 13.62
CA LYS L 89 -9.16 70.87 14.03
C LYS L 89 -10.17 71.49 13.07
N LEU L 90 -10.00 72.78 12.81
CA LEU L 90 -10.89 73.46 11.89
C LEU L 90 -10.85 72.76 10.55
N ARG L 91 -9.65 72.47 10.07
CA ARG L 91 -9.50 71.83 8.79
C ARG L 91 -10.23 70.50 8.74
N GLU L 92 -10.21 69.75 9.82
CA GLU L 92 -10.93 68.48 9.78
C GLU L 92 -12.42 68.68 9.92
N ASP L 93 -12.85 69.72 10.62
CA ASP L 93 -14.30 69.92 10.77
C ASP L 93 -14.88 70.30 9.42
N TYR L 94 -14.12 71.10 8.66
CA TYR L 94 -14.61 71.50 7.37
C TYR L 94 -14.65 70.31 6.42
N ASN L 95 -13.56 69.55 6.39
CA ASN L 95 -13.54 68.40 5.50
C ASN L 95 -14.70 67.43 5.75
N LYS L 96 -15.16 67.31 7.00
CA LYS L 96 -16.31 66.45 7.31
C LYS L 96 -17.68 67.08 6.98
N THR L 97 -17.90 68.34 7.36
CA THR L 97 -19.20 68.98 7.14
C THR L 97 -19.34 69.81 5.87
N ARG L 98 -18.22 70.25 5.32
CA ARG L 98 -18.21 71.05 4.11
C ARG L 98 -18.91 72.40 4.22
N ASP L 99 -19.04 72.93 5.43
CA ASP L 99 -19.68 74.24 5.60
C ASP L 99 -18.81 75.39 5.02
N PRO L 100 -19.27 76.02 3.93
CA PRO L 100 -18.53 77.12 3.28
C PRO L 100 -17.94 78.15 4.23
N LEU L 101 -18.66 78.40 5.32
CA LEU L 101 -18.21 79.39 6.28
C LEU L 101 -16.90 78.99 6.95
N LEU L 102 -16.72 77.71 7.20
CA LEU L 102 -15.51 77.25 7.83
C LEU L 102 -14.37 77.35 6.82
N LEU L 103 -14.70 77.25 5.54
CA LEU L 103 -13.67 77.35 4.52
C LEU L 103 -13.19 78.81 4.53
N TYR L 104 -14.11 79.73 4.71
CA TYR L 104 -13.75 81.13 4.71
C TYR L 104 -12.82 81.39 5.88
N VAL L 105 -13.21 80.93 7.07
CA VAL L 105 -12.36 81.16 8.23
C VAL L 105 -11.04 80.43 8.10
N LEU L 106 -11.03 79.30 7.40
CA LEU L 106 -9.78 78.56 7.21
C LEU L 106 -8.76 79.29 6.34
N HIS L 107 -9.22 80.00 5.32
CA HIS L 107 -8.28 80.65 4.42
C HIS L 107 -7.45 81.73 5.10
N PHE L 108 -8.00 82.35 6.15
CA PHE L 108 -7.25 83.38 6.87
C PHE L 108 -6.09 82.73 7.65
N HIS L 109 -6.07 81.41 7.77
CA HIS L 109 -5.01 80.81 8.56
C HIS L 109 -4.06 79.89 7.82
N GLY L 110 -4.39 79.61 6.57
CA GLY L 110 -3.54 78.73 5.79
C GLY L 110 -2.28 79.36 5.22
N PHE L 111 -1.34 78.50 4.88
CA PHE L 111 -0.07 78.90 4.30
C PHE L 111 -0.26 79.91 3.14
N SER L 112 0.25 81.13 3.34
CA SER L 112 0.17 82.18 2.36
C SER L 112 -1.27 82.38 1.91
N ASN L 113 -2.21 82.11 2.80
CA ASN L 113 -3.62 82.30 2.48
C ASN L 113 -4.21 81.48 1.34
N MET L 114 -3.52 80.42 0.93
CA MET L 114 -3.98 79.59 -0.19
C MET L 114 -5.14 78.65 0.08
N ILE L 115 -6.09 78.61 -0.85
CA ILE L 115 -7.20 77.68 -0.73
C ILE L 115 -6.91 76.52 -1.69
N ARG L 116 -6.47 75.40 -1.13
CA ARG L 116 -6.15 74.23 -1.91
C ARG L 116 -7.08 73.05 -1.53
N ILE L 117 -7.83 72.58 -2.52
CA ILE L 117 -8.78 71.51 -2.34
C ILE L 117 -8.49 70.33 -3.26
N ASN L 118 -8.32 69.15 -2.67
CA ASN L 118 -8.02 67.99 -3.46
C ASN L 118 -9.24 67.34 -4.12
N ASP L 119 -8.99 66.23 -4.82
CA ASP L 119 -10.03 65.47 -5.53
C ASP L 119 -11.17 65.03 -4.62
N LYS L 120 -10.87 64.67 -3.37
CA LYS L 120 -11.94 64.25 -2.47
C LYS L 120 -12.71 65.44 -1.93
N GLY L 121 -12.31 66.65 -2.33
CA GLY L 121 -12.99 67.82 -1.82
C GLY L 121 -12.42 68.32 -0.50
N ASN L 122 -11.31 67.76 -0.04
CA ASN L 122 -10.77 68.22 1.20
C ASN L 122 -9.74 69.32 1.01
N PHE L 123 -9.80 70.26 1.94
CA PHE L 123 -8.89 71.36 2.02
C PHE L 123 -7.53 70.78 2.52
N THR L 124 -6.43 71.11 1.89
CA THR L 124 -5.20 70.52 2.37
C THR L 124 -4.05 71.49 2.61
N THR L 125 -4.37 72.77 2.70
CA THR L 125 -3.34 73.77 2.93
C THR L 125 -2.77 73.62 4.33
N PRO L 126 -1.44 73.68 4.45
CA PRO L 126 -0.77 73.55 5.76
C PRO L 126 -1.05 74.82 6.58
N PHE L 127 -0.79 74.79 7.87
CA PHE L 127 -1.02 75.97 8.70
C PHE L 127 -0.13 77.07 8.16
N GLY L 128 -0.62 78.31 8.21
CA GLY L 128 0.17 79.43 7.71
C GLY L 128 0.59 80.46 8.75
N LYS L 129 0.52 80.09 10.04
CA LYS L 129 0.93 80.97 11.14
C LYS L 129 0.39 82.37 11.01
N ARG L 130 -0.92 82.47 10.83
CA ARG L 130 -1.52 83.77 10.67
C ARG L 130 -3.01 83.67 11.00
N THR L 131 -3.66 84.80 11.09
CA THR L 131 -5.08 84.82 11.41
C THR L 131 -5.63 86.11 10.81
N ILE L 132 -6.88 86.45 11.09
CA ILE L 132 -7.44 87.65 10.49
C ILE L 132 -6.61 88.86 10.81
N ASN L 133 -6.70 89.86 9.95
CA ASN L 133 -5.95 91.09 10.16
C ASN L 133 -6.77 92.35 9.86
N LYS L 134 -6.10 93.50 9.97
CA LYS L 134 -6.74 94.79 9.75
C LYS L 134 -7.47 94.81 8.41
N ASN L 135 -6.91 94.08 7.45
CA ASN L 135 -7.51 94.04 6.12
C ASN L 135 -8.66 93.07 5.94
N SER L 136 -8.81 92.15 6.90
CA SER L 136 -9.85 91.13 6.81
C SER L 136 -11.24 91.69 6.82
N GLU L 137 -11.55 92.57 7.76
CA GLU L 137 -12.90 93.10 7.78
C GLU L 137 -13.15 94.01 6.60
N LYS L 138 -12.11 94.70 6.12
CA LYS L 138 -12.32 95.58 4.98
C LYS L 138 -12.76 94.76 3.78
N ARG L 139 -12.02 93.70 3.48
CA ARG L 139 -12.35 92.85 2.35
C ARG L 139 -13.74 92.32 2.50
N PHE L 140 -14.01 91.86 3.72
CA PHE L 140 -15.32 91.32 3.98
C PHE L 140 -16.42 92.36 3.66
N ASN L 141 -16.27 93.60 4.11
CA ASN L 141 -17.31 94.59 3.86
C ASN L 141 -17.38 94.99 2.42
N HIS L 142 -16.22 95.07 1.79
CA HIS L 142 -16.18 95.44 0.39
C HIS L 142 -16.96 94.37 -0.38
N PHE L 143 -16.83 93.12 0.07
CA PHE L 143 -17.54 92.03 -0.57
C PHE L 143 -19.06 92.19 -0.35
N LYS L 144 -19.44 92.53 0.86
CA LYS L 144 -20.87 92.66 1.12
C LYS L 144 -21.47 93.85 0.42
N GLN L 145 -20.64 94.87 0.23
CA GLN L 145 -21.06 96.09 -0.43
C GLN L 145 -21.09 95.98 -1.93
N ASN L 146 -20.56 94.90 -2.50
CA ASN L 146 -20.56 94.80 -3.94
C ASN L 146 -21.06 93.48 -4.53
N CYS L 147 -21.59 92.58 -3.72
CA CYS L 147 -22.01 91.29 -4.26
C CYS L 147 -23.34 91.22 -4.98
N ASP L 148 -24.30 92.09 -4.64
CA ASP L 148 -25.63 92.03 -5.25
C ASP L 148 -25.66 92.13 -6.78
N LYS L 149 -24.67 92.76 -7.40
CA LYS L 149 -24.65 92.84 -8.87
C LYS L 149 -24.10 91.54 -9.44
N ILE L 150 -23.76 90.57 -8.55
CA ILE L 150 -23.16 89.32 -9.00
C ILE L 150 -23.99 88.03 -8.93
N ILE L 151 -23.89 87.32 -10.03
CA ILE L 151 -24.44 86.01 -10.19
C ILE L 151 -23.25 85.08 -10.19
N PHE L 152 -23.23 84.17 -9.23
CA PHE L 152 -22.10 83.26 -9.12
C PHE L 152 -22.30 81.95 -9.83
N SER L 153 -21.22 81.43 -10.38
CA SER L 153 -21.32 80.15 -11.07
C SER L 153 -19.99 79.40 -11.01
N SER L 154 -20.06 78.08 -11.14
CA SER L 154 -18.84 77.31 -11.12
C SER L 154 -18.88 76.28 -12.22
N LEU L 155 -18.65 76.71 -13.42
CA LEU L 155 -18.64 75.82 -14.55
C LEU L 155 -17.26 75.94 -15.15
N HIS L 156 -16.92 74.97 -15.99
CA HIS L 156 -15.73 75.05 -16.76
C HIS L 156 -15.92 76.23 -17.72
N PHE L 157 -14.89 77.03 -17.96
CA PHE L 157 -15.02 78.20 -18.81
C PHE L 157 -15.68 77.94 -20.17
N LYS L 158 -15.43 76.79 -20.79
CA LYS L 158 -16.04 76.55 -22.09
C LYS L 158 -17.49 76.12 -22.00
N ASP L 159 -17.99 75.93 -20.78
CA ASP L 159 -19.39 75.52 -20.59
C ASP L 159 -20.29 76.64 -20.16
N VAL L 160 -19.76 77.86 -20.14
CA VAL L 160 -20.56 79.01 -19.73
C VAL L 160 -21.22 79.62 -20.95
N LYS L 161 -22.53 79.81 -20.88
CA LYS L 161 -23.23 80.40 -22.02
C LYS L 161 -22.87 81.88 -22.16
N ILE L 162 -22.48 82.28 -23.36
CA ILE L 162 -22.15 83.69 -23.57
C ILE L 162 -23.25 84.35 -24.37
N LEU L 163 -23.84 85.39 -23.81
CA LEU L 163 -24.90 86.13 -24.46
C LEU L 163 -24.34 87.29 -25.31
N ASP L 164 -25.19 87.87 -26.14
CA ASP L 164 -24.78 88.98 -26.99
C ASP L 164 -24.68 90.20 -26.08
N GLY L 165 -23.67 91.03 -26.31
CA GLY L 165 -23.50 92.23 -25.49
C GLY L 165 -22.73 91.93 -24.19
N ASP L 166 -22.25 90.70 -24.05
CA ASP L 166 -21.45 90.35 -22.91
C ASP L 166 -20.03 90.90 -23.15
N PHE L 167 -19.32 91.25 -22.09
CA PHE L 167 -17.93 91.62 -22.22
C PHE L 167 -17.18 90.56 -21.46
N VAL L 168 -16.56 89.64 -22.18
CA VAL L 168 -15.89 88.49 -21.56
C VAL L 168 -14.44 88.70 -21.10
N TYR L 169 -14.24 88.94 -19.80
CA TYR L 169 -12.89 89.12 -19.26
C TYR L 169 -12.28 87.77 -18.87
N VAL L 170 -11.06 87.55 -19.32
CA VAL L 170 -10.39 86.29 -19.07
C VAL L 170 -9.01 86.36 -18.40
N ASP L 171 -8.90 85.78 -17.21
CA ASP L 171 -7.66 85.74 -16.47
C ASP L 171 -7.47 84.28 -16.01
N PRO L 172 -7.00 83.43 -16.90
CA PRO L 172 -6.83 82.02 -16.58
C PRO L 172 -5.48 81.67 -15.99
N PRO L 173 -5.32 80.42 -15.53
CA PRO L 173 -4.02 80.04 -14.97
C PRO L 173 -3.02 80.30 -16.10
N TYR L 174 -1.87 80.90 -15.79
CA TYR L 174 -0.84 81.14 -16.80
C TYR L 174 0.09 79.94 -16.90
N LEU L 175 0.27 79.45 -18.12
CA LEU L 175 1.11 78.29 -18.36
C LEU L 175 2.40 78.42 -17.60
N ILE L 176 3.23 79.38 -18.01
CA ILE L 176 4.57 79.50 -17.46
C ILE L 176 4.71 79.92 -16.00
N THR L 177 3.68 80.37 -15.33
CA THR L 177 3.83 80.78 -13.92
C THR L 177 3.44 79.65 -13.01
N VAL L 178 3.55 79.90 -11.72
CA VAL L 178 3.31 78.87 -10.75
C VAL L 178 2.26 79.21 -9.71
N ALA L 179 1.20 78.40 -9.70
CA ALA L 179 0.11 78.55 -8.75
C ALA L 179 -0.60 77.20 -8.60
N ASP L 180 -1.28 76.98 -7.49
CA ASP L 180 -1.93 75.71 -7.27
C ASP L 180 -2.99 75.36 -8.32
N TYR L 181 -3.78 76.36 -8.70
CA TYR L 181 -4.85 76.09 -9.67
C TYR L 181 -4.35 75.72 -11.05
N ASN L 182 -3.04 75.70 -11.22
CA ASN L 182 -2.48 75.33 -12.47
C ASN L 182 -2.74 73.85 -12.75
N LYS L 183 -3.13 73.10 -11.73
CA LYS L 183 -3.42 71.67 -11.93
C LYS L 183 -4.57 71.50 -12.92
N PHE L 184 -5.40 72.53 -13.05
CA PHE L 184 -6.56 72.57 -13.95
C PHE L 184 -6.13 73.03 -15.33
N TRP L 185 -4.86 73.34 -15.52
CA TRP L 185 -4.45 73.85 -16.81
C TRP L 185 -3.51 73.01 -17.61
N SER L 186 -3.40 73.33 -18.89
CA SER L 186 -2.53 72.57 -19.79
C SER L 186 -2.59 73.26 -21.12
N GLU L 187 -1.75 72.81 -22.04
CA GLU L 187 -1.71 73.39 -23.35
C GLU L 187 -2.98 73.14 -24.12
N ASP L 188 -3.65 72.02 -23.85
CA ASP L 188 -4.90 71.72 -24.56
C ASP L 188 -5.97 72.66 -24.04
N GLU L 189 -5.96 72.87 -22.73
CA GLU L 189 -6.94 73.75 -22.14
C GLU L 189 -6.71 75.12 -22.71
N GLU L 190 -5.45 75.48 -22.88
CA GLU L 190 -5.16 76.79 -23.41
C GLU L 190 -5.57 76.94 -24.88
N LYS L 191 -5.35 75.89 -25.69
CA LYS L 191 -5.76 75.98 -27.08
C LYS L 191 -7.27 76.17 -27.13
N ASP L 192 -8.01 75.41 -26.31
CA ASP L 192 -9.45 75.55 -26.27
C ASP L 192 -9.86 76.96 -25.90
N LEU L 193 -9.10 77.61 -25.00
CA LEU L 193 -9.50 78.96 -24.61
C LEU L 193 -9.29 79.95 -25.75
N LEU L 194 -8.16 79.84 -26.43
CA LEU L 194 -7.92 80.76 -27.54
C LEU L 194 -8.95 80.51 -28.66
N ASN L 195 -9.38 79.27 -28.85
CA ASN L 195 -10.37 79.05 -29.89
C ASN L 195 -11.70 79.71 -29.49
N LEU L 196 -12.06 79.59 -28.21
CA LEU L 196 -13.28 80.21 -27.72
C LEU L 196 -13.20 81.74 -27.94
N LEU L 197 -12.07 82.33 -27.55
CA LEU L 197 -11.91 83.76 -27.75
C LEU L 197 -12.01 84.11 -29.24
N ASP L 198 -11.38 83.31 -30.11
CA ASP L 198 -11.50 83.57 -31.54
C ASP L 198 -12.98 83.48 -31.95
N SER L 199 -13.68 82.51 -31.39
CA SER L 199 -15.08 82.37 -31.71
C SER L 199 -15.90 83.52 -31.25
N LEU L 200 -15.54 84.10 -30.11
CA LEU L 200 -16.33 85.21 -29.61
C LEU L 200 -16.14 86.37 -30.56
N ASN L 201 -14.89 86.56 -30.95
CA ASN L 201 -14.53 87.60 -31.88
C ASN L 201 -15.34 87.44 -33.17
N ASP L 202 -15.50 86.21 -33.64
CA ASP L 202 -16.30 85.97 -34.85
C ASP L 202 -17.79 86.32 -34.63
N ARG L 203 -18.26 86.32 -33.39
CA ARG L 203 -19.66 86.65 -33.15
C ARG L 203 -19.83 88.12 -32.87
N GLY L 204 -18.72 88.85 -32.86
CA GLY L 204 -18.89 90.26 -32.55
C GLY L 204 -18.89 90.52 -31.05
N ILE L 205 -18.46 89.55 -30.26
CA ILE L 205 -18.40 89.77 -28.84
C ILE L 205 -17.01 90.27 -28.41
N LYS L 206 -17.00 91.19 -27.46
CA LYS L 206 -15.77 91.74 -26.98
C LYS L 206 -15.17 90.84 -25.90
N PHE L 207 -13.85 90.73 -25.88
CA PHE L 207 -13.20 89.95 -24.87
C PHE L 207 -11.88 90.61 -24.52
N GLY L 208 -11.41 90.38 -23.30
CA GLY L 208 -10.17 90.94 -22.84
C GLY L 208 -9.48 89.79 -22.14
N LEU L 209 -8.16 89.71 -22.31
CA LEU L 209 -7.54 88.56 -21.66
C LEU L 209 -6.14 88.83 -21.11
N SER L 210 -5.92 88.40 -19.85
CA SER L 210 -4.66 88.63 -19.14
C SER L 210 -3.72 87.46 -19.22
N ASN L 211 -2.42 87.74 -19.16
CA ASN L 211 -1.50 86.64 -19.21
C ASN L 211 -0.10 87.12 -19.15
N VAL L 212 0.85 86.20 -19.34
CA VAL L 212 2.23 86.60 -19.37
C VAL L 212 2.83 85.91 -20.57
N LEU L 213 3.64 86.63 -21.34
CA LEU L 213 4.25 86.06 -22.53
C LEU L 213 5.64 85.56 -22.18
N GLU L 214 6.17 86.07 -21.09
CA GLU L 214 7.49 85.68 -20.69
C GLU L 214 7.60 85.79 -19.19
N HIS L 215 8.22 84.79 -18.63
CA HIS L 215 8.42 84.73 -17.20
C HIS L 215 9.71 83.92 -16.91
N HIS L 216 10.65 84.45 -16.13
CA HIS L 216 11.87 83.72 -15.75
C HIS L 216 12.57 82.92 -16.87
N GLY L 217 12.90 83.56 -17.98
CA GLY L 217 13.56 82.89 -19.09
C GLY L 217 12.58 82.07 -19.97
N LYS L 218 11.42 81.71 -19.41
CA LYS L 218 10.37 80.90 -20.12
C LYS L 218 9.36 81.74 -20.90
N GLU L 219 9.02 81.45 -22.16
CA GLU L 219 8.10 82.21 -22.97
C GLU L 219 6.99 81.35 -23.46
N ASN L 220 5.87 81.99 -23.79
CA ASN L 220 4.72 81.27 -24.30
C ASN L 220 4.59 81.54 -25.82
N THR L 221 5.29 80.72 -26.58
CA THR L 221 5.35 80.85 -28.03
C THR L 221 4.00 80.88 -28.72
N LEU L 222 3.12 79.95 -28.37
CA LEU L 222 1.82 79.91 -29.02
C LEU L 222 0.99 81.13 -28.72
N LEU L 223 1.00 81.58 -27.47
CA LEU L 223 0.21 82.74 -27.15
C LEU L 223 0.79 83.97 -27.85
N LYS L 224 2.11 84.01 -27.96
CA LYS L 224 2.77 85.14 -28.61
C LYS L 224 2.30 85.24 -30.05
N GLU L 225 2.29 84.12 -30.75
CA GLU L 225 1.87 84.12 -32.13
C GLU L 225 0.40 84.53 -32.21
N TRP L 226 -0.41 83.89 -31.39
CA TRP L 226 -1.84 84.14 -31.35
C TRP L 226 -2.17 85.57 -31.03
N SER L 227 -1.40 86.17 -30.13
CA SER L 227 -1.63 87.57 -29.75
C SER L 227 -1.49 88.55 -30.92
N LYS L 228 -0.80 88.13 -31.97
CA LYS L 228 -0.62 89.01 -33.12
C LYS L 228 -1.89 89.31 -33.90
N LYS L 229 -2.97 88.59 -33.63
CA LYS L 229 -4.25 88.83 -34.29
C LYS L 229 -5.08 89.83 -33.50
N TYR L 230 -4.60 90.29 -32.36
CA TYR L 230 -5.39 91.22 -31.56
C TYR L 230 -4.59 92.39 -31.02
N ASN L 231 -5.26 93.29 -30.33
CA ASN L 231 -4.57 94.42 -29.72
C ASN L 231 -3.76 93.87 -28.54
N VAL L 232 -2.65 94.52 -28.21
CA VAL L 232 -1.85 94.05 -27.10
C VAL L 232 -1.36 95.17 -26.20
N LYS L 233 -1.49 94.96 -24.90
CA LYS L 233 -1.03 95.95 -23.95
C LYS L 233 -0.03 95.33 -22.96
N HIS L 234 1.13 95.91 -22.89
CA HIS L 234 2.15 95.50 -21.96
C HIS L 234 1.90 96.28 -20.71
N LEU L 235 1.88 95.58 -19.56
CA LEU L 235 1.54 96.21 -18.30
C LEU L 235 2.64 96.17 -17.28
N ASN L 236 3.67 95.39 -17.56
CA ASN L 236 4.74 95.32 -16.61
C ASN L 236 5.72 96.46 -16.94
N LYS L 237 5.69 97.50 -16.11
CA LYS L 237 6.55 98.68 -16.30
C LYS L 237 8.03 98.27 -16.39
N LYS L 238 8.55 97.67 -15.31
CA LYS L 238 9.94 97.25 -15.27
C LYS L 238 10.37 96.55 -16.56
N TYR L 239 9.50 95.68 -17.05
CA TYR L 239 9.77 94.93 -18.26
C TYR L 239 9.85 95.81 -19.50
N VAL L 240 8.88 96.71 -19.66
CA VAL L 240 8.86 97.61 -20.80
C VAL L 240 10.10 98.50 -20.74
N PHE L 241 10.38 99.02 -19.55
CA PHE L 241 11.56 99.85 -19.32
C PHE L 241 12.84 99.05 -19.60
N ASN L 242 12.86 97.78 -19.26
CA ASN L 242 14.05 96.98 -19.52
C ASN L 242 14.33 96.77 -20.99
N ILE L 243 13.29 96.62 -21.82
CA ILE L 243 13.50 96.38 -23.24
C ILE L 243 13.83 97.67 -24.01
N TYR L 244 13.48 98.81 -23.41
CA TYR L 244 13.79 100.11 -24.01
C TYR L 244 15.21 100.47 -23.60
N HIS L 245 15.81 99.66 -22.75
CA HIS L 245 17.16 99.98 -22.32
C HIS L 245 18.16 98.84 -22.65
N SER L 246 17.80 97.93 -23.52
CA SER L 246 18.72 96.86 -23.92
C SER L 246 19.17 95.98 -22.75
N LYS L 247 18.38 96.01 -21.71
CA LYS L 247 18.59 95.16 -20.55
C LYS L 247 17.49 94.09 -20.57
N GLU L 248 17.89 92.82 -20.61
CA GLU L 248 16.91 91.76 -20.64
C GLU L 248 17.30 90.64 -19.71
N LYS L 249 16.31 90.05 -19.04
CA LYS L 249 16.59 88.96 -18.13
C LYS L 249 15.38 88.06 -17.92
N ASN L 250 15.24 87.57 -16.69
CA ASN L 250 14.13 86.71 -16.31
C ASN L 250 12.89 87.59 -16.10
N GLY L 251 12.82 88.68 -16.85
CA GLY L 251 11.72 89.63 -16.75
C GLY L 251 10.34 89.02 -16.98
N THR L 252 9.32 89.71 -16.50
CA THR L 252 7.96 89.22 -16.66
C THR L 252 7.10 90.15 -17.50
N ASP L 253 6.67 89.63 -18.63
CA ASP L 253 5.90 90.42 -19.58
C ASP L 253 4.37 90.19 -19.41
N GLU L 254 3.75 90.96 -18.52
CA GLU L 254 2.31 90.89 -18.27
C GLU L 254 1.67 91.65 -19.41
N VAL L 255 0.70 91.02 -20.06
CA VAL L 255 0.04 91.66 -21.18
C VAL L 255 -1.46 91.52 -21.05
N TYR L 256 -2.18 92.42 -21.71
CA TYR L 256 -3.60 92.38 -21.77
C TYR L 256 -3.91 92.31 -23.25
N ILE L 257 -4.54 91.21 -23.69
CA ILE L 257 -4.86 90.99 -25.10
C ILE L 257 -6.34 91.12 -25.33
N PHE L 258 -6.72 91.98 -26.27
CA PHE L 258 -8.14 92.22 -26.51
C PHE L 258 -8.50 92.52 -27.94
N ASN L 259 -9.80 92.40 -28.23
CA ASN L 259 -10.32 92.69 -29.55
C ASN L 259 -11.21 93.93 -29.45
N MET M 1 22.36 40.20 -2.57
CA MET M 1 22.36 38.82 -2.05
C MET M 1 21.73 37.85 -3.07
N LEU M 2 22.34 37.78 -4.24
CA LEU M 2 21.88 36.89 -5.30
C LEU M 2 22.47 35.49 -5.13
N GLY M 3 21.77 34.51 -5.69
CA GLY M 3 22.26 33.14 -5.68
C GLY M 3 22.89 32.92 -7.05
N ALA M 4 23.38 31.73 -7.33
CA ALA M 4 23.99 31.50 -8.64
C ALA M 4 22.89 31.36 -9.70
N ILE M 5 21.79 30.74 -9.28
CA ILE M 5 20.65 30.52 -10.17
C ILE M 5 19.37 30.71 -9.44
N ALA M 6 18.29 30.68 -10.24
CA ALA M 6 16.94 30.80 -9.76
C ALA M 6 16.59 29.46 -9.12
N TYR M 7 15.96 29.61 -8.02
CA TYR M 7 15.76 28.45 -7.21
C TYR M 7 14.62 28.54 -6.26
N THR M 8 13.75 27.56 -6.42
CA THR M 8 12.61 27.44 -5.55
C THR M 8 13.04 27.34 -4.12
N GLY M 9 12.46 28.17 -3.27
CA GLY M 9 12.78 28.17 -1.86
C GLY M 9 14.10 28.83 -1.54
N ASN M 10 14.56 29.74 -2.39
CA ASN M 10 15.82 30.42 -2.15
C ASN M 10 15.63 31.46 -1.04
N LYS M 11 16.73 31.90 -0.45
CA LYS M 11 16.69 32.83 0.65
C LYS M 11 17.28 34.19 0.32
N GLN M 12 17.30 34.57 -0.94
CA GLN M 12 17.88 35.87 -1.26
C GLN M 12 17.36 36.98 -0.35
N SER M 13 16.05 37.08 -0.20
CA SER M 13 15.49 38.16 0.59
C SER M 13 15.51 38.02 2.12
N LEU M 14 15.71 36.83 2.65
CA LEU M 14 15.76 36.64 4.10
C LEU M 14 17.17 36.63 4.64
N LEU M 15 18.13 36.59 3.73
CA LEU M 15 19.50 36.54 4.14
C LEU M 15 19.91 37.60 5.16
N PRO M 16 19.65 38.87 4.86
CA PRO M 16 20.04 39.91 5.84
C PRO M 16 19.48 39.61 7.24
N GLU M 17 18.23 39.22 7.34
CA GLU M 17 17.68 38.90 8.66
C GLU M 17 18.43 37.69 9.25
N LEU M 18 18.61 36.63 8.47
CA LEU M 18 19.33 35.45 8.95
C LEU M 18 20.77 35.75 9.38
N LYS M 19 21.52 36.52 8.58
CA LYS M 19 22.92 36.82 8.93
C LYS M 19 23.02 37.49 10.29
N SER M 20 21.90 38.06 10.69
CA SER M 20 21.78 38.78 11.93
C SER M 20 21.93 37.85 13.12
N HIS M 21 21.42 36.63 12.99
CA HIS M 21 21.51 35.66 14.09
C HIS M 21 22.69 34.67 13.97
N PHE M 22 23.55 34.83 12.96
CA PHE M 22 24.66 33.89 12.82
C PHE M 22 25.75 34.10 13.85
N PRO M 23 26.42 33.02 14.26
CA PRO M 23 27.49 33.13 15.25
C PRO M 23 28.83 33.23 14.55
N LYS M 24 29.91 33.15 15.32
CA LYS M 24 31.23 33.11 14.78
C LYS M 24 31.40 31.68 14.38
N TYR M 25 32.34 31.41 13.46
CA TYR M 25 32.59 30.04 13.02
C TYR M 25 33.89 29.95 12.23
N ASN M 26 34.53 28.77 12.28
CA ASN M 26 35.77 28.55 11.56
C ASN M 26 35.46 28.06 10.15
N ARG M 27 34.20 27.64 9.94
CA ARG M 27 33.77 27.18 8.63
C ARG M 27 32.26 27.24 8.56
N PHE M 28 31.73 27.71 7.43
CA PHE M 28 30.28 27.80 7.24
C PHE M 28 29.87 26.56 6.45
N VAL M 29 28.94 25.79 7.01
CA VAL M 29 28.47 24.58 6.38
C VAL M 29 27.04 24.72 5.90
N ASP M 30 26.88 24.96 4.61
CA ASP M 30 25.59 25.12 3.98
C ASP M 30 25.17 23.68 3.56
N LEU M 31 24.59 22.96 4.50
CA LEU M 31 24.25 21.56 4.28
C LEU M 31 23.26 21.27 3.14
N PHE M 32 22.46 22.25 2.73
CA PHE M 32 21.47 22.11 1.63
C PHE M 32 21.59 23.34 0.75
N CYS M 33 22.71 23.54 0.08
CA CYS M 33 22.93 24.80 -0.63
C CYS M 33 21.97 25.22 -1.74
N GLY M 34 21.27 24.30 -2.40
CA GLY M 34 20.38 24.72 -3.44
C GLY M 34 21.01 25.73 -4.38
N GLY M 35 20.32 26.87 -4.58
CA GLY M 35 20.79 27.90 -5.49
C GLY M 35 22.01 28.70 -5.02
N LEU M 36 22.45 28.44 -3.80
CA LEU M 36 23.61 29.14 -3.25
C LEU M 36 23.40 30.59 -2.80
N SER M 37 22.17 31.01 -2.54
CA SER M 37 22.00 32.41 -2.12
C SER M 37 22.64 32.62 -0.77
N VAL M 38 22.71 31.57 0.04
CA VAL M 38 23.34 31.71 1.33
C VAL M 38 24.85 31.58 1.17
N SER M 39 25.31 30.43 0.64
CA SER M 39 26.74 30.15 0.47
C SER M 39 27.55 31.25 -0.20
N LEU M 40 26.98 31.84 -1.23
CA LEU M 40 27.70 32.91 -1.92
C LEU M 40 27.83 34.18 -1.08
N ASN M 41 27.00 34.33 -0.04
CA ASN M 41 26.98 35.59 0.67
C ASN M 41 27.33 35.59 2.18
N VAL M 42 28.20 34.68 2.61
CA VAL M 42 28.63 34.65 4.01
C VAL M 42 30.15 34.60 4.01
N ASN M 43 30.79 34.78 5.14
CA ASN M 43 32.25 34.73 5.13
C ASN M 43 32.68 33.29 5.07
N GLY M 44 33.75 33.04 4.32
CA GLY M 44 34.24 31.68 4.17
C GLY M 44 35.14 31.28 5.31
N PRO M 45 35.73 30.09 5.25
CA PRO M 45 35.55 29.15 4.15
C PRO M 45 34.15 28.49 4.25
N VAL M 46 33.55 28.22 3.11
CA VAL M 46 32.21 27.63 3.04
C VAL M 46 32.21 26.22 2.48
N LEU M 47 31.36 25.36 3.02
CA LEU M 47 31.23 24.02 2.50
C LEU M 47 29.80 23.99 1.99
N ALA M 48 29.65 24.02 0.67
CA ALA M 48 28.33 24.01 0.06
C ALA M 48 27.97 22.60 -0.37
N ASN M 49 26.96 22.05 0.28
CA ASN M 49 26.55 20.70 -0.01
C ASN M 49 25.10 20.55 -0.45
N ASP M 50 24.85 19.68 -1.41
CA ASP M 50 23.49 19.41 -1.85
C ASP M 50 23.47 18.01 -2.43
N ILE M 51 22.46 17.25 -2.07
CA ILE M 51 22.33 15.88 -2.53
C ILE M 51 22.16 15.73 -4.05
N GLN M 52 21.88 16.83 -4.74
CA GLN M 52 21.70 16.77 -6.18
C GLN M 52 22.99 17.04 -6.93
N GLU M 53 23.69 15.93 -7.16
CA GLU M 53 24.99 15.91 -7.81
C GLU M 53 25.08 16.69 -9.10
N PRO M 54 24.10 16.52 -9.99
CA PRO M 54 24.19 17.27 -11.23
C PRO M 54 24.35 18.77 -10.97
N ILE M 55 23.64 19.30 -9.98
CA ILE M 55 23.76 20.73 -9.68
C ILE M 55 25.15 21.05 -9.10
N ILE M 56 25.62 20.24 -8.17
CA ILE M 56 26.94 20.46 -7.60
C ILE M 56 28.00 20.35 -8.69
N GLU M 57 27.89 19.35 -9.56
CA GLU M 57 28.88 19.21 -10.63
C GLU M 57 28.83 20.46 -11.51
N MET M 58 27.63 20.98 -11.75
CA MET M 58 27.51 22.19 -12.56
C MET M 58 28.26 23.35 -11.92
N TYR M 59 28.16 23.52 -10.60
CA TYR M 59 28.89 24.63 -9.96
C TYR M 59 30.40 24.43 -10.11
N LYS M 60 30.89 23.23 -9.81
CA LYS M 60 32.32 22.94 -9.95
C LYS M 60 32.83 23.30 -11.35
N ARG M 61 31.98 23.14 -12.37
CA ARG M 61 32.35 23.48 -13.74
C ARG M 61 32.28 24.99 -14.01
N LEU M 62 31.26 25.66 -13.49
CA LEU M 62 31.12 27.11 -13.72
C LEU M 62 32.35 27.84 -13.23
N ILE M 63 32.98 27.28 -12.23
CA ILE M 63 34.19 27.85 -11.67
C ILE M 63 35.21 28.13 -12.78
N ASN M 64 35.16 27.33 -13.84
CA ASN M 64 36.12 27.48 -14.91
C ASN M 64 35.58 27.93 -16.26
N VAL M 65 34.48 28.66 -16.28
CA VAL M 65 33.95 29.11 -17.56
C VAL M 65 33.76 30.62 -17.50
N SER M 66 33.50 31.24 -18.66
CA SER M 66 33.32 32.68 -18.74
C SER M 66 31.92 32.93 -19.25
N TRP M 67 31.43 34.15 -19.05
CA TRP M 67 30.09 34.42 -19.53
C TRP M 67 30.07 34.14 -21.02
N ASP M 68 31.16 34.47 -21.73
CA ASP M 68 31.18 34.22 -23.16
C ASP M 68 31.04 32.74 -23.46
N ASP M 69 31.80 31.89 -22.77
CA ASP M 69 31.64 30.46 -23.00
C ASP M 69 30.16 30.14 -22.98
N VAL M 70 29.43 30.74 -22.04
CA VAL M 70 28.00 30.50 -21.95
C VAL M 70 27.22 31.09 -23.13
N LEU M 71 27.68 32.23 -23.61
CA LEU M 71 27.01 32.85 -24.75
C LEU M 71 27.18 31.99 -26.00
N LYS M 72 28.37 31.42 -26.16
CA LYS M 72 28.66 30.57 -27.31
C LYS M 72 27.72 29.37 -27.36
N VAL M 73 27.51 28.72 -26.22
CA VAL M 73 26.62 27.57 -26.24
C VAL M 73 25.24 27.99 -26.71
N ILE M 74 24.81 29.16 -26.29
CA ILE M 74 23.49 29.65 -26.69
C ILE M 74 23.49 29.96 -28.18
N LYS M 75 24.61 30.51 -28.65
CA LYS M 75 24.79 30.85 -30.05
C LYS M 75 24.74 29.54 -30.85
N GLN M 76 25.48 28.56 -30.36
CA GLN M 76 25.58 27.25 -30.99
C GLN M 76 24.29 26.45 -31.13
N TYR M 77 23.35 26.55 -30.20
CA TYR M 77 22.09 25.82 -30.35
C TYR M 77 21.02 26.77 -30.84
N LYS M 78 21.43 28.01 -31.08
CA LYS M 78 20.48 29.01 -31.54
C LYS M 78 19.28 29.04 -30.59
N LEU M 79 19.50 29.43 -29.33
CA LEU M 79 18.42 29.47 -28.35
C LEU M 79 17.73 30.83 -28.19
N SER M 80 16.40 30.80 -28.11
CA SER M 80 15.58 32.00 -27.95
C SER M 80 14.41 31.67 -27.04
N LYS M 81 13.54 32.65 -26.79
CA LYS M 81 12.40 32.40 -25.93
C LYS M 81 11.28 31.65 -26.64
N THR M 82 11.58 31.13 -27.82
CA THR M 82 10.58 30.37 -28.60
C THR M 82 11.22 29.16 -29.26
N SER M 83 12.53 28.99 -29.07
CA SER M 83 13.26 27.89 -29.67
C SER M 83 13.00 26.56 -28.99
N LYS M 84 11.76 26.10 -29.04
CA LYS M 84 11.42 24.82 -28.42
C LYS M 84 12.25 23.65 -28.94
N GLU M 85 12.15 23.42 -30.25
CA GLU M 85 12.87 22.33 -30.87
C GLU M 85 14.35 22.32 -30.49
N GLU M 86 14.97 23.49 -30.51
CA GLU M 86 16.38 23.61 -30.16
C GLU M 86 16.57 23.22 -28.69
N PHE M 87 15.68 23.73 -27.83
CA PHE M 87 15.76 23.39 -26.41
C PHE M 87 15.77 21.87 -26.29
N LEU M 88 14.89 21.19 -27.03
CA LEU M 88 14.87 19.74 -26.96
C LEU M 88 16.19 19.10 -27.44
N LYS M 89 16.83 19.64 -28.47
CA LYS M 89 18.11 19.05 -28.90
C LYS M 89 19.10 19.17 -27.74
N LEU M 90 19.27 20.39 -27.24
CA LEU M 90 20.15 20.65 -26.10
C LEU M 90 19.84 19.74 -24.90
N ARG M 91 18.57 19.49 -24.65
CA ARG M 91 18.20 18.61 -23.55
C ARG M 91 18.73 17.19 -23.84
N GLU M 92 18.49 16.69 -25.05
CA GLU M 92 18.98 15.36 -25.42
C GLU M 92 20.51 15.35 -25.31
N ASP M 93 21.17 16.42 -25.75
CA ASP M 93 22.63 16.45 -25.64
C ASP M 93 23.12 16.34 -24.21
N TYR M 94 22.47 17.09 -23.31
CA TYR M 94 22.87 17.02 -21.94
C TYR M 94 22.55 15.64 -21.36
N ASN M 95 21.39 15.10 -21.67
CA ASN M 95 21.05 13.83 -21.14
C ASN M 95 22.01 12.74 -21.58
N LYS M 96 22.58 12.87 -22.77
CA LYS M 96 23.52 11.88 -23.30
C LYS M 96 24.96 12.10 -22.85
N THR M 97 25.40 13.35 -22.90
CA THR M 97 26.78 13.63 -22.53
C THR M 97 27.01 14.01 -21.08
N ARG M 98 25.98 14.55 -20.44
CA ARG M 98 26.05 14.98 -19.05
C ARG M 98 27.10 16.09 -18.82
N ASP M 99 27.30 16.95 -19.81
CA ASP M 99 28.23 18.07 -19.66
C ASP M 99 27.54 19.12 -18.75
N PRO M 100 28.12 19.38 -17.56
CA PRO M 100 27.58 20.35 -16.60
C PRO M 100 27.28 21.72 -17.19
N LEU M 101 28.08 22.13 -18.18
CA LEU M 101 27.89 23.42 -18.83
C LEU M 101 26.58 23.49 -19.61
N LEU M 102 26.11 22.36 -20.11
CA LEU M 102 24.85 22.36 -20.84
C LEU M 102 23.71 22.39 -19.84
N LEU M 103 23.94 21.83 -18.66
CA LEU M 103 22.90 21.82 -17.64
C LEU M 103 22.66 23.27 -17.24
N TYR M 104 23.73 24.04 -17.09
CA TYR M 104 23.62 25.44 -16.73
C TYR M 104 22.77 26.17 -17.78
N VAL M 105 23.23 26.13 -19.03
CA VAL M 105 22.50 26.76 -20.14
C VAL M 105 21.07 26.22 -20.23
N LEU M 106 20.91 24.93 -19.97
CA LEU M 106 19.59 24.35 -20.03
C LEU M 106 18.67 25.08 -19.03
N HIS M 107 19.07 25.12 -17.76
CA HIS M 107 18.25 25.71 -16.72
C HIS M 107 17.65 27.07 -17.09
N PHE M 108 18.40 27.90 -17.82
CA PHE M 108 17.85 29.18 -18.23
C PHE M 108 16.61 29.05 -19.16
N HIS M 109 16.37 27.89 -19.76
CA HIS M 109 15.28 27.82 -20.70
C HIS M 109 14.10 26.94 -20.38
N GLY M 110 14.08 26.34 -19.20
CA GLY M 110 12.99 25.45 -18.87
C GLY M 110 11.87 26.00 -18.03
N PHE M 111 10.76 25.30 -18.08
CA PHE M 111 9.56 25.63 -17.33
C PHE M 111 9.93 26.13 -15.92
N SER M 112 9.66 27.41 -15.67
CA SER M 112 9.90 28.05 -14.37
C SER M 112 11.33 27.94 -13.88
N ASN M 113 12.26 27.76 -14.81
CA ASN M 113 13.66 27.63 -14.45
C ASN M 113 13.93 26.38 -13.62
N MET M 114 12.99 25.44 -13.57
CA MET M 114 13.17 24.24 -12.79
C MET M 114 14.19 23.25 -13.32
N ILE M 115 15.05 22.75 -12.44
CA ILE M 115 16.00 21.74 -12.82
C ILE M 115 15.43 20.47 -12.21
N ARG M 116 15.00 19.53 -13.05
CA ARG M 116 14.44 18.27 -12.57
C ARG M 116 15.17 17.05 -13.20
N ILE M 117 15.84 16.27 -12.37
CA ILE M 117 16.57 15.10 -12.82
C ILE M 117 15.91 13.82 -12.29
N ASN M 118 15.56 12.89 -13.18
CA ASN M 118 14.92 11.66 -12.74
C ASN M 118 15.93 10.61 -12.29
N ASP M 119 15.44 9.43 -11.92
CA ASP M 119 16.29 8.33 -11.43
C ASP M 119 17.45 8.03 -12.35
N LYS M 120 17.22 8.04 -13.66
CA LYS M 120 18.27 7.72 -14.63
C LYS M 120 19.26 8.85 -14.82
N GLY M 121 19.03 9.95 -14.09
CA GLY M 121 19.92 11.09 -14.21
C GLY M 121 19.62 12.00 -15.38
N ASN M 122 18.42 11.92 -15.94
CA ASN M 122 18.07 12.78 -17.07
C ASN M 122 17.28 14.03 -16.66
N PHE M 123 17.50 15.11 -17.39
CA PHE M 123 16.84 16.39 -17.14
C PHE M 123 15.49 16.29 -17.87
N THR M 124 14.39 16.37 -17.12
CA THR M 124 13.07 16.23 -17.72
C THR M 124 12.21 17.49 -17.71
N THR M 125 12.80 18.63 -17.43
CA THR M 125 12.02 19.84 -17.38
C THR M 125 11.61 20.29 -18.77
N PRO M 126 10.30 20.53 -18.99
CA PRO M 126 9.70 20.97 -20.25
C PRO M 126 10.19 22.37 -20.58
N PHE M 127 10.02 22.79 -21.84
CA PHE M 127 10.45 24.12 -22.30
C PHE M 127 9.70 25.18 -21.53
N GLY M 128 10.39 26.28 -21.19
CA GLY M 128 9.74 27.34 -20.44
C GLY M 128 9.52 28.66 -21.17
N LYS M 129 9.65 28.65 -22.49
CA LYS M 129 9.47 29.86 -23.28
C LYS M 129 10.25 31.00 -22.66
N ARG M 130 11.56 30.84 -22.55
CA ARG M 130 12.38 31.88 -21.94
C ARG M 130 13.85 31.70 -22.24
N THR M 131 14.67 32.62 -21.77
CA THR M 131 16.09 32.48 -22.04
C THR M 131 16.83 33.35 -21.03
N ILE M 132 18.09 33.64 -21.30
CA ILE M 132 18.82 34.47 -20.37
C ILE M 132 18.17 35.84 -20.39
N ASN M 133 18.21 36.51 -19.24
CA ASN M 133 17.63 37.83 -19.07
C ASN M 133 18.58 38.70 -18.22
N LYS M 134 18.15 39.93 -17.91
CA LYS M 134 18.98 40.84 -17.14
C LYS M 134 19.69 40.25 -15.93
N ASN M 135 19.00 39.39 -15.19
CA ASN M 135 19.58 38.78 -13.98
C ASN M 135 20.66 37.74 -14.23
N SER M 136 20.48 36.98 -15.31
CA SER M 136 21.37 35.91 -15.67
C SER M 136 22.86 36.25 -15.52
N GLU M 137 23.35 37.26 -16.23
CA GLU M 137 24.76 37.56 -16.10
C GLU M 137 25.11 38.08 -14.69
N LYS M 138 24.16 38.79 -14.07
CA LYS M 138 24.41 39.31 -12.72
C LYS M 138 24.68 38.13 -11.79
N ARG M 139 23.75 37.18 -11.78
CA ARG M 139 23.90 35.99 -10.94
C ARG M 139 25.24 35.30 -11.25
N PHE M 140 25.54 35.20 -12.54
CA PHE M 140 26.76 34.57 -12.96
C PHE M 140 27.96 35.30 -12.37
N ASN M 141 27.96 36.61 -12.53
CA ASN M 141 29.05 37.42 -12.00
C ASN M 141 29.18 37.28 -10.50
N HIS M 142 28.04 37.28 -9.82
CA HIS M 142 28.08 37.16 -8.39
C HIS M 142 28.73 35.83 -7.98
N PHE M 143 28.40 34.78 -8.73
CA PHE M 143 28.96 33.46 -8.48
C PHE M 143 30.48 33.49 -8.63
N LYS M 144 30.95 33.97 -9.78
CA LYS M 144 32.40 34.02 -10.00
C LYS M 144 33.08 34.96 -9.02
N GLN M 145 32.40 36.04 -8.65
CA GLN M 145 33.00 36.95 -7.70
C GLN M 145 33.01 36.35 -6.31
N ASN M 146 32.41 35.19 -6.07
CA ASN M 146 32.41 34.66 -4.70
C ASN M 146 32.58 33.17 -4.50
N CYS M 147 33.01 32.43 -5.51
CA CYS M 147 33.09 30.99 -5.29
C CYS M 147 34.45 30.58 -4.68
N ASP M 148 35.46 31.42 -4.77
CA ASP M 148 36.74 31.03 -4.21
C ASP M 148 36.62 30.46 -2.80
N LYS M 149 35.88 31.13 -1.93
CA LYS M 149 35.71 30.65 -0.55
C LYS M 149 35.00 29.32 -0.43
N ILE M 150 34.42 28.82 -1.53
CA ILE M 150 33.59 27.60 -1.47
C ILE M 150 34.25 26.27 -1.87
N ILE M 151 33.88 25.24 -1.16
CA ILE M 151 34.26 23.87 -1.42
C ILE M 151 32.93 23.14 -1.62
N PHE M 152 32.67 22.68 -2.83
CA PHE M 152 31.41 22.04 -3.16
C PHE M 152 31.36 20.55 -2.85
N SER M 153 30.18 20.05 -2.52
CA SER M 153 29.99 18.64 -2.23
C SER M 153 28.57 18.13 -2.48
N SER M 154 28.41 16.81 -2.63
CA SER M 154 27.09 16.25 -2.83
C SER M 154 26.93 14.96 -2.10
N LEU M 155 26.51 15.08 -0.85
CA LEU M 155 26.26 13.95 -0.01
C LEU M 155 24.94 14.18 0.66
N HIS M 156 24.36 13.13 1.15
CA HIS M 156 23.17 13.30 1.91
C HIS M 156 23.56 14.08 3.18
N PHE M 157 22.74 15.02 3.61
CA PHE M 157 23.08 15.88 4.75
C PHE M 157 23.64 15.16 6.00
N LYS M 158 23.13 13.98 6.32
CA LYS M 158 23.60 13.26 7.48
C LYS M 158 24.94 12.52 7.27
N ASP M 159 25.50 12.56 6.07
CA ASP M 159 26.74 11.84 5.82
C ASP M 159 27.89 12.80 5.61
N VAL M 160 27.66 14.06 5.98
CA VAL M 160 28.67 15.09 5.84
C VAL M 160 29.35 15.19 7.19
N LYS M 161 30.68 15.06 7.22
CA LYS M 161 31.42 15.14 8.48
C LYS M 161 31.41 16.56 8.99
N ILE M 162 31.00 16.72 10.24
CA ILE M 162 30.96 18.05 10.81
C ILE M 162 32.10 18.24 11.81
N LEU M 163 32.81 19.34 11.68
CA LEU M 163 33.94 19.68 12.51
C LEU M 163 33.64 20.72 13.57
N ASP M 164 34.27 20.60 14.73
CA ASP M 164 34.10 21.58 15.81
C ASP M 164 34.49 22.94 15.22
N GLY M 165 33.70 23.97 15.52
CA GLY M 165 33.99 25.29 15.00
C GLY M 165 33.19 25.57 13.74
N ASP M 166 32.42 24.56 13.31
CA ASP M 166 31.58 24.60 12.13
C ASP M 166 30.21 25.24 12.38
N PHE M 167 29.79 26.24 11.60
CA PHE M 167 28.43 26.70 11.83
C PHE M 167 27.53 26.03 10.80
N VAL M 168 26.69 25.08 11.24
CA VAL M 168 25.83 24.33 10.32
C VAL M 168 24.48 25.00 10.02
N TYR M 169 24.36 25.53 8.80
CA TYR M 169 23.11 26.13 8.36
C TYR M 169 22.29 25.12 7.57
N VAL M 170 21.02 24.97 7.91
CA VAL M 170 20.19 23.99 7.23
C VAL M 170 18.84 24.49 6.78
N ASP M 171 18.66 24.44 5.46
CA ASP M 171 17.42 24.86 4.82
C ASP M 171 16.90 23.68 3.98
N PRO M 172 16.39 22.65 4.66
CA PRO M 172 15.89 21.47 3.99
C PRO M 172 14.59 21.72 3.28
N PRO M 173 14.06 20.74 2.61
CA PRO M 173 12.80 20.90 1.99
C PRO M 173 11.81 20.99 3.08
N TYR M 174 10.72 21.74 2.88
CA TYR M 174 9.70 21.85 3.92
C TYR M 174 8.61 20.90 3.52
N LEU M 175 8.20 20.07 4.48
CA LEU M 175 7.15 19.10 4.25
C LEU M 175 5.93 19.77 3.64
N ILE M 176 5.50 20.90 4.23
CA ILE M 176 4.30 21.60 3.83
C ILE M 176 4.41 22.64 2.69
N THR M 177 5.34 22.46 1.77
CA THR M 177 5.44 23.42 0.67
C THR M 177 5.63 22.61 -0.60
N VAL M 178 5.59 23.30 -1.74
CA VAL M 178 5.73 22.64 -3.02
C VAL M 178 7.04 22.91 -3.76
N ALA M 179 7.77 21.84 -4.04
CA ALA M 179 9.02 21.94 -4.75
C ALA M 179 9.40 20.57 -5.26
N ASP M 180 10.04 20.53 -6.41
CA ASP M 180 10.43 19.25 -6.97
C ASP M 180 11.34 18.46 -6.04
N TYR M 181 12.25 19.15 -5.37
CA TYR M 181 13.17 18.46 -4.50
C TYR M 181 12.50 17.86 -3.27
N ASN M 182 11.19 18.00 -3.18
CA ASN M 182 10.45 17.46 -2.04
C ASN M 182 10.44 15.93 -2.15
N LYS M 183 10.77 15.44 -3.33
CA LYS M 183 10.79 13.99 -3.53
C LYS M 183 11.86 13.32 -2.68
N PHE M 184 12.77 14.12 -2.10
CA PHE M 184 13.85 13.63 -1.24
C PHE M 184 13.49 13.71 0.22
N TRP M 185 12.34 14.31 0.51
CA TRP M 185 11.95 14.50 1.89
C TRP M 185 10.82 13.62 2.40
N SER M 186 10.75 13.47 3.71
CA SER M 186 9.73 12.65 4.32
C SER M 186 9.77 12.88 5.82
N GLU M 187 8.69 12.56 6.51
CA GLU M 187 8.62 12.76 7.96
C GLU M 187 9.86 12.11 8.54
N ASP M 188 10.28 11.01 7.93
CA ASP M 188 11.46 10.29 8.41
C ASP M 188 12.76 11.00 8.18
N GLU M 189 12.89 11.67 7.05
CA GLU M 189 14.11 12.39 6.80
C GLU M 189 14.17 13.54 7.78
N GLU M 190 13.02 14.14 8.03
CA GLU M 190 12.97 15.26 8.92
C GLU M 190 13.35 14.88 10.35
N LYS M 191 12.84 13.75 10.82
CA LYS M 191 13.16 13.30 12.16
C LYS M 191 14.67 13.10 12.23
N ASP M 192 15.28 12.57 11.16
CA ASP M 192 16.71 12.35 11.14
C ASP M 192 17.45 13.65 11.20
N LEU M 193 16.92 14.66 10.56
CA LEU M 193 17.57 15.95 10.56
C LEU M 193 17.52 16.57 11.95
N LEU M 194 16.38 16.42 12.60
CA LEU M 194 16.23 17.00 13.92
C LEU M 194 17.16 16.31 14.90
N ASN M 195 17.32 14.99 14.76
CA ASN M 195 18.21 14.27 15.66
C ASN M 195 19.64 14.72 15.41
N LEU M 196 19.98 14.92 14.12
CA LEU M 196 21.32 15.37 13.81
C LEU M 196 21.50 16.69 14.56
N LEU M 197 20.58 17.63 14.36
CA LEU M 197 20.67 18.93 15.01
C LEU M 197 20.80 18.82 16.53
N ASP M 198 20.05 17.91 17.16
CA ASP M 198 20.19 17.75 18.61
C ASP M 198 21.60 17.23 18.95
N SER M 199 22.24 16.51 18.04
CA SER M 199 23.58 16.00 18.31
C SER M 199 24.61 17.10 18.18
N LEU M 200 24.40 18.01 17.23
CA LEU M 200 25.36 19.06 17.07
C LEU M 200 25.31 19.85 18.36
N ASN M 201 24.09 20.06 18.84
CA ASN M 201 23.94 20.81 20.06
C ASN M 201 24.68 20.10 21.20
N ASP M 202 24.54 18.78 21.27
CA ASP M 202 25.23 18.03 22.30
C ASP M 202 26.75 18.20 22.20
N ARG M 203 27.26 18.19 20.97
CA ARG M 203 28.68 18.33 20.74
C ARG M 203 29.16 19.77 20.92
N GLY M 204 28.23 20.66 21.24
CA GLY M 204 28.60 22.05 21.37
C GLY M 204 28.80 22.78 20.05
N ILE M 205 28.16 22.29 18.99
CA ILE M 205 28.27 22.92 17.69
C ILE M 205 27.00 23.75 17.38
N LYS M 206 27.22 24.94 16.82
CA LYS M 206 26.15 25.86 16.48
C LYS M 206 25.43 25.47 15.19
N PHE M 207 24.10 25.57 15.19
CA PHE M 207 23.30 25.27 13.98
C PHE M 207 22.16 26.29 13.85
N GLY M 208 21.73 26.51 12.62
CA GLY M 208 20.65 27.44 12.36
C GLY M 208 19.79 26.72 11.35
N LEU M 209 18.49 26.72 11.59
CA LEU M 209 17.66 25.99 10.67
C LEU M 209 16.40 26.72 10.19
N SER M 210 16.24 26.85 8.90
CA SER M 210 15.10 27.54 8.33
C SER M 210 13.91 26.63 8.13
N ASN M 211 12.70 27.17 8.18
CA ASN M 211 11.51 26.34 7.99
C ASN M 211 10.21 27.13 8.10
N VAL M 212 9.10 26.42 7.97
CA VAL M 212 7.77 27.02 8.12
C VAL M 212 6.99 26.11 9.03
N LEU M 213 6.40 26.71 10.07
CA LEU M 213 5.64 25.92 11.01
C LEU M 213 4.20 25.81 10.53
N GLU M 214 3.81 26.71 9.64
CA GLU M 214 2.46 26.74 9.10
C GLU M 214 2.39 27.29 7.70
N HIS M 215 1.63 26.64 6.87
CA HIS M 215 1.49 27.12 5.53
C HIS M 215 0.11 26.84 4.97
N HIS M 216 -0.70 27.88 4.81
CA HIS M 216 -1.98 27.67 4.12
C HIS M 216 -3.10 26.97 4.87
N GLY M 217 -2.81 26.40 6.03
CA GLY M 217 -3.85 25.66 6.75
C GLY M 217 -3.23 24.39 7.34
N LYS M 218 -2.15 24.04 6.76
CA LYS M 218 -1.28 22.97 7.23
C LYS M 218 -0.32 23.46 8.29
N GLU M 219 0.17 22.56 9.16
CA GLU M 219 1.08 22.91 10.23
C GLU M 219 2.03 21.74 10.49
N ASN M 220 3.27 22.03 10.88
CA ASN M 220 4.21 20.97 11.17
C ASN M 220 4.26 20.78 12.68
N THR M 221 3.31 19.99 13.16
CA THR M 221 3.19 19.73 14.57
C THR M 221 4.45 19.26 15.28
N LEU M 222 5.17 18.30 14.70
CA LEU M 222 6.38 17.84 15.36
C LEU M 222 7.46 18.92 15.40
N LEU M 223 7.61 19.69 14.33
CA LEU M 223 8.64 20.72 14.35
C LEU M 223 8.27 21.79 15.40
N LYS M 224 6.98 22.13 15.47
CA LYS M 224 6.54 23.13 16.43
C LYS M 224 6.95 22.70 17.82
N GLU M 225 6.73 21.43 18.15
CA GLU M 225 7.10 20.93 19.47
C GLU M 225 8.60 20.90 19.70
N TRP M 226 9.35 20.44 18.70
CA TRP M 226 10.79 20.36 18.81
C TRP M 226 11.40 21.78 18.97
N SER M 227 10.90 22.74 18.19
CA SER M 227 11.43 24.09 18.26
C SER M 227 11.44 24.66 19.66
N LYS M 228 10.61 24.11 20.55
CA LYS M 228 10.57 24.62 21.91
C LYS M 228 11.87 24.43 22.69
N LYS M 229 12.78 23.62 22.17
CA LYS M 229 14.04 23.42 22.84
C LYS M 229 15.07 24.41 22.33
N TYR M 230 14.68 25.30 21.43
CA TYR M 230 15.67 26.24 20.93
C TYR M 230 15.13 27.66 20.77
N ASN M 231 16.01 28.58 20.41
CA ASN M 231 15.63 29.94 20.13
C ASN M 231 14.82 29.92 18.84
N VAL M 232 13.77 30.73 18.77
CA VAL M 232 12.93 30.81 17.58
C VAL M 232 12.65 32.22 17.09
N LYS M 233 13.01 32.50 15.84
CA LYS M 233 12.74 33.81 15.23
C LYS M 233 11.66 33.72 14.15
N HIS M 234 10.55 34.44 14.32
CA HIS M 234 9.50 34.39 13.30
C HIS M 234 9.86 35.47 12.29
N LEU M 235 9.94 35.09 11.02
CA LEU M 235 10.39 36.00 9.96
C LEU M 235 9.37 36.51 8.98
N ASN M 236 8.19 35.91 8.94
CA ASN M 236 7.19 36.40 8.01
C ASN M 236 6.40 37.55 8.65
N LYS M 237 6.62 38.74 8.14
CA LYS M 237 5.95 39.91 8.69
C LYS M 237 4.43 39.85 8.75
N LYS M 238 3.79 39.43 7.68
CA LYS M 238 2.32 39.36 7.66
C LYS M 238 1.81 38.41 8.76
N TYR M 239 2.53 37.32 8.95
CA TYR M 239 2.18 36.34 9.97
C TYR M 239 2.19 37.00 11.37
N VAL M 240 3.33 37.58 11.70
CA VAL M 240 3.53 38.29 12.96
C VAL M 240 2.39 39.30 13.12
N PHE M 241 2.26 40.17 12.13
CA PHE M 241 1.22 41.19 12.11
C PHE M 241 -0.14 40.56 12.43
N ASN M 242 -0.50 39.51 11.72
CA ASN M 242 -1.78 38.88 11.96
C ASN M 242 -1.94 38.21 13.31
N ILE M 243 -0.82 37.86 13.95
CA ILE M 243 -0.88 37.21 15.27
C ILE M 243 -1.12 38.29 16.35
N TYR M 244 -0.61 39.48 16.08
CA TYR M 244 -0.78 40.63 16.96
C TYR M 244 -2.08 41.38 16.74
N HIS M 245 -2.93 40.86 15.84
CA HIS M 245 -4.19 41.53 15.52
C HIS M 245 -5.39 40.57 15.46
N SER M 246 -5.16 39.32 15.92
CA SER M 246 -6.21 38.30 15.93
C SER M 246 -6.91 38.20 14.56
N LYS M 247 -6.12 38.48 13.51
CA LYS M 247 -6.59 38.33 12.14
C LYS M 247 -6.19 36.93 11.67
N GLU M 248 -5.60 36.15 12.57
CA GLU M 248 -5.17 34.80 12.25
C GLU M 248 -6.04 34.13 11.20
N LYS M 249 -5.45 33.82 10.04
CA LYS M 249 -6.22 33.19 8.99
C LYS M 249 -5.36 32.51 7.94
N ASN M 250 -4.88 31.30 8.26
CA ASN M 250 -4.07 30.47 7.34
C ASN M 250 -2.85 31.16 6.69
N GLY M 251 -1.99 31.78 7.48
CA GLY M 251 -0.80 32.44 6.93
C GLY M 251 0.41 31.53 6.84
N THR M 252 1.56 32.12 6.51
CA THR M 252 2.81 31.38 6.37
C THR M 252 3.79 31.73 7.49
N ASP M 253 4.02 30.80 8.38
CA ASP M 253 4.90 31.12 9.46
C ASP M 253 6.33 30.66 9.23
N GLU M 254 7.08 31.50 8.52
CA GLU M 254 8.49 31.23 8.23
C GLU M 254 9.28 31.44 9.53
N VAL M 255 10.03 30.43 9.94
CA VAL M 255 10.85 30.57 11.14
C VAL M 255 12.32 30.25 10.90
N TYR M 256 13.15 30.64 11.87
CA TYR M 256 14.59 30.36 11.87
C TYR M 256 14.83 29.81 13.29
N ILE M 257 15.14 28.53 13.39
CA ILE M 257 15.34 27.91 14.69
C ILE M 257 16.79 27.67 14.97
N PHE M 258 17.26 28.14 16.12
CA PHE M 258 18.67 28.03 16.45
C PHE M 258 19.10 27.87 17.91
N ASN M 259 20.31 27.33 18.08
CA ASN M 259 20.87 27.15 19.41
C ASN M 259 22.01 28.16 19.60
N MET N 1 -17.35 -8.56 -16.20
CA MET N 1 -18.56 -8.85 -15.45
C MET N 1 -18.44 -10.15 -14.68
N LEU N 2 -18.67 -10.05 -13.38
CA LEU N 2 -18.49 -11.16 -12.47
C LEU N 2 -19.42 -12.36 -12.57
N GLY N 3 -18.90 -13.47 -12.09
CA GLY N 3 -19.67 -14.71 -12.01
C GLY N 3 -20.11 -14.78 -10.54
N ALA N 4 -21.02 -15.68 -10.20
CA ALA N 4 -21.47 -15.77 -8.82
C ALA N 4 -20.33 -16.19 -7.90
N ILE N 5 -19.46 -17.08 -8.40
CA ILE N 5 -18.33 -17.58 -7.64
C ILE N 5 -17.16 -17.86 -8.57
N ALA N 6 -15.95 -17.87 -8.03
CA ALA N 6 -14.77 -18.18 -8.80
C ALA N 6 -15.04 -19.57 -9.35
N TYR N 7 -14.53 -19.86 -10.54
CA TYR N 7 -14.82 -21.14 -11.14
C TYR N 7 -13.86 -21.38 -12.29
N THR N 8 -13.29 -22.57 -12.34
CA THR N 8 -12.35 -22.93 -13.42
C THR N 8 -13.08 -23.05 -14.74
N GLY N 9 -12.65 -22.26 -15.73
CA GLY N 9 -13.26 -22.30 -17.04
C GLY N 9 -14.26 -21.17 -17.24
N ASN N 10 -14.41 -20.34 -16.23
CA ASN N 10 -15.34 -19.22 -16.31
C ASN N 10 -15.00 -18.34 -17.51
N LYS N 11 -16.01 -17.67 -18.06
CA LYS N 11 -15.78 -16.82 -19.21
C LYS N 11 -15.86 -15.33 -18.86
N GLN N 12 -15.45 -14.98 -17.66
CA GLN N 12 -15.50 -13.57 -17.26
C GLN N 12 -14.81 -12.64 -18.24
N SER N 13 -13.74 -13.08 -18.90
CA SER N 13 -13.08 -12.15 -19.80
C SER N 13 -13.24 -12.37 -21.29
N LEU N 14 -13.99 -13.39 -21.68
CA LEU N 14 -14.22 -13.63 -23.09
C LEU N 14 -15.64 -13.23 -23.44
N LEU N 15 -16.47 -13.13 -22.41
CA LEU N 15 -17.87 -12.81 -22.64
C LEU N 15 -18.13 -11.59 -23.55
N PRO N 16 -17.33 -10.53 -23.43
CA PRO N 16 -17.63 -9.40 -24.31
C PRO N 16 -17.43 -9.74 -25.79
N GLU N 17 -16.37 -10.49 -26.07
CA GLU N 17 -16.08 -10.87 -27.43
C GLU N 17 -17.15 -11.89 -27.84
N LEU N 18 -17.49 -12.79 -26.93
CA LEU N 18 -18.51 -13.75 -27.27
C LEU N 18 -19.81 -13.02 -27.67
N LYS N 19 -20.19 -12.00 -26.92
CA LYS N 19 -21.42 -11.27 -27.19
C LYS N 19 -21.56 -10.71 -28.60
N SER N 20 -20.49 -10.19 -29.15
CA SER N 20 -20.57 -9.64 -30.50
C SER N 20 -21.03 -10.68 -31.52
N HIS N 21 -21.02 -11.97 -31.14
CA HIS N 21 -21.45 -13.03 -32.06
C HIS N 21 -22.83 -13.61 -31.73
N PHE N 22 -23.39 -13.21 -30.59
CA PHE N 22 -24.70 -13.69 -30.19
C PHE N 22 -25.81 -13.27 -31.12
N PRO N 23 -26.85 -14.11 -31.25
CA PRO N 23 -28.01 -13.86 -32.10
C PRO N 23 -29.14 -13.27 -31.25
N LYS N 24 -30.26 -12.90 -31.88
CA LYS N 24 -31.41 -12.36 -31.15
C LYS N 24 -32.07 -13.60 -30.53
N TYR N 25 -32.80 -13.46 -29.43
CA TYR N 25 -33.42 -14.64 -28.83
C TYR N 25 -34.57 -14.34 -27.87
N ASN N 26 -35.47 -15.30 -27.69
CA ASN N 26 -36.60 -15.14 -26.80
C ASN N 26 -36.24 -15.71 -25.43
N ARG N 27 -35.19 -16.53 -25.41
CA ARG N 27 -34.68 -17.13 -24.17
C ARG N 27 -33.23 -17.56 -24.36
N PHE N 28 -32.42 -17.29 -23.34
CA PHE N 28 -30.99 -17.64 -23.36
C PHE N 28 -30.80 -18.90 -22.51
N VAL N 29 -30.33 -19.96 -23.14
CA VAL N 29 -30.11 -21.22 -22.45
C VAL N 29 -28.64 -21.47 -22.24
N ASP N 30 -28.21 -21.38 -20.98
CA ASP N 30 -26.82 -21.63 -20.61
C ASP N 30 -26.80 -23.10 -20.17
N LEU N 31 -26.58 -24.03 -21.12
CA LEU N 31 -26.58 -25.47 -20.82
C LEU N 31 -25.64 -25.93 -19.70
N PHE N 32 -24.46 -25.33 -19.62
CA PHE N 32 -23.49 -25.69 -18.58
C PHE N 32 -23.10 -24.40 -17.88
N CYS N 33 -23.97 -23.85 -17.04
CA CYS N 33 -23.75 -22.54 -16.41
C CYS N 33 -22.53 -22.38 -15.48
N GLY N 34 -22.09 -23.46 -14.83
CA GLY N 34 -20.95 -23.35 -13.95
C GLY N 34 -21.12 -22.26 -12.91
N GLY N 35 -20.11 -21.38 -12.83
CA GLY N 35 -20.14 -20.29 -11.86
C GLY N 35 -20.97 -19.08 -12.24
N LEU N 36 -21.76 -19.20 -13.31
CA LEU N 36 -22.66 -18.13 -13.77
C LEU N 36 -22.05 -16.87 -14.40
N SER N 37 -20.78 -16.87 -14.76
CA SER N 37 -20.25 -15.63 -15.36
C SER N 37 -21.06 -15.26 -16.60
N VAL N 38 -21.58 -16.25 -17.33
CA VAL N 38 -22.39 -15.98 -18.51
C VAL N 38 -23.87 -15.71 -18.16
N SER N 39 -24.53 -16.62 -17.45
CA SER N 39 -25.95 -16.45 -17.11
C SER N 39 -26.27 -15.10 -16.52
N LEU N 40 -25.50 -14.70 -15.51
CA LEU N 40 -25.72 -13.43 -14.83
C LEU N 40 -25.49 -12.19 -15.67
N ASN N 41 -24.86 -12.35 -16.81
CA ASN N 41 -24.54 -11.20 -17.60
C ASN N 41 -25.02 -11.14 -19.04
N VAL N 42 -26.16 -11.75 -19.29
CA VAL N 42 -26.75 -11.67 -20.62
C VAL N 42 -28.22 -11.30 -20.41
N ASN N 43 -28.85 -10.72 -21.41
CA ASN N 43 -30.25 -10.37 -21.28
C ASN N 43 -31.13 -11.63 -21.13
N GLY N 44 -32.04 -11.57 -20.16
CA GLY N 44 -32.95 -12.67 -19.88
C GLY N 44 -34.17 -12.76 -20.79
N PRO N 45 -35.06 -13.73 -20.54
CA PRO N 45 -34.93 -14.72 -19.47
C PRO N 45 -33.83 -15.75 -19.77
N VAL N 46 -33.20 -16.21 -18.70
CA VAL N 46 -32.12 -17.17 -18.81
C VAL N 46 -32.47 -18.47 -18.10
N LEU N 47 -32.16 -19.59 -18.74
CA LEU N 47 -32.32 -20.91 -18.15
C LEU N 47 -30.90 -21.40 -17.88
N ALA N 48 -30.51 -21.38 -16.63
CA ALA N 48 -29.15 -21.77 -16.25
C ALA N 48 -29.15 -23.20 -15.77
N ASN N 49 -28.51 -24.06 -16.54
CA ASN N 49 -28.46 -25.47 -16.23
C ASN N 49 -27.07 -26.05 -15.96
N ASP N 50 -26.99 -26.90 -14.94
CA ASP N 50 -25.76 -27.59 -14.65
C ASP N 50 -26.07 -28.92 -13.96
N ILE N 51 -25.30 -29.94 -14.32
CA ILE N 51 -25.48 -31.24 -13.77
C ILE N 51 -25.28 -31.29 -12.25
N GLN N 52 -24.27 -30.57 -11.75
CA GLN N 52 -23.98 -30.56 -10.33
C GLN N 52 -25.10 -29.96 -9.50
N GLU N 53 -26.06 -30.79 -9.13
CA GLU N 53 -27.22 -30.34 -8.38
C GLU N 53 -26.90 -29.58 -7.13
N PRO N 54 -25.87 -30.02 -6.39
CA PRO N 54 -25.60 -29.25 -5.17
C PRO N 54 -25.18 -27.82 -5.44
N ILE N 55 -24.56 -27.55 -6.58
CA ILE N 55 -24.14 -26.19 -6.88
C ILE N 55 -25.37 -25.39 -7.26
N ILE N 56 -26.23 -25.99 -8.07
CA ILE N 56 -27.45 -25.33 -8.47
C ILE N 56 -28.33 -25.00 -7.26
N GLU N 57 -28.44 -25.95 -6.34
CA GLU N 57 -29.26 -25.72 -5.15
C GLU N 57 -28.68 -24.57 -4.38
N MET N 58 -27.36 -24.47 -4.41
CA MET N 58 -26.68 -23.41 -3.71
C MET N 58 -27.13 -22.07 -4.29
N TYR N 59 -27.31 -22.03 -5.60
CA TYR N 59 -27.76 -20.79 -6.23
C TYR N 59 -29.21 -20.48 -5.86
N LYS N 60 -30.07 -21.49 -5.95
CA LYS N 60 -31.47 -21.30 -5.62
C LYS N 60 -31.58 -20.72 -4.22
N ARG N 61 -30.78 -21.25 -3.29
CA ARG N 61 -30.75 -20.76 -1.92
C ARG N 61 -30.23 -19.33 -1.75
N LEU N 62 -29.16 -18.98 -2.45
CA LEU N 62 -28.60 -17.63 -2.32
C LEU N 62 -29.65 -16.58 -2.61
N ILE N 63 -30.56 -16.90 -3.52
CA ILE N 63 -31.64 -16.00 -3.89
C ILE N 63 -32.34 -15.47 -2.63
N ASN N 64 -32.43 -16.36 -1.63
CA ASN N 64 -33.14 -16.06 -0.40
C ASN N 64 -32.34 -15.71 0.85
N VAL N 65 -31.03 -15.55 0.71
CA VAL N 65 -30.24 -15.19 1.88
C VAL N 65 -29.70 -13.80 1.64
N SER N 66 -29.23 -13.16 2.70
CA SER N 66 -28.65 -11.82 2.61
C SER N 66 -27.15 -11.99 2.83
N TRP N 67 -26.35 -10.97 2.49
CA TRP N 67 -24.92 -11.13 2.72
C TRP N 67 -24.71 -11.31 4.21
N ASP N 68 -25.46 -10.55 4.98
CA ASP N 68 -25.33 -10.66 6.41
C ASP N 68 -25.52 -12.08 6.93
N ASP N 69 -26.39 -12.85 6.30
CA ASP N 69 -26.57 -14.21 6.76
C ASP N 69 -25.26 -14.97 6.62
N VAL N 70 -24.56 -14.71 5.52
CA VAL N 70 -23.29 -15.37 5.27
C VAL N 70 -22.26 -15.00 6.35
N LEU N 71 -22.23 -13.72 6.74
CA LEU N 71 -21.30 -13.27 7.76
C LEU N 71 -21.63 -13.95 9.07
N LYS N 72 -22.92 -14.11 9.31
CA LYS N 72 -23.40 -14.74 10.53
C LYS N 72 -22.81 -16.13 10.66
N VAL N 73 -22.76 -16.85 9.53
CA VAL N 73 -22.22 -18.21 9.54
C VAL N 73 -20.72 -18.19 9.74
N ILE N 74 -20.05 -17.30 9.04
CA ILE N 74 -18.61 -17.19 9.16
C ILE N 74 -18.25 -16.92 10.61
N LYS N 75 -19.05 -16.07 11.26
CA LYS N 75 -18.83 -15.69 12.66
C LYS N 75 -19.20 -16.82 13.60
N GLN N 76 -20.26 -17.55 13.25
CA GLN N 76 -20.70 -18.66 14.07
C GLN N 76 -19.67 -19.79 14.16
N TYR N 77 -19.06 -20.17 13.04
CA TYR N 77 -18.07 -21.24 13.08
C TYR N 77 -16.66 -20.68 13.31
N LYS N 78 -16.56 -19.35 13.28
CA LYS N 78 -15.28 -18.66 13.48
C LYS N 78 -14.26 -19.08 12.42
N LEU N 79 -14.59 -18.88 11.16
CA LEU N 79 -13.69 -19.24 10.08
C LEU N 79 -12.67 -18.14 9.81
N SER N 80 -11.48 -18.53 9.41
CA SER N 80 -10.42 -17.58 9.15
C SER N 80 -9.49 -18.14 8.09
N LYS N 81 -8.46 -17.38 7.78
CA LYS N 81 -7.47 -17.77 6.78
C LYS N 81 -6.66 -18.94 7.33
N THR N 82 -6.66 -19.09 8.65
CA THR N 82 -5.92 -20.16 9.32
C THR N 82 -6.78 -20.81 10.41
N SER N 83 -7.96 -21.24 10.03
CA SER N 83 -8.88 -21.88 10.96
C SER N 83 -9.20 -23.25 10.39
N LYS N 84 -8.24 -24.16 10.46
CA LYS N 84 -8.44 -25.48 9.89
C LYS N 84 -9.50 -26.33 10.59
N GLU N 85 -9.35 -26.54 11.89
CA GLU N 85 -10.30 -27.35 12.64
C GLU N 85 -11.76 -26.89 12.48
N GLU N 86 -11.95 -25.59 12.35
CA GLU N 86 -13.30 -25.03 12.20
C GLU N 86 -13.86 -25.35 10.81
N PHE N 87 -13.02 -25.26 9.80
CA PHE N 87 -13.42 -25.57 8.43
C PHE N 87 -13.91 -27.02 8.36
N LEU N 88 -13.17 -27.93 8.99
CA LEU N 88 -13.54 -29.35 9.00
C LEU N 88 -14.88 -29.55 9.69
N LYS N 89 -15.15 -28.73 10.71
CA LYS N 89 -16.42 -28.80 11.44
C LYS N 89 -17.54 -28.32 10.52
N LEU N 90 -17.30 -27.20 9.85
CA LEU N 90 -18.29 -26.66 8.94
C LEU N 90 -18.64 -27.65 7.83
N ARG N 91 -17.68 -28.41 7.34
CA ARG N 91 -18.04 -29.32 6.28
C ARG N 91 -18.62 -30.62 6.81
N GLU N 92 -18.26 -31.01 8.03
CA GLU N 92 -18.85 -32.20 8.62
C GLU N 92 -20.34 -31.90 8.64
N ASP N 93 -20.67 -30.69 9.04
CA ASP N 93 -22.07 -30.30 9.07
C ASP N 93 -22.65 -30.40 7.68
N TYR N 94 -22.09 -29.64 6.73
CA TYR N 94 -22.67 -29.65 5.38
C TYR N 94 -22.93 -31.05 4.86
N ASN N 95 -22.02 -31.98 5.13
CA ASN N 95 -22.22 -33.33 4.62
C ASN N 95 -23.41 -34.06 5.27
N LYS N 96 -23.78 -33.65 6.48
CA LYS N 96 -24.92 -34.23 7.17
C LYS N 96 -26.19 -33.45 6.72
N THR N 97 -26.30 -32.18 7.10
CA THR N 97 -27.46 -31.36 6.73
C THR N 97 -27.64 -31.13 5.23
N ARG N 98 -26.54 -30.91 4.53
CA ARG N 98 -26.60 -30.64 3.09
C ARG N 98 -27.27 -29.27 2.88
N ASP N 99 -27.22 -28.42 3.90
CA ASP N 99 -27.77 -27.08 3.81
C ASP N 99 -26.94 -26.28 2.78
N PRO N 100 -27.55 -25.89 1.64
CA PRO N 100 -26.82 -25.14 0.61
C PRO N 100 -26.10 -23.85 1.05
N LEU N 101 -26.52 -23.25 2.16
CA LEU N 101 -25.84 -22.05 2.60
C LEU N 101 -24.47 -22.43 3.12
N LEU N 102 -24.38 -23.60 3.74
CA LEU N 102 -23.09 -24.06 4.27
C LEU N 102 -22.13 -24.31 3.12
N LEU N 103 -22.62 -24.93 2.06
CA LEU N 103 -21.80 -25.23 0.91
C LEU N 103 -21.18 -23.95 0.41
N TYR N 104 -21.98 -22.88 0.39
CA TYR N 104 -21.52 -21.60 -0.09
C TYR N 104 -20.32 -21.11 0.70
N VAL N 105 -20.52 -20.83 1.99
CA VAL N 105 -19.42 -20.34 2.82
C VAL N 105 -18.24 -21.32 2.77
N LEU N 106 -18.53 -22.62 2.69
CA LEU N 106 -17.49 -23.62 2.61
C LEU N 106 -16.57 -23.33 1.42
N HIS N 107 -17.15 -23.06 0.26
CA HIS N 107 -16.35 -22.83 -0.93
C HIS N 107 -15.32 -21.70 -0.79
N PHE N 108 -15.66 -20.66 -0.04
CA PHE N 108 -14.71 -19.58 0.17
C PHE N 108 -13.46 -20.12 0.86
N HIS N 109 -13.62 -21.13 1.72
CA HIS N 109 -12.50 -21.69 2.51
C HIS N 109 -11.80 -22.92 1.96
N GLY N 110 -12.22 -23.44 0.83
CA GLY N 110 -11.56 -24.63 0.31
C GLY N 110 -10.50 -24.37 -0.73
N PHE N 111 -9.63 -25.34 -0.88
CA PHE N 111 -8.54 -25.27 -1.83
C PHE N 111 -9.03 -24.83 -3.22
N SER N 112 -8.42 -23.77 -3.75
CA SER N 112 -8.77 -23.24 -5.07
C SER N 112 -10.23 -22.87 -5.24
N ASN N 113 -10.93 -22.68 -4.12
CA ASN N 113 -12.35 -22.35 -4.14
C ASN N 113 -13.09 -23.48 -4.84
N MET N 114 -12.47 -24.65 -4.89
CA MET N 114 -13.04 -25.81 -5.55
C MET N 114 -14.19 -26.45 -4.81
N ILE N 115 -15.23 -26.81 -5.55
CA ILE N 115 -16.38 -27.49 -4.97
C ILE N 115 -16.36 -28.89 -5.56
N ARG N 116 -15.86 -29.84 -4.78
CA ARG N 116 -15.77 -31.23 -5.19
C ARG N 116 -16.69 -32.09 -4.33
N ILE N 117 -17.63 -32.76 -5.00
CA ILE N 117 -18.60 -33.59 -4.31
C ILE N 117 -18.44 -35.00 -4.84
N ASN N 118 -18.26 -35.96 -3.93
CA ASN N 118 -18.06 -37.33 -4.38
C ASN N 118 -19.37 -38.05 -4.74
N ASP N 119 -19.25 -39.35 -5.05
CA ASP N 119 -20.41 -40.15 -5.42
C ASP N 119 -21.48 -40.17 -4.34
N LYS N 120 -21.06 -40.07 -3.08
CA LYS N 120 -22.02 -40.08 -1.96
C LYS N 120 -22.56 -38.66 -1.71
N GLY N 121 -22.19 -37.72 -2.57
CA GLY N 121 -22.66 -36.36 -2.42
C GLY N 121 -21.98 -35.55 -1.31
N ASN N 122 -20.80 -35.97 -0.90
CA ASN N 122 -20.09 -35.23 0.14
C ASN N 122 -19.06 -34.26 -0.43
N PHE N 123 -18.86 -33.17 0.30
CA PHE N 123 -17.93 -32.12 -0.07
C PHE N 123 -16.57 -32.56 0.44
N THR N 124 -15.64 -32.86 -0.46
CA THR N 124 -14.33 -33.35 -0.05
C THR N 124 -13.11 -32.47 -0.28
N THR N 125 -13.33 -31.17 -0.46
CA THR N 125 -12.24 -30.24 -0.69
C THR N 125 -11.50 -29.97 0.62
N PRO N 126 -10.17 -29.96 0.59
CA PRO N 126 -9.30 -29.72 1.75
C PRO N 126 -9.26 -28.24 2.11
N PHE N 127 -8.93 -27.94 3.36
CA PHE N 127 -8.85 -26.53 3.75
C PHE N 127 -7.95 -25.77 2.75
N GLY N 128 -8.30 -24.52 2.42
CA GLY N 128 -7.48 -23.78 1.48
C GLY N 128 -6.72 -22.59 2.06
N LYS N 129 -6.64 -22.54 3.39
CA LYS N 129 -5.93 -21.46 4.07
C LYS N 129 -6.40 -20.09 3.53
N ARG N 130 -7.70 -19.97 3.33
CA ARG N 130 -8.29 -18.73 2.82
C ARG N 130 -9.72 -18.57 3.28
N THR N 131 -10.24 -17.35 3.13
CA THR N 131 -11.61 -17.05 3.53
C THR N 131 -12.15 -16.03 2.56
N ILE N 132 -13.19 -15.29 2.95
CA ILE N 132 -13.74 -14.28 2.04
C ILE N 132 -12.76 -13.14 1.81
N ASN N 133 -12.95 -12.41 0.72
CA ASN N 133 -12.10 -11.29 0.39
C ASN N 133 -12.91 -10.12 -0.15
N LYS N 134 -12.23 -8.99 -0.35
CA LYS N 134 -12.87 -7.79 -0.86
C LYS N 134 -13.79 -8.05 -2.04
N ASN N 135 -13.46 -9.08 -2.82
CA ASN N 135 -14.24 -9.44 -4.00
C ASN N 135 -15.44 -10.35 -3.75
N SER N 136 -15.39 -11.13 -2.67
CA SER N 136 -16.47 -12.04 -2.35
C SER N 136 -17.84 -11.37 -2.38
N GLU N 137 -17.98 -10.32 -1.59
CA GLU N 137 -19.25 -9.60 -1.50
C GLU N 137 -19.60 -8.88 -2.79
N LYS N 138 -18.60 -8.47 -3.57
CA LYS N 138 -18.96 -7.81 -4.81
C LYS N 138 -19.66 -8.86 -5.72
N ARG N 139 -19.13 -10.09 -5.77
CA ARG N 139 -19.72 -11.16 -6.58
C ARG N 139 -21.14 -11.42 -6.11
N PHE N 140 -21.26 -11.57 -4.79
CA PHE N 140 -22.54 -11.82 -4.14
C PHE N 140 -23.63 -10.82 -4.49
N ASN N 141 -23.27 -9.53 -4.47
CA ASN N 141 -24.19 -8.45 -4.81
C ASN N 141 -24.53 -8.53 -6.30
N HIS N 142 -23.54 -8.89 -7.11
CA HIS N 142 -23.79 -9.01 -8.54
C HIS N 142 -24.81 -10.12 -8.77
N PHE N 143 -24.71 -11.18 -7.96
CA PHE N 143 -25.63 -12.28 -8.10
C PHE N 143 -27.05 -11.85 -7.73
N LYS N 144 -27.17 -11.18 -6.58
CA LYS N 144 -28.47 -10.73 -6.13
C LYS N 144 -29.05 -9.64 -7.04
N GLN N 145 -28.18 -8.86 -7.67
CA GLN N 145 -28.62 -7.80 -8.56
C GLN N 145 -28.99 -8.30 -9.96
N ASN N 146 -28.77 -9.58 -10.22
CA ASN N 146 -29.05 -10.12 -11.55
C ASN N 146 -29.68 -11.49 -11.62
N CYS N 147 -30.15 -12.03 -10.51
CA CYS N 147 -30.72 -13.37 -10.53
C CYS N 147 -32.23 -13.48 -10.77
N ASP N 148 -32.92 -12.33 -10.85
CA ASP N 148 -34.38 -12.33 -11.08
C ASP N 148 -34.68 -12.86 -12.48
N LYS N 149 -33.77 -12.59 -13.41
CA LYS N 149 -33.96 -13.02 -14.79
C LYS N 149 -33.66 -14.51 -15.02
N ILE N 150 -33.23 -15.21 -13.96
CA ILE N 150 -32.87 -16.62 -14.10
C ILE N 150 -33.82 -17.69 -13.54
N ILE N 151 -33.92 -18.80 -14.27
CA ILE N 151 -34.64 -19.96 -13.84
C ILE N 151 -33.59 -21.04 -13.80
N PHE N 152 -33.30 -21.58 -12.62
CA PHE N 152 -32.26 -22.60 -12.45
C PHE N 152 -32.66 -24.05 -12.68
N SER N 153 -31.79 -24.78 -13.35
CA SER N 153 -32.05 -26.18 -13.62
C SER N 153 -30.78 -27.02 -13.41
N SER N 154 -30.95 -28.25 -12.92
CA SER N 154 -29.81 -29.12 -12.68
C SER N 154 -29.98 -30.48 -13.37
N LEU N 155 -29.76 -30.51 -14.68
CA LEU N 155 -29.91 -31.74 -15.45
C LEU N 155 -28.74 -32.02 -16.36
N HIS N 156 -28.74 -33.27 -16.85
CA HIS N 156 -27.77 -33.66 -17.83
C HIS N 156 -28.20 -32.88 -19.07
N PHE N 157 -27.25 -32.25 -19.77
CA PHE N 157 -27.61 -31.46 -20.92
C PHE N 157 -28.63 -32.18 -21.82
N LYS N 158 -28.63 -33.50 -21.77
CA LYS N 158 -29.55 -34.32 -22.59
C LYS N 158 -31.04 -34.05 -22.30
N ASP N 159 -31.38 -33.83 -21.01
CA ASP N 159 -32.78 -33.65 -20.63
C ASP N 159 -33.30 -32.21 -20.64
N VAL N 160 -32.47 -31.24 -21.00
CA VAL N 160 -32.93 -29.86 -21.01
C VAL N 160 -33.76 -29.65 -22.27
N LYS N 161 -35.03 -29.29 -22.06
CA LYS N 161 -35.95 -29.07 -23.17
C LYS N 161 -35.69 -27.76 -23.90
N ILE N 162 -35.19 -27.86 -25.13
CA ILE N 162 -34.91 -26.68 -25.94
C ILE N 162 -36.11 -26.26 -26.82
N LEU N 163 -36.41 -24.97 -26.80
CA LEU N 163 -37.55 -24.42 -27.55
C LEU N 163 -37.16 -23.49 -28.71
N ASP N 164 -38.12 -23.18 -29.56
CA ASP N 164 -37.86 -22.26 -30.68
C ASP N 164 -37.69 -20.87 -30.12
N GLY N 165 -36.69 -20.16 -30.66
CA GLY N 165 -36.42 -18.83 -30.19
C GLY N 165 -35.31 -18.86 -29.18
N ASP N 166 -34.94 -20.06 -28.75
CA ASP N 166 -33.86 -20.20 -27.79
C ASP N 166 -32.50 -20.03 -28.42
N PHE N 167 -31.58 -19.49 -27.67
CA PHE N 167 -30.19 -19.38 -28.07
C PHE N 167 -29.40 -20.24 -27.07
N VAL N 168 -28.83 -21.33 -27.57
CA VAL N 168 -28.16 -22.23 -26.68
C VAL N 168 -26.69 -21.98 -26.56
N TYR N 169 -26.23 -21.45 -25.43
CA TYR N 169 -24.79 -21.27 -25.25
C TYR N 169 -24.24 -22.49 -24.58
N VAL N 170 -23.28 -23.13 -25.25
CA VAL N 170 -22.66 -24.33 -24.74
C VAL N 170 -21.20 -24.11 -24.42
N ASP N 171 -20.84 -24.32 -23.15
CA ASP N 171 -19.46 -24.23 -22.64
C ASP N 171 -19.26 -25.49 -21.78
N PRO N 172 -19.07 -26.64 -22.44
CA PRO N 172 -18.89 -27.91 -21.75
C PRO N 172 -17.49 -28.14 -21.25
N PRO N 173 -17.30 -29.17 -20.42
CA PRO N 173 -15.96 -29.47 -19.91
C PRO N 173 -15.13 -29.72 -21.14
N TYR N 174 -13.90 -29.20 -21.19
CA TYR N 174 -13.06 -29.44 -22.35
C TYR N 174 -12.28 -30.73 -22.16
N LEU N 175 -12.47 -31.66 -23.08
CA LEU N 175 -11.80 -32.95 -23.04
C LEU N 175 -10.28 -32.84 -22.83
N ILE N 176 -9.68 -31.75 -23.30
CA ILE N 176 -8.20 -31.58 -23.23
C ILE N 176 -7.63 -30.62 -22.17
N THR N 177 -8.35 -30.35 -21.09
CA THR N 177 -7.82 -29.46 -20.06
C THR N 177 -8.11 -30.01 -18.67
N VAL N 178 -7.42 -29.47 -17.68
CA VAL N 178 -7.58 -29.91 -16.31
C VAL N 178 -8.73 -29.24 -15.58
N ALA N 179 -9.58 -30.05 -14.94
CA ALA N 179 -10.72 -29.57 -14.16
C ALA N 179 -11.42 -30.73 -13.49
N ASP N 180 -11.76 -30.58 -12.21
CA ASP N 180 -12.42 -31.64 -11.48
C ASP N 180 -13.68 -32.13 -12.16
N TYR N 181 -14.56 -31.20 -12.52
CA TYR N 181 -15.79 -31.58 -13.16
C TYR N 181 -15.57 -32.32 -14.48
N ASN N 182 -14.32 -32.60 -14.85
CA ASN N 182 -14.07 -33.34 -16.08
C ASN N 182 -14.58 -34.77 -15.91
N LYS N 183 -14.63 -35.22 -14.65
CA LYS N 183 -15.11 -36.57 -14.33
C LYS N 183 -16.49 -36.88 -14.92
N PHE N 184 -17.20 -35.85 -15.37
CA PHE N 184 -18.54 -36.02 -15.96
C PHE N 184 -18.44 -36.08 -17.48
N TRP N 185 -17.26 -35.77 -18.01
CA TRP N 185 -17.09 -35.74 -19.46
C TRP N 185 -16.33 -36.94 -20.00
N SER N 186 -16.80 -37.43 -21.12
CA SER N 186 -16.19 -38.56 -21.80
C SER N 186 -16.11 -38.14 -23.25
N GLU N 187 -15.57 -38.98 -24.11
CA GLU N 187 -15.50 -38.63 -25.52
C GLU N 187 -16.84 -38.97 -26.15
N ASP N 188 -17.63 -39.76 -25.43
CA ASP N 188 -18.95 -40.16 -25.88
C ASP N 188 -19.93 -39.07 -25.53
N GLU N 189 -19.73 -38.44 -24.38
CA GLU N 189 -20.61 -37.34 -23.96
C GLU N 189 -20.41 -36.26 -25.01
N GLU N 190 -19.15 -36.00 -25.34
CA GLU N 190 -18.80 -35.00 -26.35
C GLU N 190 -19.50 -35.31 -27.68
N LYS N 191 -19.40 -36.56 -28.14
CA LYS N 191 -20.05 -36.94 -29.39
C LYS N 191 -21.55 -36.71 -29.26
N ASP N 192 -22.13 -37.16 -28.14
CA ASP N 192 -23.56 -36.98 -27.93
C ASP N 192 -23.96 -35.51 -28.00
N LEU N 193 -23.15 -34.65 -27.39
CA LEU N 193 -23.40 -33.21 -27.37
C LEU N 193 -23.44 -32.66 -28.78
N LEU N 194 -22.38 -32.93 -29.55
CA LEU N 194 -22.32 -32.45 -30.91
C LEU N 194 -23.48 -32.92 -31.77
N ASN N 195 -23.98 -34.12 -31.51
CA ASN N 195 -25.10 -34.60 -32.30
C ASN N 195 -26.26 -33.65 -32.00
N LEU N 196 -26.58 -33.51 -30.71
CA LEU N 196 -27.66 -32.64 -30.25
C LEU N 196 -27.58 -31.26 -30.91
N LEU N 197 -26.37 -30.71 -31.02
CA LEU N 197 -26.21 -29.39 -31.62
C LEU N 197 -26.60 -29.44 -33.08
N ASP N 198 -26.20 -30.51 -33.77
CA ASP N 198 -26.53 -30.62 -35.18
C ASP N 198 -28.04 -30.70 -35.34
N SER N 199 -28.71 -31.23 -34.31
CA SER N 199 -30.17 -31.35 -34.34
C SER N 199 -30.80 -29.99 -34.15
N LEU N 200 -30.23 -29.19 -33.25
CA LEU N 200 -30.74 -27.86 -33.01
C LEU N 200 -30.62 -27.07 -34.33
N ASN N 201 -29.51 -27.27 -35.03
CA ASN N 201 -29.32 -26.57 -36.29
C ASN N 201 -30.45 -26.99 -37.23
N ASP N 202 -30.73 -28.30 -37.29
CA ASP N 202 -31.79 -28.81 -38.15
C ASP N 202 -33.15 -28.19 -37.78
N ARG N 203 -33.39 -28.01 -36.48
CA ARG N 203 -34.63 -27.40 -36.00
C ARG N 203 -34.59 -25.90 -36.23
N GLY N 204 -33.46 -25.38 -36.72
CA GLY N 204 -33.36 -23.96 -36.97
C GLY N 204 -33.09 -23.12 -35.73
N ILE N 205 -32.63 -23.78 -34.66
CA ILE N 205 -32.32 -23.09 -33.41
C ILE N 205 -30.83 -22.71 -33.36
N LYS N 206 -30.56 -21.47 -33.01
CA LYS N 206 -29.20 -20.95 -32.90
C LYS N 206 -28.49 -21.52 -31.67
N PHE N 207 -27.20 -21.79 -31.82
CA PHE N 207 -26.42 -22.30 -30.71
C PHE N 207 -25.02 -21.72 -30.83
N GLY N 208 -24.37 -21.58 -29.69
CA GLY N 208 -23.01 -21.06 -29.65
C GLY N 208 -22.25 -21.97 -28.72
N LEU N 209 -21.13 -22.49 -29.18
CA LEU N 209 -20.41 -23.43 -28.35
C LEU N 209 -18.94 -23.06 -28.10
N SER N 210 -18.54 -22.96 -26.88
CA SER N 210 -17.18 -22.64 -26.50
C SER N 210 -16.29 -23.89 -26.39
N ASN N 211 -14.98 -23.71 -26.54
CA ASN N 211 -14.09 -24.85 -26.44
C ASN N 211 -12.63 -24.43 -26.78
N VAL N 212 -11.77 -25.44 -26.90
CA VAL N 212 -10.38 -25.28 -27.30
C VAL N 212 -10.05 -26.44 -28.21
N LEU N 213 -9.51 -26.12 -29.39
CA LEU N 213 -9.12 -27.12 -30.38
C LEU N 213 -7.73 -27.67 -30.06
N GLU N 214 -6.87 -26.80 -29.53
CA GLU N 214 -5.50 -27.14 -29.13
C GLU N 214 -5.18 -26.55 -27.75
N HIS N 215 -4.15 -27.12 -27.09
CA HIS N 215 -3.78 -26.69 -25.73
C HIS N 215 -2.62 -27.54 -25.19
N HIS N 216 -1.46 -26.95 -25.05
CA HIS N 216 -0.37 -27.72 -24.48
C HIS N 216 0.09 -29.03 -25.20
N GLY N 217 -0.26 -29.26 -26.46
CA GLY N 217 0.25 -30.46 -27.13
C GLY N 217 -0.79 -31.33 -27.85
N LYS N 218 -1.86 -31.63 -27.11
CA LYS N 218 -2.99 -32.43 -27.63
C LYS N 218 -3.89 -31.56 -28.51
N GLU N 219 -4.65 -32.20 -29.39
CA GLU N 219 -5.55 -31.50 -30.28
C GLU N 219 -6.87 -32.26 -30.27
N ASN N 220 -7.97 -31.53 -30.46
CA ASN N 220 -9.29 -32.17 -30.49
C ASN N 220 -9.65 -32.37 -31.96
N THR N 221 -9.13 -33.45 -32.51
CA THR N 221 -9.31 -33.84 -33.90
C THR N 221 -10.76 -33.85 -34.33
N LEU N 222 -11.62 -34.51 -33.57
CA LEU N 222 -13.03 -34.60 -33.92
C LEU N 222 -13.68 -33.22 -34.06
N LEU N 223 -13.55 -32.42 -33.00
CA LEU N 223 -14.10 -31.09 -32.94
C LEU N 223 -13.59 -30.21 -34.08
N LYS N 224 -12.26 -30.16 -34.24
CA LYS N 224 -11.67 -29.34 -35.29
C LYS N 224 -12.30 -29.70 -36.65
N GLU N 225 -12.70 -30.96 -36.82
CA GLU N 225 -13.31 -31.40 -38.07
C GLU N 225 -14.75 -30.95 -38.13
N TRP N 226 -15.47 -31.14 -37.03
CA TRP N 226 -16.87 -30.76 -36.93
C TRP N 226 -17.03 -29.27 -37.13
N SER N 227 -16.16 -28.49 -36.50
CA SER N 227 -16.24 -27.04 -36.60
C SER N 227 -16.33 -26.56 -38.06
N LYS N 228 -15.65 -27.24 -38.96
CA LYS N 228 -15.64 -26.86 -40.37
C LYS N 228 -17.06 -26.79 -40.96
N LYS N 229 -18.06 -27.22 -40.19
CA LYS N 229 -19.46 -27.20 -40.61
C LYS N 229 -20.15 -25.91 -40.13
N TYR N 230 -19.43 -25.06 -39.41
CA TYR N 230 -20.00 -23.83 -38.86
C TYR N 230 -19.08 -22.61 -38.84
N ASN N 231 -19.56 -21.54 -38.21
CA ASN N 231 -18.78 -20.33 -38.09
C ASN N 231 -17.81 -20.55 -36.95
N VAL N 232 -16.60 -20.02 -37.09
CA VAL N 232 -15.59 -20.19 -36.07
C VAL N 232 -14.87 -18.91 -35.78
N LYS N 233 -14.63 -18.68 -34.50
CA LYS N 233 -13.94 -17.50 -34.04
C LYS N 233 -12.87 -17.90 -33.05
N HIS N 234 -11.62 -17.58 -33.40
CA HIS N 234 -10.47 -17.86 -32.56
C HIS N 234 -10.39 -16.72 -31.59
N LEU N 235 -10.23 -17.00 -30.32
CA LEU N 235 -10.21 -15.95 -29.32
C LEU N 235 -8.87 -15.65 -28.71
N ASN N 236 -7.97 -16.63 -28.72
CA ASN N 236 -6.66 -16.43 -28.15
C ASN N 236 -5.96 -15.42 -29.04
N LYS N 237 -5.73 -14.22 -28.50
CA LYS N 237 -5.05 -13.17 -29.26
C LYS N 237 -3.57 -13.50 -29.48
N LYS N 238 -3.02 -14.29 -28.57
CA LYS N 238 -1.62 -14.70 -28.66
C LYS N 238 -1.44 -15.82 -29.68
N TYR N 239 -2.43 -16.72 -29.77
CA TYR N 239 -2.38 -17.83 -30.72
C TYR N 239 -2.58 -17.23 -32.13
N VAL N 240 -3.24 -16.07 -32.15
CA VAL N 240 -3.51 -15.35 -33.38
C VAL N 240 -2.24 -14.69 -33.91
N PHE N 241 -1.54 -13.94 -33.06
CA PHE N 241 -0.30 -13.29 -33.46
C PHE N 241 0.85 -14.29 -33.66
N ASN N 242 0.78 -15.43 -32.96
CA ASN N 242 1.81 -16.46 -33.08
C ASN N 242 1.61 -17.24 -34.38
N ILE N 243 0.86 -16.64 -35.30
CA ILE N 243 0.59 -17.22 -36.60
C ILE N 243 0.82 -16.08 -37.59
N TYR N 244 1.71 -15.16 -37.20
CA TYR N 244 2.07 -13.99 -38.00
C TYR N 244 3.20 -13.22 -37.31
N ASN N 250 3.53 -26.25 -26.95
CA ASN N 250 2.31 -25.67 -26.42
C ASN N 250 1.63 -24.69 -27.39
N GLY N 251 0.39 -24.32 -27.06
CA GLY N 251 -0.38 -23.41 -27.89
C GLY N 251 -1.86 -23.57 -27.60
N THR N 252 -2.50 -22.49 -27.15
CA THR N 252 -3.92 -22.53 -26.82
C THR N 252 -4.81 -21.92 -27.90
N ASP N 253 -5.84 -22.67 -28.28
CA ASP N 253 -6.76 -22.20 -29.31
C ASP N 253 -8.19 -22.20 -28.80
N GLU N 254 -8.55 -21.13 -28.09
CA GLU N 254 -9.90 -21.02 -27.57
C GLU N 254 -10.77 -20.59 -28.73
N VAL N 255 -11.89 -21.27 -28.91
CA VAL N 255 -12.76 -20.94 -30.02
C VAL N 255 -14.23 -20.87 -29.67
N TYR N 256 -14.96 -20.13 -30.46
CA TYR N 256 -16.38 -20.05 -30.34
C TYR N 256 -16.90 -20.51 -31.68
N ILE N 257 -17.64 -21.60 -31.70
CA ILE N 257 -18.20 -22.18 -32.89
C ILE N 257 -19.69 -22.01 -32.94
N PHE N 258 -20.22 -21.47 -34.02
CA PHE N 258 -21.67 -21.21 -34.04
C PHE N 258 -22.41 -21.17 -35.38
N ASN N 259 -23.71 -21.39 -35.31
CA ASN N 259 -24.56 -21.33 -36.49
C ASN N 259 -25.20 -19.94 -36.51
N MET O 1 12.92 -74.18 -8.30
CA MET O 1 13.12 -75.65 -8.33
C MET O 1 12.08 -76.37 -9.21
N LEU O 2 12.22 -76.17 -10.52
CA LEU O 2 11.33 -76.80 -11.48
C LEU O 2 11.74 -78.28 -11.72
N GLY O 3 10.81 -79.04 -12.28
CA GLY O 3 11.08 -80.43 -12.62
C GLY O 3 11.07 -80.46 -14.14
N ALA O 4 11.47 -81.59 -14.73
CA ALA O 4 11.48 -81.71 -16.18
C ALA O 4 10.11 -81.47 -16.85
N ILE O 5 9.05 -82.01 -16.27
CA ILE O 5 7.69 -81.87 -16.80
C ILE O 5 6.69 -81.73 -15.64
N ALA O 6 5.48 -81.25 -15.95
CA ALA O 6 4.44 -81.14 -14.93
C ALA O 6 4.17 -82.57 -14.44
N TYR O 7 3.91 -82.75 -13.14
CA TYR O 7 3.71 -84.11 -12.68
C TYR O 7 2.91 -84.26 -11.37
N THR O 8 1.84 -85.03 -11.44
CA THR O 8 0.98 -85.27 -10.28
C THR O 8 1.77 -85.68 -9.04
N GLY O 9 1.57 -84.95 -7.94
CA GLY O 9 2.26 -85.28 -6.72
C GLY O 9 3.74 -84.93 -6.68
N ASN O 10 4.15 -83.97 -7.50
CA ASN O 10 5.54 -83.59 -7.52
C ASN O 10 5.88 -82.88 -6.22
N LYS O 11 7.17 -82.66 -5.98
CA LYS O 11 7.65 -81.99 -4.78
C LYS O 11 8.34 -80.66 -5.08
N GLN O 12 7.94 -79.98 -6.16
CA GLN O 12 8.59 -78.71 -6.51
C GLN O 12 8.72 -77.71 -5.34
N SER O 13 7.72 -77.68 -4.47
CA SER O 13 7.73 -76.75 -3.33
C SER O 13 8.28 -77.30 -2.00
N LEU O 14 8.05 -78.57 -1.72
CA LEU O 14 8.51 -79.16 -0.47
C LEU O 14 10.01 -79.48 -0.46
N LEU O 15 10.65 -79.43 -1.63
CA LEU O 15 12.08 -79.72 -1.75
C LEU O 15 12.96 -78.88 -0.82
N PRO O 16 12.71 -77.56 -0.77
CA PRO O 16 13.50 -76.67 0.10
C PRO O 16 13.44 -77.12 1.55
N GLU O 17 12.21 -77.27 2.05
CA GLU O 17 11.99 -77.72 3.42
C GLU O 17 12.70 -79.06 3.65
N LEU O 18 12.40 -80.03 2.79
CA LEU O 18 13.02 -81.36 2.88
C LEU O 18 14.55 -81.33 2.79
N LYS O 19 15.08 -80.54 1.87
CA LYS O 19 16.53 -80.43 1.67
C LYS O 19 17.30 -80.14 2.96
N SER O 20 16.56 -79.86 4.03
CA SER O 20 17.15 -79.55 5.34
C SER O 20 17.53 -80.80 6.11
N HIS O 21 17.03 -81.94 5.65
CA HIS O 21 17.26 -83.22 6.33
C HIS O 21 18.11 -84.25 5.58
N PHE O 22 18.77 -83.84 4.50
CA PHE O 22 19.61 -84.76 3.73
C PHE O 22 21.04 -84.80 4.26
N PRO O 23 21.57 -86.00 4.53
CA PRO O 23 22.93 -86.19 5.05
C PRO O 23 24.01 -86.11 3.97
N LYS O 24 25.25 -86.35 4.36
CA LYS O 24 26.36 -86.35 3.40
C LYS O 24 26.12 -87.57 2.54
N TYR O 25 26.63 -87.57 1.30
CA TYR O 25 26.41 -88.73 0.44
C TYR O 25 27.20 -88.77 -0.87
N ASN O 26 27.59 -89.97 -1.26
CA ASN O 26 28.31 -90.17 -2.51
C ASN O 26 27.31 -90.25 -3.67
N ARG O 27 26.04 -90.46 -3.32
CA ARG O 27 25.04 -90.56 -4.35
C ARG O 27 23.65 -90.40 -3.80
N PHE O 28 22.83 -89.68 -4.55
CA PHE O 28 21.45 -89.45 -4.17
C PHE O 28 20.59 -90.41 -4.98
N VAL O 29 19.90 -91.31 -4.29
CA VAL O 29 19.06 -92.28 -4.98
C VAL O 29 17.62 -91.86 -4.91
N ASP O 30 17.12 -91.35 -6.02
CA ASP O 30 15.73 -90.90 -6.13
C ASP O 30 14.89 -92.03 -6.73
N LEU O 31 14.40 -92.90 -5.85
CA LEU O 31 13.71 -94.15 -6.27
C LEU O 31 12.40 -94.05 -7.03
N PHE O 32 11.62 -93.00 -6.83
CA PHE O 32 10.35 -92.88 -7.55
C PHE O 32 10.37 -91.50 -8.22
N CYS O 33 11.46 -91.25 -8.94
CA CYS O 33 11.75 -89.97 -9.60
C CYS O 33 10.62 -89.22 -10.36
N GLY O 34 9.66 -89.95 -10.91
CA GLY O 34 8.57 -89.29 -11.62
C GLY O 34 9.03 -88.09 -12.42
N GLY O 35 8.41 -86.93 -12.15
CA GLY O 35 8.72 -85.70 -12.86
C GLY O 35 10.11 -85.09 -12.70
N LEU O 36 10.96 -85.69 -11.88
CA LEU O 36 12.32 -85.22 -11.67
C LEU O 36 12.49 -83.94 -10.86
N SER O 37 11.39 -83.36 -10.39
CA SER O 37 11.49 -82.13 -9.62
C SER O 37 12.52 -82.27 -8.51
N VAL O 38 12.78 -83.49 -8.07
CA VAL O 38 13.77 -83.68 -7.03
C VAL O 38 15.14 -83.90 -7.66
N SER O 39 15.26 -84.96 -8.45
CA SER O 39 16.52 -85.33 -9.11
C SER O 39 17.27 -84.19 -9.77
N LEU O 40 16.55 -83.36 -10.53
CA LEU O 40 17.21 -82.24 -11.17
C LEU O 40 17.80 -81.24 -10.18
N ASN O 41 17.14 -81.09 -9.04
CA ASN O 41 17.52 -80.04 -8.06
C ASN O 41 18.32 -80.47 -6.81
N VAL O 42 18.97 -81.63 -6.85
CA VAL O 42 19.74 -82.05 -5.68
C VAL O 42 21.20 -82.16 -6.07
N ASN O 43 22.08 -82.23 -5.07
CA ASN O 43 23.51 -82.34 -5.38
C ASN O 43 23.81 -83.75 -5.88
N GLY O 44 24.46 -83.84 -7.04
CA GLY O 44 24.79 -85.13 -7.62
C GLY O 44 25.87 -85.88 -6.87
N PRO O 45 26.27 -87.09 -7.32
CA PRO O 45 25.72 -87.79 -8.48
C PRO O 45 24.30 -88.19 -8.16
N VAL O 46 23.49 -88.38 -9.18
CA VAL O 46 22.11 -88.76 -8.96
C VAL O 46 21.65 -89.93 -9.80
N LEU O 47 21.07 -90.92 -9.11
CA LEU O 47 20.49 -92.09 -9.77
C LEU O 47 18.99 -91.81 -9.72
N ALA O 48 18.42 -91.48 -10.87
CA ALA O 48 16.99 -91.22 -10.96
C ALA O 48 16.34 -92.49 -11.49
N ASN O 49 15.49 -93.11 -10.68
CA ASN O 49 14.80 -94.33 -11.07
C ASN O 49 13.30 -94.25 -10.98
N ASP O 50 12.63 -94.77 -11.99
CA ASP O 50 11.17 -94.82 -12.02
C ASP O 50 10.80 -96.07 -12.83
N ILE O 51 9.67 -96.66 -12.50
CA ILE O 51 9.23 -97.89 -13.15
C ILE O 51 8.63 -97.68 -14.53
N GLN O 52 8.23 -96.46 -14.82
CA GLN O 52 7.63 -96.18 -16.12
C GLN O 52 8.66 -96.00 -17.24
N GLU O 53 9.16 -97.13 -17.75
CA GLU O 53 10.19 -97.13 -18.78
C GLU O 53 10.02 -96.06 -19.88
N PRO O 54 8.83 -95.98 -20.48
CA PRO O 54 8.65 -94.97 -21.54
C PRO O 54 9.02 -93.54 -21.14
N ILE O 55 8.87 -93.20 -19.86
CA ILE O 55 9.18 -91.86 -19.36
C ILE O 55 10.69 -91.71 -19.13
N ILE O 56 11.30 -92.74 -18.56
CA ILE O 56 12.73 -92.75 -18.35
C ILE O 56 13.41 -92.70 -19.74
N GLU O 57 12.81 -93.38 -20.71
CA GLU O 57 13.34 -93.39 -22.06
C GLU O 57 13.23 -92.02 -22.70
N MET O 58 12.23 -91.27 -22.25
CA MET O 58 12.00 -89.92 -22.74
C MET O 58 13.16 -89.03 -22.26
N TYR O 59 13.50 -89.16 -20.99
CA TYR O 59 14.58 -88.35 -20.44
C TYR O 59 15.86 -88.62 -21.18
N LYS O 60 16.22 -89.90 -21.25
CA LYS O 60 17.43 -90.32 -21.94
C LYS O 60 17.51 -89.74 -23.35
N ARG O 61 16.37 -89.59 -24.01
CA ARG O 61 16.33 -89.02 -25.34
C ARG O 61 16.46 -87.50 -25.29
N LEU O 62 15.89 -86.87 -24.26
CA LEU O 62 15.98 -85.41 -24.15
C LEU O 62 17.40 -84.90 -23.94
N ILE O 63 18.22 -85.70 -23.29
CA ILE O 63 19.60 -85.35 -23.04
C ILE O 63 20.27 -84.86 -24.31
N ASN O 64 19.98 -85.51 -25.44
CA ASN O 64 20.61 -85.08 -26.71
C ASN O 64 19.69 -84.40 -27.73
N VAL O 65 18.69 -83.66 -27.26
CA VAL O 65 17.83 -82.93 -28.21
C VAL O 65 17.85 -81.45 -27.84
N SER O 66 17.43 -80.63 -28.79
CA SER O 66 17.41 -79.21 -28.56
C SER O 66 15.97 -78.74 -28.63
N TRP O 67 15.72 -77.55 -28.09
CA TRP O 67 14.39 -76.98 -28.09
C TRP O 67 13.87 -76.85 -29.51
N ASP O 68 14.76 -76.53 -30.45
CA ASP O 68 14.34 -76.38 -31.84
C ASP O 68 13.89 -77.73 -32.39
N ASP O 69 14.52 -78.80 -31.89
CA ASP O 69 14.15 -80.14 -32.30
C ASP O 69 12.68 -80.28 -31.87
N VAL O 70 12.40 -79.93 -30.62
CA VAL O 70 11.06 -79.98 -30.04
C VAL O 70 10.07 -79.14 -30.87
N LEU O 71 10.36 -77.85 -31.03
CA LEU O 71 9.49 -76.97 -31.79
C LEU O 71 9.37 -77.45 -33.22
N LYS O 72 10.40 -78.10 -33.74
CA LYS O 72 10.30 -78.57 -35.12
C LYS O 72 9.17 -79.62 -35.23
N VAL O 73 9.04 -80.50 -34.23
CA VAL O 73 8.00 -81.54 -34.20
C VAL O 73 6.63 -80.87 -34.07
N ILE O 74 6.54 -79.89 -33.17
CA ILE O 74 5.32 -79.14 -32.98
C ILE O 74 4.91 -78.55 -34.32
N LYS O 75 5.90 -78.15 -35.11
CA LYS O 75 5.62 -77.57 -36.41
C LYS O 75 5.26 -78.62 -37.48
N GLN O 76 5.81 -79.83 -37.38
CA GLN O 76 5.49 -80.83 -38.39
C GLN O 76 4.08 -81.34 -38.22
N TYR O 77 3.52 -81.20 -37.02
CA TYR O 77 2.16 -81.66 -36.74
C TYR O 77 1.11 -80.56 -36.62
N LYS O 78 1.55 -79.31 -36.73
CA LYS O 78 0.64 -78.16 -36.65
C LYS O 78 -0.22 -78.26 -35.41
N LEU O 79 0.44 -78.40 -34.27
CA LEU O 79 -0.22 -78.52 -32.99
C LEU O 79 -0.55 -77.14 -32.43
N SER O 80 -1.46 -77.11 -31.45
CA SER O 80 -1.89 -75.87 -30.81
C SER O 80 -2.91 -76.17 -29.71
N LYS O 81 -3.47 -75.12 -29.13
CA LYS O 81 -4.46 -75.30 -28.07
C LYS O 81 -5.74 -75.93 -28.67
N THR O 82 -5.96 -75.74 -29.97
CA THR O 82 -7.14 -76.29 -30.63
C THR O 82 -6.80 -77.13 -31.86
N SER O 83 -6.30 -78.35 -31.63
CA SER O 83 -5.95 -79.26 -32.72
C SER O 83 -5.98 -80.72 -32.27
N LYS O 84 -7.18 -81.22 -31.96
CA LYS O 84 -7.33 -82.61 -31.52
C LYS O 84 -7.07 -83.60 -32.65
N GLU O 85 -7.36 -83.22 -33.90
CA GLU O 85 -7.12 -84.15 -35.00
C GLU O 85 -5.63 -84.39 -35.17
N GLU O 86 -4.83 -83.32 -35.04
CA GLU O 86 -3.38 -83.42 -35.17
C GLU O 86 -2.80 -84.16 -33.97
N PHE O 87 -3.31 -83.86 -32.79
CA PHE O 87 -2.85 -84.51 -31.56
C PHE O 87 -2.99 -86.01 -31.75
N LEU O 88 -4.17 -86.43 -32.19
CA LEU O 88 -4.46 -87.84 -32.42
C LEU O 88 -3.41 -88.46 -33.32
N LYS O 89 -3.03 -87.72 -34.36
CA LYS O 89 -2.05 -88.18 -35.33
C LYS O 89 -0.65 -88.36 -34.70
N LEU O 90 -0.27 -87.46 -33.81
CA LEU O 90 1.02 -87.56 -33.18
C LEU O 90 1.04 -88.82 -32.33
N ARG O 91 -0.06 -89.02 -31.60
CA ARG O 91 -0.22 -90.19 -30.72
C ARG O 91 -0.14 -91.49 -31.53
N GLU O 92 -0.79 -91.51 -32.71
CA GLU O 92 -0.75 -92.68 -33.57
C GLU O 92 0.75 -92.90 -33.85
N ASP O 93 1.38 -91.89 -34.45
CA ASP O 93 2.80 -91.94 -34.74
C ASP O 93 3.67 -92.32 -33.53
N TYR O 94 3.37 -91.80 -32.35
CA TYR O 94 4.19 -92.20 -31.20
C TYR O 94 3.96 -93.65 -30.83
N ASN O 95 2.70 -94.03 -30.68
CA ASN O 95 2.41 -95.40 -30.31
C ASN O 95 3.04 -96.35 -31.32
N LYS O 96 2.98 -95.99 -32.60
CA LYS O 96 3.57 -96.83 -33.63
C LYS O 96 5.08 -96.96 -33.48
N THR O 97 5.80 -95.86 -33.70
CA THR O 97 7.25 -95.82 -33.63
C THR O 97 7.93 -95.88 -32.27
N ARG O 98 7.30 -95.28 -31.27
CA ARG O 98 7.83 -95.23 -29.88
C ARG O 98 9.00 -94.27 -29.66
N ASP O 99 9.18 -93.33 -30.61
CA ASP O 99 10.23 -92.32 -30.53
C ASP O 99 9.95 -91.36 -29.33
N PRO O 100 10.69 -91.53 -28.21
CA PRO O 100 10.53 -90.72 -26.99
C PRO O 100 10.36 -89.21 -27.20
N LEU O 101 10.97 -88.66 -28.24
CA LEU O 101 10.82 -87.24 -28.47
C LEU O 101 9.32 -86.94 -28.66
N LEU O 102 8.63 -87.77 -29.42
CA LEU O 102 7.21 -87.56 -29.66
C LEU O 102 6.43 -87.63 -28.35
N LEU O 103 6.80 -88.57 -27.48
CA LEU O 103 6.13 -88.70 -26.20
C LEU O 103 6.29 -87.39 -25.42
N TYR O 104 7.42 -86.73 -25.59
CA TYR O 104 7.66 -85.49 -24.87
C TYR O 104 6.79 -84.35 -25.39
N VAL O 105 6.67 -84.22 -26.70
CA VAL O 105 5.84 -83.13 -27.21
C VAL O 105 4.38 -83.50 -26.95
N LEU O 106 4.10 -84.79 -26.89
CA LEU O 106 2.75 -85.28 -26.66
C LEU O 106 2.19 -84.79 -25.31
N HIS O 107 3.00 -84.88 -24.26
CA HIS O 107 2.57 -84.49 -22.92
C HIS O 107 2.23 -83.01 -22.79
N PHE O 108 2.72 -82.19 -23.72
CA PHE O 108 2.41 -80.77 -23.66
C PHE O 108 0.95 -80.52 -24.05
N HIS O 109 0.39 -81.44 -24.83
CA HIS O 109 -0.99 -81.32 -25.31
C HIS O 109 -1.99 -82.32 -24.73
N GLY O 110 -1.60 -83.01 -23.67
CA GLY O 110 -2.50 -83.98 -23.09
C GLY O 110 -3.31 -83.50 -21.90
N PHE O 111 -4.40 -84.23 -21.65
CA PHE O 111 -5.28 -83.93 -20.55
C PHE O 111 -4.43 -83.76 -19.30
N SER O 112 -4.36 -82.52 -18.81
CA SER O 112 -3.60 -82.18 -17.61
C SER O 112 -2.15 -82.64 -17.69
N ASN O 113 -1.60 -82.63 -18.90
CA ASN O 113 -0.21 -83.04 -19.14
C ASN O 113 0.05 -84.40 -18.52
N MET O 114 -1.00 -85.22 -18.43
CA MET O 114 -0.86 -86.55 -17.85
C MET O 114 -0.27 -87.47 -18.90
N ILE O 115 0.57 -88.37 -18.44
CA ILE O 115 1.18 -89.35 -19.30
C ILE O 115 0.59 -90.69 -18.88
N ARG O 116 -0.21 -91.28 -19.76
CA ARG O 116 -0.80 -92.56 -19.46
C ARG O 116 -0.37 -93.54 -20.54
N ILE O 117 0.05 -94.71 -20.08
CA ILE O 117 0.52 -95.78 -20.96
C ILE O 117 -0.07 -97.10 -20.47
N ASN O 118 -0.77 -97.80 -21.38
CA ASN O 118 -1.40 -99.08 -21.06
C ASN O 118 -0.43 -100.28 -21.16
N ASP O 119 -0.96 -101.49 -21.09
CA ASP O 119 -0.12 -102.69 -21.17
C ASP O 119 0.54 -102.85 -22.53
N LYS O 120 -0.17 -102.50 -23.60
CA LYS O 120 0.40 -102.62 -24.94
C LYS O 120 1.48 -101.56 -25.09
N GLY O 121 1.70 -100.77 -24.03
CA GLY O 121 2.71 -99.74 -24.05
C GLY O 121 2.35 -98.54 -24.92
N ASN O 122 1.07 -98.18 -24.96
CA ASN O 122 0.64 -97.04 -25.75
C ASN O 122 0.18 -95.88 -24.91
N PHE O 123 0.26 -94.69 -25.51
CA PHE O 123 -0.13 -93.44 -24.88
C PHE O 123 -1.62 -93.28 -25.19
N THR O 124 -2.44 -93.16 -24.16
CA THR O 124 -3.89 -93.06 -24.38
C THR O 124 -4.57 -91.83 -23.77
N THR O 125 -3.75 -90.92 -23.23
CA THR O 125 -4.23 -89.68 -22.65
C THR O 125 -4.89 -88.95 -23.79
N PRO O 126 -6.05 -88.33 -23.53
CA PRO O 126 -6.71 -87.60 -24.62
C PRO O 126 -6.26 -86.13 -24.65
N PHE O 127 -6.57 -85.46 -25.78
CA PHE O 127 -6.22 -84.06 -25.97
C PHE O 127 -6.52 -83.26 -24.70
N GLY O 128 -5.66 -82.30 -24.39
CA GLY O 128 -5.87 -81.52 -23.18
C GLY O 128 -6.19 -80.06 -23.44
N LYS O 129 -6.58 -79.73 -24.67
CA LYS O 129 -6.91 -78.35 -25.03
C LYS O 129 -5.75 -77.46 -24.60
N ARG O 130 -4.53 -77.83 -25.01
CA ARG O 130 -3.34 -77.07 -24.63
C ARG O 130 -2.11 -77.45 -25.45
N THR O 131 -1.09 -76.59 -25.41
CA THR O 131 0.14 -76.83 -26.11
C THR O 131 1.23 -76.17 -25.28
N ILE O 132 2.45 -76.04 -25.79
CA ILE O 132 3.53 -75.44 -25.01
C ILE O 132 3.21 -74.03 -24.53
N ASN O 133 3.84 -73.61 -23.44
CA ASN O 133 3.60 -72.27 -22.90
C ASN O 133 4.91 -71.55 -22.55
N LYS O 134 4.81 -70.41 -21.87
CA LYS O 134 6.01 -69.66 -21.52
C LYS O 134 6.67 -70.22 -20.27
N ASN O 135 6.52 -71.52 -20.09
CA ASN O 135 7.09 -72.20 -18.93
C ASN O 135 7.65 -73.55 -19.39
N SER O 136 7.39 -73.87 -20.65
CA SER O 136 7.86 -75.11 -21.27
C SER O 136 9.35 -75.06 -21.56
N GLU O 137 9.76 -74.17 -22.46
CA GLU O 137 11.18 -74.05 -22.79
C GLU O 137 12.04 -73.79 -21.55
N LYS O 138 11.46 -73.14 -20.53
CA LYS O 138 12.23 -72.88 -19.32
C LYS O 138 12.50 -74.19 -18.60
N ARG O 139 11.45 -74.99 -18.47
CA ARG O 139 11.53 -76.29 -17.82
C ARG O 139 12.54 -77.18 -18.55
N PHE O 140 12.43 -77.15 -19.87
CA PHE O 140 13.31 -77.91 -20.71
C PHE O 140 14.75 -77.45 -20.47
N ASN O 141 14.98 -76.13 -20.52
CA ASN O 141 16.32 -75.61 -20.26
C ASN O 141 16.75 -76.03 -18.86
N HIS O 142 15.81 -76.05 -17.92
CA HIS O 142 16.18 -76.44 -16.58
C HIS O 142 16.68 -77.88 -16.57
N PHE O 143 16.05 -78.72 -17.40
CA PHE O 143 16.41 -80.13 -17.50
C PHE O 143 17.84 -80.27 -18.03
N LYS O 144 18.03 -79.74 -19.23
CA LYS O 144 19.28 -79.77 -19.92
C LYS O 144 20.46 -79.26 -19.10
N GLN O 145 20.26 -78.14 -18.41
CA GLN O 145 21.30 -77.54 -17.59
C GLN O 145 21.57 -78.29 -16.31
N ASN O 146 20.79 -79.34 -16.04
CA ASN O 146 20.96 -80.10 -14.80
C ASN O 146 20.94 -81.61 -14.90
N CYS O 147 20.72 -82.12 -16.10
CA CYS O 147 20.65 -83.56 -16.33
C CYS O 147 21.98 -84.29 -16.34
N ASP O 148 23.08 -83.56 -16.46
CA ASP O 148 24.39 -84.19 -16.52
C ASP O 148 24.83 -85.00 -15.31
N LYS O 149 24.26 -84.72 -14.15
CA LYS O 149 24.62 -85.44 -12.94
C LYS O 149 23.73 -86.66 -12.80
N ILE O 150 22.95 -86.92 -13.86
CA ILE O 150 22.01 -88.03 -13.76
C ILE O 150 22.28 -89.24 -14.60
N ILE O 151 22.02 -90.30 -13.89
CA ILE O 151 22.05 -91.61 -14.40
C ILE O 151 20.64 -92.11 -14.27
N PHE O 152 19.99 -92.37 -15.40
CA PHE O 152 18.60 -92.79 -15.34
C PHE O 152 18.42 -94.27 -15.13
N SER O 153 17.23 -94.68 -14.78
CA SER O 153 16.98 -96.07 -14.50
C SER O 153 15.50 -96.37 -14.48
N SER O 154 15.13 -97.56 -14.93
CA SER O 154 13.73 -97.94 -14.96
C SER O 154 13.57 -99.37 -14.46
N LEU O 155 13.61 -99.51 -13.15
CA LEU O 155 13.47 -100.80 -12.49
C LEU O 155 12.47 -100.66 -11.36
N HIS O 156 12.07 -101.80 -10.80
CA HIS O 156 11.15 -101.80 -9.68
C HIS O 156 12.01 -101.27 -8.53
N PHE O 157 11.43 -100.46 -7.64
CA PHE O 157 12.19 -99.93 -6.52
C PHE O 157 12.88 -101.01 -5.71
N LYS O 158 12.27 -102.19 -5.61
CA LYS O 158 12.86 -103.28 -4.82
C LYS O 158 13.98 -104.01 -5.52
N ASP O 159 14.18 -103.72 -6.80
CA ASP O 159 15.23 -104.37 -7.57
C ASP O 159 16.38 -103.45 -7.93
N VAL O 160 16.56 -102.41 -7.13
CA VAL O 160 17.63 -101.46 -7.36
C VAL O 160 18.76 -101.69 -6.33
N LYS O 161 19.98 -101.90 -6.81
CA LYS O 161 21.10 -102.11 -5.90
C LYS O 161 21.42 -100.82 -5.14
N ILE O 162 21.53 -100.91 -3.82
CA ILE O 162 21.86 -99.76 -2.99
C ILE O 162 23.32 -99.91 -2.55
N LEU O 163 24.11 -98.86 -2.74
CA LEU O 163 25.52 -98.90 -2.37
C LEU O 163 25.76 -98.21 -1.02
N ASP O 164 26.99 -98.30 -0.50
CA ASP O 164 27.30 -97.64 0.76
C ASP O 164 27.43 -96.14 0.47
N GLY O 165 26.97 -95.32 1.41
CA GLY O 165 27.08 -93.88 1.20
C GLY O 165 25.92 -93.33 0.39
N ASP O 166 25.02 -94.19 -0.01
CA ASP O 166 23.88 -93.71 -0.74
C ASP O 166 22.89 -93.11 0.24
N PHE O 167 22.16 -92.14 -0.21
CA PHE O 167 21.08 -91.52 0.55
C PHE O 167 19.85 -91.89 -0.22
N VAL O 168 18.88 -92.56 0.38
CA VAL O 168 17.74 -92.98 -0.45
C VAL O 168 16.48 -92.16 -0.24
N TYR O 169 16.12 -91.39 -1.27
CA TYR O 169 14.90 -90.60 -1.17
C TYR O 169 13.73 -91.35 -1.77
N VAL O 170 12.71 -91.56 -0.96
CA VAL O 170 11.55 -92.32 -1.39
C VAL O 170 10.30 -91.45 -1.45
N ASP O 171 9.51 -91.58 -2.51
CA ASP O 171 8.27 -90.83 -2.67
C ASP O 171 7.38 -91.66 -3.58
N PRO O 172 6.88 -92.79 -3.06
CA PRO O 172 6.01 -93.70 -3.82
C PRO O 172 4.62 -93.19 -4.01
N PRO O 173 3.80 -93.95 -4.75
CA PRO O 173 2.41 -93.54 -4.98
C PRO O 173 1.76 -93.58 -3.60
N TYR O 174 0.66 -92.86 -3.42
CA TYR O 174 -0.01 -92.85 -2.12
C TYR O 174 -1.34 -93.59 -2.23
N LEU O 175 -1.51 -94.63 -1.42
CA LEU O 175 -2.75 -95.41 -1.44
C LEU O 175 -3.92 -94.47 -1.12
N ILE O 176 -3.79 -93.73 -0.02
CA ILE O 176 -4.81 -92.79 0.41
C ILE O 176 -5.06 -91.62 -0.56
N THR O 177 -4.25 -91.52 -1.62
CA THR O 177 -4.38 -90.44 -2.62
C THR O 177 -4.76 -90.99 -4.00
N VAL O 178 -5.05 -90.11 -4.94
CA VAL O 178 -5.42 -90.54 -6.29
C VAL O 178 -4.40 -90.07 -7.34
N ALA O 179 -4.08 -90.93 -8.30
CA ALA O 179 -3.12 -90.63 -9.37
C ALA O 179 -3.05 -91.82 -10.30
N ASP O 180 -3.16 -91.59 -11.60
CA ASP O 180 -3.12 -92.68 -12.58
C ASP O 180 -2.01 -93.70 -12.30
N TYR O 181 -0.92 -93.26 -11.69
CA TYR O 181 0.17 -94.18 -11.41
C TYR O 181 0.04 -94.95 -10.11
N ASN O 182 -1.17 -95.03 -9.57
CA ASN O 182 -1.37 -95.78 -8.34
C ASN O 182 -1.58 -97.23 -8.76
N LYS O 183 -1.85 -97.41 -10.04
CA LYS O 183 -2.05 -98.74 -10.60
C LYS O 183 -0.81 -99.62 -10.39
N PHE O 184 0.23 -99.05 -9.79
CA PHE O 184 1.46 -99.80 -9.51
C PHE O 184 1.61 -99.94 -8.02
N TRP O 185 0.63 -99.46 -7.26
CA TRP O 185 0.72 -99.53 -5.82
C TRP O 185 -0.37 -100.34 -5.17
N SER O 186 -0.06 -100.84 -3.98
CA SER O 186 -0.98 -101.65 -3.20
C SER O 186 -0.45 -101.78 -1.78
N GLU O 187 -1.19 -102.46 -0.93
CA GLU O 187 -0.78 -102.67 0.45
C GLU O 187 0.45 -103.58 0.41
N ASP O 188 0.37 -104.62 -0.40
CA ASP O 188 1.48 -105.57 -0.53
C ASP O 188 2.79 -104.83 -0.84
N GLU O 189 2.73 -103.89 -1.79
CA GLU O 189 3.90 -103.08 -2.18
C GLU O 189 4.30 -102.11 -1.06
N GLU O 190 3.33 -101.35 -0.55
CA GLU O 190 3.58 -100.40 0.53
C GLU O 190 4.23 -101.16 1.68
N LYS O 191 3.86 -102.44 1.81
CA LYS O 191 4.38 -103.29 2.88
C LYS O 191 5.83 -103.68 2.58
N ASP O 192 6.15 -103.79 1.29
CA ASP O 192 7.51 -104.15 0.88
C ASP O 192 8.48 -102.98 0.94
N LEU O 193 7.96 -101.78 0.67
CA LEU O 193 8.81 -100.59 0.72
C LEU O 193 9.40 -100.38 2.10
N LEU O 194 8.55 -100.45 3.13
CA LEU O 194 9.03 -100.26 4.48
C LEU O 194 10.07 -101.31 4.87
N ASN O 195 9.90 -102.53 4.37
CA ASN O 195 10.86 -103.59 4.66
C ASN O 195 12.24 -103.22 4.15
N LEU O 196 12.29 -102.55 3.00
CA LEU O 196 13.55 -102.12 2.40
C LEU O 196 14.17 -101.04 3.27
N LEU O 197 13.41 -99.99 3.55
CA LEU O 197 13.87 -98.88 4.37
C LEU O 197 14.45 -99.38 5.71
N ASP O 198 13.95 -100.51 6.19
CA ASP O 198 14.43 -101.10 7.44
C ASP O 198 15.76 -101.80 7.18
N SER O 199 15.82 -102.59 6.12
CA SER O 199 17.05 -103.29 5.79
C SER O 199 18.12 -102.21 5.67
N LEU O 200 17.79 -101.16 4.91
CA LEU O 200 18.71 -100.03 4.68
C LEU O 200 19.23 -99.52 6.00
N ASN O 201 18.29 -99.17 6.89
CA ASN O 201 18.65 -98.68 8.20
C ASN O 201 19.64 -99.62 8.87
N ASP O 202 19.23 -100.88 9.01
CA ASP O 202 20.07 -101.90 9.62
C ASP O 202 21.35 -102.16 8.83
N ARG O 203 21.45 -101.56 7.65
CA ARG O 203 22.65 -101.72 6.81
C ARG O 203 23.56 -100.52 7.01
N GLY O 204 23.09 -99.53 7.76
CA GLY O 204 23.89 -98.36 8.02
C GLY O 204 23.86 -97.42 6.82
N ILE O 205 22.64 -97.14 6.34
CA ILE O 205 22.43 -96.26 5.20
C ILE O 205 21.23 -95.37 5.48
N LYS O 206 21.41 -94.07 5.25
CA LYS O 206 20.33 -93.12 5.49
C LYS O 206 19.31 -93.19 4.39
N PHE O 207 18.09 -92.77 4.72
CA PHE O 207 16.96 -92.74 3.80
C PHE O 207 15.99 -91.68 4.32
N GLY O 208 14.94 -91.43 3.55
CA GLY O 208 13.94 -90.45 3.94
C GLY O 208 12.75 -90.61 3.01
N LEU O 209 11.57 -90.72 3.58
CA LEU O 209 10.37 -90.89 2.78
C LEU O 209 9.31 -89.80 2.92
N SER O 210 8.54 -89.62 1.84
CA SER O 210 7.43 -88.67 1.79
C SER O 210 6.17 -89.50 1.79
N ASN O 211 5.08 -88.94 2.33
CA ASN O 211 3.80 -89.62 2.37
C ASN O 211 2.75 -88.85 3.20
N VAL O 212 1.50 -88.96 2.78
CA VAL O 212 0.40 -88.33 3.50
C VAL O 212 -0.10 -89.41 4.46
N LEU O 213 -0.58 -89.01 5.64
CA LEU O 213 -1.04 -89.97 6.64
C LEU O 213 -2.57 -90.13 6.73
N GLU O 214 -3.33 -89.18 6.21
CA GLU O 214 -4.80 -89.26 6.25
C GLU O 214 -5.51 -88.16 5.46
N HIS O 215 -5.56 -88.29 4.13
CA HIS O 215 -6.24 -87.28 3.32
C HIS O 215 -7.65 -87.73 2.95
N HIS O 216 -8.54 -86.76 2.79
CA HIS O 216 -9.95 -87.02 2.44
C HIS O 216 -10.57 -88.14 3.27
N GLY O 217 -10.51 -88.02 4.60
CA GLY O 217 -11.10 -89.01 5.47
C GLY O 217 -10.25 -90.15 6.01
N LYS O 218 -9.85 -91.08 5.14
CA LYS O 218 -9.05 -92.24 5.52
C LYS O 218 -7.66 -91.96 6.10
N GLU O 219 -6.95 -93.03 6.46
CA GLU O 219 -5.61 -92.94 7.02
C GLU O 219 -4.81 -94.22 6.76
N ASN O 220 -3.49 -94.10 6.63
CA ASN O 220 -2.62 -95.26 6.38
C ASN O 220 -2.24 -95.91 7.70
N THR O 221 -3.09 -96.84 8.13
CA THR O 221 -2.91 -97.56 9.37
C THR O 221 -1.44 -97.91 9.68
N LEU O 222 -0.96 -98.98 9.05
CA LEU O 222 0.41 -99.48 9.27
C LEU O 222 1.52 -98.43 9.14
N LEU O 223 1.32 -97.45 8.26
CA LEU O 223 2.30 -96.39 8.02
C LEU O 223 2.61 -95.54 9.26
N LYS O 224 1.57 -95.19 10.01
CA LYS O 224 1.74 -94.39 11.22
C LYS O 224 2.43 -95.25 12.28
N GLU O 225 2.00 -96.52 12.37
CA GLU O 225 2.55 -97.47 13.32
C GLU O 225 4.07 -97.55 13.14
N TRP O 226 4.47 -97.88 11.91
CA TRP O 226 5.88 -97.99 11.55
C TRP O 226 6.62 -96.67 11.83
N SER O 227 5.98 -95.57 11.45
CA SER O 227 6.49 -94.21 11.60
C SER O 227 7.28 -93.95 12.89
N LYS O 228 6.70 -94.39 14.00
CA LYS O 228 7.30 -94.20 15.32
C LYS O 228 8.72 -94.74 15.51
N LYS O 229 9.20 -95.58 14.60
CA LYS O 229 10.55 -96.13 14.74
C LYS O 229 11.65 -95.18 14.26
N TYR O 230 11.26 -94.14 13.53
CA TYR O 230 12.22 -93.17 13.00
C TYR O 230 11.69 -91.72 13.08
N ASN O 231 12.61 -90.77 12.91
CA ASN O 231 12.32 -89.33 12.94
C ASN O 231 11.17 -88.89 12.01
N VAL O 232 10.50 -87.79 12.35
CA VAL O 232 9.39 -87.31 11.54
C VAL O 232 9.32 -85.77 11.49
N LYS O 233 8.35 -85.24 10.74
CA LYS O 233 8.14 -83.79 10.60
C LYS O 233 6.90 -83.55 9.74
N HIS O 234 5.90 -82.89 10.32
CA HIS O 234 4.64 -82.61 9.60
C HIS O 234 4.69 -81.33 8.77
N LEU O 235 3.68 -81.14 7.93
CA LEU O 235 3.59 -79.97 7.07
C LEU O 235 2.16 -79.76 6.59
N THR O 252 -5.69 -84.16 4.55
CA THR O 252 -4.31 -84.20 4.09
C THR O 252 -3.32 -84.00 5.25
N ASP O 253 -2.45 -84.98 5.48
CA ASP O 253 -1.46 -84.90 6.55
C ASP O 253 -0.08 -85.39 6.09
N GLU O 254 0.59 -84.60 5.25
CA GLU O 254 1.91 -84.96 4.71
C GLU O 254 3.01 -84.94 5.76
N VAL O 255 3.93 -85.90 5.66
CA VAL O 255 5.07 -86.03 6.58
C VAL O 255 6.38 -86.29 5.81
N TYR O 256 7.44 -86.62 6.54
CA TYR O 256 8.74 -86.91 5.94
C TYR O 256 9.59 -87.76 6.90
N ILE O 257 9.22 -89.03 7.02
CA ILE O 257 9.90 -89.98 7.88
C ILE O 257 11.32 -90.31 7.41
N PHE O 258 12.31 -90.17 8.29
CA PHE O 258 13.70 -90.45 7.91
C PHE O 258 14.56 -91.12 9.00
N ASN O 259 15.87 -90.94 8.92
CA ASN O 259 16.79 -91.54 9.90
C ASN O 259 18.19 -90.90 9.85
N MET P 1 -13.59 -41.99 12.16
CA MET P 1 -12.67 -42.93 12.86
C MET P 1 -11.95 -43.86 11.87
N LEU P 2 -10.75 -44.29 12.24
CA LEU P 2 -9.96 -45.18 11.39
C LEU P 2 -10.15 -46.64 11.77
N GLY P 3 -9.43 -47.53 11.09
CA GLY P 3 -9.51 -48.95 11.35
C GLY P 3 -8.15 -49.53 11.72
N ALA P 4 -8.15 -50.75 12.27
CA ALA P 4 -6.91 -51.44 12.68
C ALA P 4 -5.82 -51.37 11.62
N ILE P 5 -6.15 -51.84 10.42
CA ILE P 5 -5.20 -51.85 9.31
C ILE P 5 -6.02 -51.85 8.03
N ALA P 6 -5.41 -51.42 6.92
CA ALA P 6 -6.10 -51.39 5.64
C ALA P 6 -6.82 -52.72 5.44
N TYR P 7 -7.88 -52.72 4.63
CA TYR P 7 -8.61 -53.96 4.44
C TYR P 7 -9.58 -53.85 3.28
N THR P 8 -9.61 -54.88 2.44
CA THR P 8 -10.50 -54.87 1.29
C THR P 8 -11.94 -54.91 1.79
N GLY P 9 -12.59 -53.75 1.78
CA GLY P 9 -13.97 -53.67 2.21
C GLY P 9 -14.27 -53.02 3.56
N ASN P 10 -13.28 -52.37 4.16
CA ASN P 10 -13.53 -51.73 5.44
C ASN P 10 -14.60 -50.67 5.21
N LYS P 11 -15.41 -50.43 6.24
CA LYS P 11 -16.47 -49.44 6.14
C LYS P 11 -16.10 -48.15 6.89
N GLN P 12 -14.80 -47.90 7.05
CA GLN P 12 -14.33 -46.70 7.74
C GLN P 12 -15.18 -45.52 7.28
N SER P 13 -15.42 -45.47 5.98
CA SER P 13 -16.21 -44.45 5.35
C SER P 13 -17.69 -44.49 5.73
N LEU P 14 -18.43 -45.47 5.26
CA LEU P 14 -19.88 -45.42 5.51
C LEU P 14 -20.30 -45.73 6.95
N LEU P 15 -19.36 -45.65 7.94
CA LEU P 15 -19.60 -45.93 9.38
C LEU P 15 -20.48 -44.85 10.05
N PRO P 16 -19.97 -43.61 10.07
CA PRO P 16 -20.72 -42.49 10.67
C PRO P 16 -22.19 -42.41 10.22
N GLU P 17 -22.44 -42.66 8.94
CA GLU P 17 -23.80 -42.62 8.40
C GLU P 17 -24.54 -43.94 8.62
N LEU P 18 -23.82 -44.97 9.05
CA LEU P 18 -24.42 -46.27 9.29
C LEU P 18 -24.84 -46.40 10.76
N LYS P 19 -24.21 -45.57 11.62
CA LYS P 19 -24.51 -45.54 13.04
C LYS P 19 -25.79 -44.73 13.34
N SER P 20 -26.23 -43.87 12.37
CA SER P 20 -27.43 -43.01 12.51
C SER P 20 -28.72 -43.83 12.45
N HIS P 21 -28.59 -44.99 11.81
CA HIS P 21 -29.66 -45.99 11.61
C HIS P 21 -29.29 -47.31 12.34
N PHE P 22 -28.58 -47.19 13.46
CA PHE P 22 -28.11 -48.31 14.29
C PHE P 22 -28.81 -48.39 15.68
N PRO P 23 -29.48 -49.53 15.88
CA PRO P 23 -30.18 -49.79 17.15
C PRO P 23 -29.34 -49.74 18.43
N LYS P 24 -29.82 -49.31 19.61
CA LYS P 24 -28.97 -49.42 20.84
C LYS P 24 -28.91 -50.89 21.24
N TYR P 25 -28.08 -51.25 22.21
CA TYR P 25 -27.99 -52.66 22.60
C TYR P 25 -27.21 -52.94 23.88
N ASN P 26 -27.04 -54.24 24.15
CA ASN P 26 -26.31 -54.73 25.32
C ASN P 26 -24.95 -55.24 24.84
N ARG P 27 -24.78 -55.28 23.51
CA ARG P 27 -23.55 -55.71 22.88
C ARG P 27 -23.62 -55.39 21.37
N PHE P 28 -22.47 -55.15 20.76
CA PHE P 28 -22.38 -54.85 19.33
C PHE P 28 -21.80 -56.07 18.61
N VAL P 29 -22.65 -56.80 17.90
CA VAL P 29 -22.23 -58.00 17.19
C VAL P 29 -21.84 -57.76 15.73
N ASP P 30 -20.56 -57.97 15.43
CA ASP P 30 -20.04 -57.80 14.07
C ASP P 30 -19.87 -59.21 13.53
N LEU P 31 -20.79 -59.63 12.67
CA LEU P 31 -20.76 -60.97 12.08
C LEU P 31 -19.50 -61.27 11.27
N PHE P 32 -18.80 -60.22 10.82
CA PHE P 32 -17.59 -60.39 10.02
C PHE P 32 -16.49 -59.40 10.43
N CYS P 33 -15.81 -59.72 11.55
CA CYS P 33 -14.74 -58.91 12.12
C CYS P 33 -14.00 -58.07 11.08
N GLY P 34 -13.10 -58.71 10.34
CA GLY P 34 -12.36 -58.02 9.30
C GLY P 34 -11.38 -56.98 9.80
N GLY P 35 -11.22 -55.91 9.04
CA GLY P 35 -10.31 -54.84 9.42
C GLY P 35 -10.62 -54.24 10.78
N LEU P 36 -11.79 -54.58 11.31
CA LEU P 36 -12.20 -54.05 12.61
C LEU P 36 -12.11 -52.53 12.54
N SER P 37 -12.37 -51.98 11.36
CA SER P 37 -12.34 -50.54 11.14
C SER P 37 -13.64 -49.92 11.69
N VAL P 38 -14.69 -50.74 11.89
CA VAL P 38 -15.98 -50.31 12.45
C VAL P 38 -16.20 -50.89 13.86
N SER P 39 -15.85 -52.18 14.04
CA SER P 39 -15.93 -52.86 15.32
C SER P 39 -15.08 -52.11 16.34
N LEU P 40 -13.91 -51.66 15.88
CA LEU P 40 -12.91 -50.98 16.71
C LEU P 40 -13.31 -49.62 17.33
N ASN P 41 -14.22 -48.84 16.65
CA ASN P 41 -14.67 -47.51 17.16
C ASN P 41 -16.17 -47.42 17.43
N VAL P 42 -16.77 -48.38 18.08
CA VAL P 42 -18.19 -48.24 18.34
C VAL P 42 -18.35 -48.44 19.83
N ASN P 43 -19.49 -48.14 20.42
CA ASN P 43 -19.62 -48.33 21.88
C ASN P 43 -19.76 -49.81 22.24
N GLY P 44 -18.81 -50.31 23.03
CA GLY P 44 -18.83 -51.71 23.44
C GLY P 44 -19.64 -51.98 24.70
N PRO P 45 -19.56 -53.21 25.26
CA PRO P 45 -18.79 -54.37 24.79
C PRO P 45 -19.13 -54.84 23.37
N VAL P 46 -18.10 -55.01 22.55
CA VAL P 46 -18.27 -55.45 21.16
C VAL P 46 -17.83 -56.90 20.99
N LEU P 47 -18.15 -57.46 19.84
CA LEU P 47 -17.79 -58.84 19.52
C LEU P 47 -17.70 -59.03 18.01
N ALA P 48 -16.48 -58.93 17.48
CA ALA P 48 -16.22 -59.09 16.05
C ALA P 48 -15.73 -60.51 15.75
N ASN P 49 -16.28 -61.11 14.71
CA ASN P 49 -15.93 -62.47 14.33
C ASN P 49 -15.61 -62.62 12.84
N ASP P 50 -14.39 -63.11 12.56
CA ASP P 50 -13.92 -63.37 11.20
C ASP P 50 -13.37 -64.77 11.15
N ILE P 51 -14.01 -65.65 10.39
CA ILE P 51 -13.58 -67.05 10.28
C ILE P 51 -12.07 -67.20 10.25
N GLN P 52 -11.41 -66.27 9.55
CA GLN P 52 -9.96 -66.28 9.43
C GLN P 52 -9.29 -66.29 10.80
N GLU P 53 -9.13 -67.50 11.36
CA GLU P 53 -8.51 -67.67 12.66
C GLU P 53 -7.21 -66.86 12.81
N PRO P 54 -6.26 -67.03 11.87
CA PRO P 54 -5.00 -66.29 11.97
C PRO P 54 -5.13 -64.76 12.03
N ILE P 55 -5.97 -64.18 11.16
CA ILE P 55 -6.16 -62.73 11.15
C ILE P 55 -6.42 -62.21 12.56
N ILE P 56 -7.56 -62.61 13.13
CA ILE P 56 -7.94 -62.20 14.48
C ILE P 56 -6.81 -62.50 15.46
N GLU P 57 -6.17 -63.65 15.30
CA GLU P 57 -5.07 -64.05 16.17
C GLU P 57 -3.93 -63.03 16.11
N MET P 58 -3.91 -62.23 15.06
CA MET P 58 -2.89 -61.18 14.92
C MET P 58 -3.42 -59.94 15.63
N TYR P 59 -4.74 -59.87 15.74
CA TYR P 59 -5.44 -58.76 16.39
C TYR P 59 -5.32 -58.91 17.91
N LYS P 60 -5.15 -60.15 18.37
CA LYS P 60 -5.00 -60.44 19.79
C LYS P 60 -3.56 -60.13 20.22
N ARG P 61 -2.60 -60.62 19.42
CA ARG P 61 -1.19 -60.42 19.72
C ARG P 61 -0.81 -58.94 19.72
N LEU P 62 -1.54 -58.13 18.95
CA LEU P 62 -1.26 -56.70 18.87
C LEU P 62 -1.67 -55.97 20.16
N ILE P 63 -2.59 -56.56 20.92
CA ILE P 63 -3.09 -55.97 22.16
C ILE P 63 -1.99 -55.76 23.21
N ASN P 64 -0.97 -56.61 23.16
CA ASN P 64 0.14 -56.54 24.10
C ASN P 64 1.47 -56.37 23.35
N VAL P 65 1.39 -55.75 22.18
CA VAL P 65 2.58 -55.50 21.36
C VAL P 65 2.75 -54.00 21.18
N SER P 66 3.99 -53.53 21.24
CA SER P 66 4.28 -52.10 21.09
C SER P 66 4.74 -51.76 19.67
N TRP P 67 4.46 -50.53 19.24
CA TRP P 67 4.86 -50.07 17.90
C TRP P 67 6.37 -50.13 17.84
N ASP P 68 7.01 -49.91 19.00
CA ASP P 68 8.46 -49.96 19.11
C ASP P 68 8.87 -51.38 18.79
N ASP P 69 8.05 -52.34 19.24
CA ASP P 69 8.29 -53.75 19.01
C ASP P 69 8.12 -54.08 17.53
N VAL P 70 7.40 -53.22 16.82
CA VAL P 70 7.17 -53.40 15.39
C VAL P 70 8.25 -52.68 14.58
N LEU P 71 8.87 -51.66 15.18
CA LEU P 71 9.93 -50.90 14.52
C LEU P 71 11.14 -51.79 14.29
N LYS P 72 11.36 -52.73 15.22
CA LYS P 72 12.47 -53.67 15.12
C LYS P 72 12.27 -54.60 13.94
N VAL P 73 11.14 -55.29 13.92
CA VAL P 73 10.82 -56.21 12.83
C VAL P 73 11.00 -55.51 11.49
N ILE P 74 10.61 -54.24 11.43
CA ILE P 74 10.72 -53.45 10.21
C ILE P 74 12.19 -53.33 9.80
N LYS P 75 13.03 -53.02 10.78
CA LYS P 75 14.47 -52.87 10.57
C LYS P 75 15.16 -54.22 10.44
N GLN P 76 14.80 -55.15 11.33
CA GLN P 76 15.37 -56.51 11.35
C GLN P 76 15.41 -57.20 9.99
N TYR P 77 14.24 -57.46 9.41
CA TYR P 77 14.16 -58.12 8.11
C TYR P 77 14.61 -57.24 6.95
N LYS P 78 15.13 -56.05 7.27
CA LYS P 78 15.57 -55.10 6.25
C LYS P 78 14.48 -54.96 5.19
N LEU P 79 13.26 -54.67 5.64
CA LEU P 79 12.09 -54.52 4.78
C LEU P 79 12.00 -53.11 4.19
N SER P 80 12.06 -53.02 2.87
CA SER P 80 12.00 -51.75 2.17
C SER P 80 10.77 -51.60 1.29
N LYS P 81 10.62 -50.44 0.67
CA LYS P 81 9.50 -50.18 -0.22
C LYS P 81 9.86 -50.76 -1.59
N THR P 82 11.01 -51.45 -1.64
CA THR P 82 11.49 -52.08 -2.86
C THR P 82 12.25 -53.36 -2.46
N SER P 83 12.00 -53.81 -1.23
CA SER P 83 12.66 -55.00 -0.69
C SER P 83 12.00 -56.33 -1.01
N LYS P 84 11.46 -56.46 -2.23
CA LYS P 84 10.80 -57.70 -2.65
C LYS P 84 11.66 -58.85 -2.15
N GLU P 85 12.95 -58.56 -1.99
CA GLU P 85 13.94 -59.51 -1.51
C GLU P 85 13.58 -59.96 -0.09
N GLU P 86 13.95 -59.13 0.88
CA GLU P 86 13.69 -59.41 2.28
C GLU P 86 12.29 -59.95 2.55
N PHE P 87 11.29 -59.37 1.89
CA PHE P 87 9.89 -59.77 2.07
C PHE P 87 9.63 -61.25 1.83
N LEU P 88 9.96 -61.72 0.63
CA LEU P 88 9.75 -63.12 0.29
C LEU P 88 10.20 -64.03 1.43
N LYS P 89 11.26 -63.64 2.11
CA LYS P 89 11.81 -64.41 3.24
C LYS P 89 10.89 -64.32 4.46
N LEU P 90 10.50 -63.10 4.81
CA LEU P 90 9.63 -62.86 5.95
C LEU P 90 8.40 -63.76 5.88
N ARG P 91 7.84 -63.91 4.69
CA ARG P 91 6.68 -64.77 4.49
C ARG P 91 7.04 -66.21 4.80
N GLU P 92 8.29 -66.58 4.48
CA GLU P 92 8.77 -67.93 4.75
C GLU P 92 8.89 -68.07 6.26
N ASP P 93 9.46 -67.04 6.90
CA ASP P 93 9.63 -67.02 8.35
C ASP P 93 8.30 -67.31 9.02
N TYR P 94 7.43 -66.30 9.05
CA TYR P 94 6.11 -66.40 9.67
C TYR P 94 5.29 -67.60 9.21
N ASN P 95 5.28 -67.86 7.91
CA ASN P 95 4.52 -68.98 7.37
C ASN P 95 4.80 -70.25 8.17
N LYS P 96 6.04 -70.39 8.63
CA LYS P 96 6.45 -71.55 9.40
C LYS P 96 6.70 -71.21 10.88
N THR P 97 6.78 -69.92 11.14
CA THR P 97 6.86 -69.41 12.49
C THR P 97 5.44 -69.36 13.01
N ARG P 98 4.61 -68.62 12.28
CA ARG P 98 3.19 -68.44 12.62
C ARG P 98 3.00 -67.37 13.69
N ASP P 99 3.94 -66.43 13.73
CA ASP P 99 3.98 -65.33 14.70
C ASP P 99 3.07 -64.19 14.23
N PRO P 100 2.07 -63.88 15.07
CA PRO P 100 1.12 -62.77 14.76
C PRO P 100 1.78 -61.45 14.46
N LEU P 101 2.92 -61.26 15.13
CA LEU P 101 3.68 -60.02 15.01
C LEU P 101 4.24 -59.94 13.59
N LEU P 102 4.51 -61.10 13.00
CA LEU P 102 5.07 -61.21 11.65
C LEU P 102 3.99 -61.09 10.55
N LEU P 103 2.89 -61.80 10.71
CA LEU P 103 1.78 -61.76 9.75
C LEU P 103 1.09 -60.39 9.78
N TYR P 104 1.36 -59.62 10.82
CA TYR P 104 0.79 -58.29 10.98
C TYR P 104 1.73 -57.29 10.31
N VAL P 105 3.03 -57.52 10.43
CA VAL P 105 4.03 -56.66 9.82
C VAL P 105 3.98 -56.90 8.32
N LEU P 106 3.96 -58.17 7.95
CA LEU P 106 3.93 -58.56 6.55
C LEU P 106 2.75 -57.97 5.77
N HIS P 107 1.70 -57.54 6.48
CA HIS P 107 0.52 -56.99 5.81
C HIS P 107 0.74 -55.61 5.21
N PHE P 108 1.62 -54.83 5.81
CA PHE P 108 1.90 -53.49 5.32
C PHE P 108 2.69 -53.60 4.01
N HIS P 109 3.05 -54.82 3.63
CA HIS P 109 3.87 -55.10 2.45
C HIS P 109 3.24 -55.92 1.31
N GLY P 110 2.09 -56.53 1.56
CA GLY P 110 1.44 -57.34 0.54
C GLY P 110 0.86 -56.59 -0.64
N PHE P 111 0.63 -57.30 -1.74
CA PHE P 111 0.04 -56.75 -2.97
C PHE P 111 -1.32 -56.18 -2.60
N SER P 112 -1.50 -54.88 -2.83
CA SER P 112 -2.75 -54.20 -2.48
C SER P 112 -3.05 -54.37 -1.00
N ASN P 113 -2.03 -54.74 -0.23
CA ASN P 113 -2.16 -54.94 1.20
C ASN P 113 -3.13 -56.07 1.54
N MET P 114 -3.34 -56.95 0.56
CA MET P 114 -4.25 -58.08 0.70
C MET P 114 -3.73 -59.19 1.60
N ILE P 115 -4.57 -59.66 2.51
CA ILE P 115 -4.20 -60.73 3.41
C ILE P 115 -4.78 -62.02 2.82
N ARG P 116 -3.92 -62.82 2.20
CA ARG P 116 -4.35 -64.07 1.57
C ARG P 116 -3.73 -65.29 2.26
N ILE P 117 -4.54 -66.02 3.03
CA ILE P 117 -4.07 -67.22 3.72
C ILE P 117 -4.23 -68.42 2.82
N ASN P 118 -3.26 -69.33 2.87
CA ASN P 118 -3.27 -70.54 2.04
C ASN P 118 -4.01 -71.71 2.68
N ASP P 119 -4.51 -72.62 1.84
CA ASP P 119 -5.25 -73.80 2.30
C ASP P 119 -4.47 -74.51 3.40
N LYS P 120 -3.18 -74.74 3.15
CA LYS P 120 -2.20 -75.35 4.07
C LYS P 120 -1.75 -74.30 5.05
N GLY P 121 -2.47 -73.20 4.87
CA GLY P 121 -2.54 -72.00 5.68
C GLY P 121 -1.26 -71.21 5.79
N ASN P 122 -0.84 -70.63 4.66
CA ASN P 122 0.39 -69.84 4.54
C ASN P 122 0.05 -68.50 3.91
N PHE P 123 0.93 -67.52 4.08
CA PHE P 123 0.72 -66.20 3.49
C PHE P 123 1.14 -66.25 2.03
N THR P 124 0.19 -66.51 1.14
CA THR P 124 0.49 -66.62 -0.29
C THR P 124 0.30 -65.32 -1.10
N THR P 125 0.57 -64.16 -0.51
CA THR P 125 0.40 -62.90 -1.25
C THR P 125 1.71 -62.31 -1.74
N PRO P 126 1.78 -61.98 -3.06
CA PRO P 126 2.96 -61.40 -3.72
C PRO P 126 3.37 -60.10 -3.04
N PHE P 127 4.61 -59.68 -3.23
CA PHE P 127 5.07 -58.43 -2.63
C PHE P 127 4.21 -57.29 -3.22
N GLY P 128 3.83 -56.34 -2.38
CA GLY P 128 2.98 -55.26 -2.85
C GLY P 128 3.64 -53.95 -3.20
N LYS P 129 4.96 -53.91 -3.18
CA LYS P 129 5.71 -52.70 -3.48
C LYS P 129 5.24 -51.59 -2.54
N ARG P 130 5.53 -51.85 -1.27
CA ARG P 130 5.14 -50.99 -0.18
C ARG P 130 5.72 -51.49 1.14
N THR P 131 5.73 -50.51 2.07
CA THR P 131 6.24 -50.57 3.45
C THR P 131 5.17 -50.03 4.42
N ILE P 132 5.60 -49.55 5.60
CA ILE P 132 4.66 -48.98 6.57
C ILE P 132 4.51 -47.51 6.25
N ASN P 133 3.30 -47.15 5.81
CA ASN P 133 2.98 -45.80 5.33
C ASN P 133 2.70 -44.80 6.46
N LYS P 134 2.83 -43.53 6.09
CA LYS P 134 2.66 -42.42 7.01
C LYS P 134 1.45 -42.58 7.94
N ASN P 135 0.36 -43.11 7.42
CA ASN P 135 -0.87 -43.33 8.20
C ASN P 135 -0.69 -44.51 9.14
N SER P 136 0.06 -45.50 8.63
CA SER P 136 0.41 -46.78 9.29
C SER P 136 0.40 -46.72 10.81
N GLU P 137 1.49 -46.25 11.42
CA GLU P 137 1.59 -46.16 12.86
C GLU P 137 0.33 -45.46 13.36
N LYS P 138 -0.16 -44.53 12.55
CA LYS P 138 -1.35 -43.78 12.86
C LYS P 138 -2.53 -44.73 13.13
N ARG P 139 -2.56 -45.87 12.43
CA ARG P 139 -3.63 -46.84 12.62
C ARG P 139 -3.35 -47.75 13.82
N PHE P 140 -2.08 -47.79 14.25
CA PHE P 140 -1.68 -48.63 15.38
C PHE P 140 -2.24 -48.10 16.70
N ASN P 141 -2.05 -46.81 16.96
CA ASN P 141 -2.53 -46.17 18.18
C ASN P 141 -4.01 -46.45 18.38
N HIS P 142 -4.78 -46.03 17.37
CA HIS P 142 -6.23 -46.19 17.36
C HIS P 142 -6.69 -47.61 17.73
N PHE P 143 -5.92 -48.62 17.33
CA PHE P 143 -6.27 -50.01 17.62
C PHE P 143 -6.33 -50.22 19.12
N LYS P 144 -5.16 -50.30 19.75
CA LYS P 144 -5.06 -50.51 21.19
C LYS P 144 -5.84 -49.45 21.96
N GLN P 145 -5.86 -48.22 21.44
CA GLN P 145 -6.57 -47.12 22.09
C GLN P 145 -7.98 -47.53 22.52
N ASN P 146 -8.84 -47.87 21.56
CA ASN P 146 -10.21 -48.26 21.88
C ASN P 146 -10.32 -49.80 21.98
N CYS P 147 -9.17 -50.46 22.06
CA CYS P 147 -9.08 -51.92 22.14
C CYS P 147 -9.71 -52.59 23.36
N ASP P 148 -9.31 -52.15 24.55
CA ASP P 148 -9.81 -52.72 25.81
C ASP P 148 -11.23 -53.28 25.75
N LYS P 149 -12.17 -52.51 25.22
CA LYS P 149 -13.57 -52.92 25.14
C LYS P 149 -13.96 -53.70 23.86
N ILE P 150 -13.20 -54.74 23.54
CA ILE P 150 -13.48 -55.55 22.35
C ILE P 150 -13.35 -57.05 22.65
N ILE P 151 -14.20 -57.87 22.02
CA ILE P 151 -14.17 -59.32 22.23
C ILE P 151 -14.20 -60.10 20.90
N PHE P 152 -13.02 -60.47 20.41
CA PHE P 152 -12.86 -61.19 19.15
C PHE P 152 -13.02 -62.71 19.25
N SER P 153 -13.95 -63.25 18.44
CA SER P 153 -14.22 -64.69 18.40
C SER P 153 -14.06 -65.16 16.96
N SER P 154 -13.32 -66.26 16.76
CA SER P 154 -13.06 -66.81 15.42
C SER P 154 -13.88 -68.06 15.07
N LEU P 155 -15.21 -67.93 15.09
CA LEU P 155 -16.11 -69.04 14.78
C LEU P 155 -16.75 -68.85 13.40
N HIS P 156 -17.14 -69.95 12.76
CA HIS P 156 -17.75 -69.91 11.43
C HIS P 156 -18.92 -68.93 11.30
N PHE P 157 -19.44 -68.81 10.08
CA PHE P 157 -20.58 -67.91 9.79
C PHE P 157 -21.73 -68.25 10.71
N LYS P 158 -22.31 -69.43 10.49
CA LYS P 158 -23.43 -69.94 11.28
C LYS P 158 -22.93 -71.02 12.25
N ASP P 159 -22.04 -70.62 13.17
CA ASP P 159 -21.47 -71.52 14.16
C ASP P 159 -21.01 -70.68 15.35
N VAL P 160 -21.70 -69.55 15.56
CA VAL P 160 -21.41 -68.61 16.64
C VAL P 160 -22.68 -68.39 17.47
N LYS P 161 -22.50 -68.02 18.74
CA LYS P 161 -23.63 -67.79 19.65
C LYS P 161 -24.10 -66.34 19.73
N ILE P 162 -25.31 -66.09 19.22
CA ILE P 162 -25.90 -64.77 19.23
C ILE P 162 -26.78 -64.59 20.48
N LEU P 163 -26.34 -63.72 21.40
CA LEU P 163 -27.09 -63.47 22.63
C LEU P 163 -28.17 -62.41 22.43
N ASP P 164 -29.16 -62.40 23.32
CA ASP P 164 -30.26 -61.45 23.27
C ASP P 164 -29.78 -60.03 23.56
N GLY P 165 -30.50 -59.05 23.02
CA GLY P 165 -30.12 -57.67 23.24
C GLY P 165 -28.82 -57.34 22.54
N ASP P 166 -28.27 -58.31 21.82
CA ASP P 166 -27.02 -58.13 21.09
C ASP P 166 -27.35 -57.67 19.67
N PHE P 167 -26.98 -56.41 19.38
CA PHE P 167 -27.22 -55.81 18.06
C PHE P 167 -26.56 -56.64 16.96
N VAL P 168 -27.29 -56.90 15.88
CA VAL P 168 -26.77 -57.69 14.78
C VAL P 168 -26.33 -56.86 13.58
N TYR P 169 -25.07 -57.02 13.21
CA TYR P 169 -24.47 -56.32 12.07
C TYR P 169 -23.94 -57.38 11.11
N VAL P 170 -23.79 -57.02 9.84
CA VAL P 170 -23.30 -57.97 8.89
C VAL P 170 -22.66 -57.35 7.65
N ASP P 171 -21.36 -57.48 7.66
CA ASP P 171 -20.52 -57.13 6.55
C ASP P 171 -19.86 -58.44 6.18
N PRO P 172 -20.57 -59.24 5.37
CA PRO P 172 -20.09 -60.55 4.90
C PRO P 172 -19.38 -60.52 3.57
N PRO P 173 -18.89 -61.69 3.13
CA PRO P 173 -18.21 -61.74 1.84
C PRO P 173 -19.29 -61.50 0.78
N TYR P 174 -19.22 -60.34 0.13
CA TYR P 174 -20.20 -59.99 -0.89
C TYR P 174 -20.11 -60.99 -2.06
N LEU P 175 -21.00 -61.97 -2.06
CA LEU P 175 -21.04 -63.01 -3.10
C LEU P 175 -20.91 -62.47 -4.52
N ILE P 176 -21.42 -61.27 -4.76
CA ILE P 176 -21.35 -60.67 -6.08
C ILE P 176 -20.02 -59.93 -6.31
N THR P 177 -19.17 -59.90 -5.28
CA THR P 177 -17.86 -59.23 -5.33
C THR P 177 -16.67 -60.20 -5.26
N VAL P 178 -15.52 -59.75 -5.77
CA VAL P 178 -14.32 -60.58 -5.79
C VAL P 178 -13.22 -60.19 -4.82
N ALA P 179 -13.32 -60.69 -3.59
CA ALA P 179 -12.30 -60.43 -2.58
C ALA P 179 -11.78 -61.82 -2.24
N ASP P 180 -10.56 -61.92 -1.72
CA ASP P 180 -10.03 -63.23 -1.42
C ASP P 180 -10.77 -63.96 -0.32
N TYR P 181 -11.20 -63.23 0.71
CA TYR P 181 -11.93 -63.88 1.79
C TYR P 181 -13.31 -64.32 1.28
N ASN P 182 -13.66 -63.88 0.08
CA ASN P 182 -14.93 -64.25 -0.52
C ASN P 182 -14.80 -65.68 -1.06
N LYS P 183 -13.69 -66.32 -0.70
CA LYS P 183 -13.41 -67.71 -1.12
C LYS P 183 -14.03 -68.66 -0.11
N PHE P 184 -14.26 -68.16 1.10
CA PHE P 184 -14.86 -68.95 2.17
C PHE P 184 -16.35 -68.64 2.29
N TRP P 185 -17.06 -68.72 1.16
CA TRP P 185 -18.50 -68.44 1.14
C TRP P 185 -19.17 -68.88 -0.18
N SER P 186 -19.81 -70.06 -0.15
CA SER P 186 -20.50 -70.60 -1.31
C SER P 186 -21.97 -70.16 -1.22
N GLU P 187 -22.74 -70.39 -2.27
CA GLU P 187 -24.16 -70.02 -2.28
C GLU P 187 -24.87 -70.61 -1.06
N ASP P 188 -24.28 -71.67 -0.50
CA ASP P 188 -24.81 -72.35 0.67
C ASP P 188 -24.30 -71.74 1.97
N GLU P 189 -23.81 -70.49 1.87
CA GLU P 189 -23.30 -69.75 3.02
C GLU P 189 -24.10 -68.46 3.15
N GLU P 190 -24.54 -67.93 2.00
CA GLU P 190 -25.34 -66.70 1.97
C GLU P 190 -26.75 -67.10 2.37
N LYS P 191 -27.01 -68.40 2.31
CA LYS P 191 -28.30 -68.98 2.68
C LYS P 191 -28.21 -69.49 4.12
N ASP P 192 -27.02 -69.96 4.52
CA ASP P 192 -26.79 -70.45 5.89
C ASP P 192 -26.65 -69.25 6.83
N LEU P 193 -27.03 -68.08 6.32
CA LEU P 193 -26.98 -66.83 7.06
C LEU P 193 -28.35 -66.16 6.97
N LEU P 194 -29.07 -66.45 5.89
CA LEU P 194 -30.41 -65.91 5.65
C LEU P 194 -31.38 -66.68 6.54
N ASN P 195 -30.94 -67.86 6.97
CA ASN P 195 -31.73 -68.73 7.84
C ASN P 195 -31.39 -68.36 9.28
N LEU P 196 -30.15 -67.93 9.50
CA LEU P 196 -29.68 -67.52 10.82
C LEU P 196 -30.07 -66.05 11.05
N LEU P 197 -30.46 -65.39 9.95
CA LEU P 197 -30.88 -63.99 9.98
C LEU P 197 -32.41 -63.90 9.95
N ASP P 198 -33.07 -65.02 9.66
CA ASP P 198 -34.52 -65.09 9.61
C ASP P 198 -35.00 -65.81 10.87
N SER P 199 -34.07 -66.49 11.54
CA SER P 199 -34.36 -67.24 12.76
C SER P 199 -34.00 -66.43 14.01
N LEU P 200 -33.10 -65.46 13.86
CA LEU P 200 -32.68 -64.62 14.97
C LEU P 200 -33.35 -63.23 14.94
N ASN P 201 -33.85 -62.86 13.76
CA ASN P 201 -34.51 -61.56 13.54
C ASN P 201 -35.94 -61.61 14.06
N ASP P 202 -36.36 -62.87 14.26
CA ASP P 202 -37.67 -63.30 14.73
C ASP P 202 -37.54 -64.04 16.09
N ARG P 203 -36.53 -63.65 16.88
CA ARG P 203 -36.27 -64.27 18.17
C ARG P 203 -36.07 -63.24 19.26
N GLY P 204 -35.23 -62.25 18.98
CA GLY P 204 -35.00 -61.20 19.94
C GLY P 204 -33.62 -60.58 19.79
N ILE P 205 -33.47 -59.80 18.75
CA ILE P 205 -32.24 -59.11 18.43
C ILE P 205 -32.57 -58.13 17.30
N LYS P 206 -31.71 -57.14 17.15
CA LYS P 206 -31.81 -56.16 16.09
C LYS P 206 -30.95 -56.62 14.94
N PHE P 207 -31.12 -56.02 13.75
CA PHE P 207 -30.33 -56.44 12.57
C PHE P 207 -30.05 -55.29 11.57
N GLY P 208 -28.84 -55.33 11.01
CA GLY P 208 -28.36 -54.38 10.04
C GLY P 208 -27.21 -55.08 9.34
N LEU P 209 -27.32 -55.23 8.02
CA LEU P 209 -26.28 -55.87 7.22
C LEU P 209 -26.08 -55.09 5.94
N SER P 210 -24.86 -55.09 5.39
CA SER P 210 -24.52 -54.38 4.13
C SER P 210 -24.22 -55.36 2.98
N ASN P 211 -24.47 -54.97 1.70
CA ASN P 211 -24.23 -55.80 0.49
C ASN P 211 -25.03 -55.21 -0.66
N VAL P 212 -24.49 -55.24 -1.87
CA VAL P 212 -25.22 -54.62 -3.00
C VAL P 212 -25.87 -55.62 -3.98
N LEU P 213 -26.93 -55.17 -4.71
CA LEU P 213 -27.71 -56.01 -5.65
C LEU P 213 -27.23 -55.98 -7.10
N GLU P 214 -26.18 -55.21 -7.38
CA GLU P 214 -25.58 -55.08 -8.73
C GLU P 214 -24.38 -54.13 -8.70
N HIS P 215 -23.26 -54.66 -9.09
CA HIS P 215 -22.07 -53.87 -9.13
C HIS P 215 -21.38 -54.19 -10.44
N HIS P 216 -21.30 -53.21 -11.32
CA HIS P 216 -20.66 -53.31 -12.63
C HIS P 216 -21.05 -54.58 -13.40
N GLY P 217 -22.33 -54.75 -13.64
CA GLY P 217 -22.80 -55.89 -14.41
C GLY P 217 -23.33 -57.01 -13.54
N LYS P 218 -22.66 -57.25 -12.41
CA LYS P 218 -23.06 -58.31 -11.50
C LYS P 218 -24.25 -57.88 -10.64
N GLU P 219 -25.35 -58.64 -10.73
CA GLU P 219 -26.55 -58.35 -9.95
C GLU P 219 -27.00 -59.56 -9.14
N ASN P 220 -27.00 -59.43 -7.81
CA ASN P 220 -27.41 -60.50 -6.91
C ASN P 220 -28.94 -60.52 -6.79
N THR P 221 -29.58 -61.29 -7.66
CA THR P 221 -31.04 -61.39 -7.67
C THR P 221 -31.62 -62.13 -6.47
N LEU P 222 -30.87 -63.09 -5.94
CA LEU P 222 -31.33 -63.87 -4.78
C LEU P 222 -31.38 -63.03 -3.50
N LEU P 223 -31.23 -61.72 -3.64
CA LEU P 223 -31.26 -60.82 -2.47
C LEU P 223 -32.37 -59.76 -2.54
N LYS P 224 -32.66 -59.29 -3.75
CA LYS P 224 -33.70 -58.27 -3.95
C LYS P 224 -35.13 -58.80 -3.78
N GLU P 225 -35.27 -59.96 -3.15
CA GLU P 225 -36.57 -60.59 -2.90
C GLU P 225 -36.81 -60.75 -1.41
N TRP P 226 -35.73 -60.99 -0.66
CA TRP P 226 -35.80 -61.15 0.80
C TRP P 226 -35.28 -59.88 1.50
N SER P 227 -35.05 -58.84 0.70
CA SER P 227 -34.55 -57.54 1.19
C SER P 227 -35.69 -56.53 1.35
N LYS P 228 -36.90 -56.97 1.02
CA LYS P 228 -38.10 -56.14 1.14
C LYS P 228 -38.84 -56.59 2.40
N LYS P 229 -38.34 -57.66 3.01
CA LYS P 229 -38.92 -58.19 4.24
C LYS P 229 -38.66 -57.18 5.36
N TYR P 230 -37.53 -56.49 5.24
CA TYR P 230 -37.11 -55.46 6.20
C TYR P 230 -36.91 -54.12 5.47
N ASN P 231 -36.03 -53.26 5.98
CA ASN P 231 -35.80 -51.96 5.33
C ASN P 231 -34.57 -51.98 4.42
N VAL P 232 -34.39 -50.86 3.74
CA VAL P 232 -33.28 -50.68 2.81
C VAL P 232 -33.14 -49.22 2.48
N LYS P 233 -31.91 -48.79 2.23
CA LYS P 233 -31.70 -47.40 1.86
C LYS P 233 -30.44 -47.31 1.02
N HIS P 234 -30.48 -46.56 -0.07
CA HIS P 234 -29.33 -46.40 -0.93
C HIS P 234 -28.46 -45.28 -0.46
N LEU P 235 -27.17 -45.53 -0.49
CA LEU P 235 -26.23 -44.50 -0.06
C LEU P 235 -25.33 -44.08 -1.22
N THR P 252 -22.78 -49.24 -9.95
CA THR P 252 -23.06 -50.14 -8.81
C THR P 252 -23.91 -49.43 -7.76
N ASP P 253 -24.81 -50.18 -7.12
CA ASP P 253 -25.68 -49.64 -6.08
C ASP P 253 -25.31 -50.25 -4.71
N GLU P 254 -24.80 -49.38 -3.79
CA GLU P 254 -24.34 -49.79 -2.45
C GLU P 254 -25.16 -49.26 -1.26
N VAL P 255 -25.60 -50.18 -0.39
CA VAL P 255 -26.41 -49.82 0.75
C VAL P 255 -26.45 -50.94 1.76
N TYR P 256 -27.26 -50.76 2.81
CA TYR P 256 -27.47 -51.77 3.86
C TYR P 256 -28.91 -51.74 4.36
N ILE P 257 -29.23 -52.77 5.16
CA ILE P 257 -30.57 -53.05 5.67
C ILE P 257 -30.79 -52.67 7.15
N PHE P 258 -31.97 -52.13 7.46
CA PHE P 258 -32.30 -51.73 8.82
C PHE P 258 -33.59 -52.40 9.34
N ASN P 259 -33.48 -53.05 10.48
CA ASN P 259 -34.61 -53.75 11.11
C ASN P 259 -34.98 -53.07 12.42
CL CL Q . -27.96 41.31 -13.78
CL CL R . -30.28 45.57 -13.12
CL CL S . 0.56 66.96 19.10
CA CA T . -5.46 64.56 15.34
CA CA U . 8.21 66.72 2.50
CL CL V . 4.18 81.89 -1.90
N SAH W . 13.92 47.49 31.83
CA SAH W . 13.78 48.29 30.56
CB SAH W . 12.42 48.60 30.08
CG SAH W . 11.50 47.44 29.79
SD SAH W . 10.06 48.15 28.98
C SAH W . 14.60 49.59 30.78
O SAH W . 15.17 49.75 31.86
OXT SAH W . 14.62 50.42 29.78
C5' SAH W . 9.27 46.73 28.27
C4' SAH W . 10.01 46.26 26.91
O4' SAH W . 9.22 45.18 26.49
C3' SAH W . 9.96 47.19 25.76
O3' SAH W . 11.27 47.63 25.45
C2' SAH W . 9.29 46.34 24.60
O2' SAH W . 9.82 46.64 23.32
C1' SAH W . 9.53 44.91 25.07
N9 SAH W . 8.67 43.97 24.69
C8 SAH W . 7.32 44.00 24.43
N7 SAH W . 6.79 42.87 24.11
C5 SAH W . 7.85 41.99 24.14
C6 SAH W . 7.87 40.58 23.91
N6 SAH W . 6.76 39.87 23.59
N1 SAH W . 9.14 40.00 24.04
C2 SAH W . 10.25 40.71 24.36
N3 SAH W . 10.25 42.08 24.61
C4 SAH W . 9.02 42.63 24.49
N SAH X . -8.58 87.54 -11.70
CA SAH X . -8.64 86.64 -10.48
CB SAH X . -7.78 85.42 -10.43
CG SAH X . -7.92 84.41 -11.57
SD SAH X . -6.75 83.02 -11.25
C SAH X . -8.43 87.60 -9.25
O SAH X . -8.27 88.81 -9.45
OXT SAH X . -8.44 87.06 -8.09
C5' SAH X . -7.22 81.81 -12.39
C4' SAH X . -8.56 81.12 -11.88
O4' SAH X . -8.79 80.16 -12.86
C3' SAH X . -8.47 80.33 -10.59
O3' SAH X . -9.26 80.93 -9.59
C2' SAH X . -8.97 78.89 -11.01
O2' SAH X . -9.72 78.29 -9.98
C1' SAH X . -9.75 79.18 -12.32
N9 SAH X . -9.83 78.20 -13.22
C8 SAH X . -8.96 77.24 -13.61
N7 SAH X . -9.36 76.45 -14.54
C5 SAH X . -10.64 76.91 -14.84
C6 SAH X . -11.58 76.44 -15.81
N6 SAH X . -11.35 75.40 -16.64
N1 SAH X . -12.74 77.14 -15.82
C2 SAH X . -12.99 78.19 -15.00
N3 SAH X . -12.10 78.67 -14.06
C4 SAH X . -10.95 77.98 -14.06
N SAH Y . 18.79 27.89 0.89
CA SAH Y . 18.75 27.36 -0.55
CB SAH Y . 17.61 26.48 -0.93
CG SAH Y . 17.41 25.23 -0.11
SD SAH Y . 16.23 24.20 -1.03
C SAH Y . 18.85 28.62 -1.47
O SAH Y . 18.94 29.75 -0.96
OXT SAH Y . 18.83 28.40 -2.75
C5' SAH Y . 16.43 22.61 -0.31
C4' SAH Y . 17.67 21.84 -0.95
O4' SAH Y . 17.63 20.59 -0.27
C3' SAH Y . 17.54 21.47 -2.41
O3' SAH Y . 18.56 22.11 -3.16
C2' SAH Y . 17.60 19.88 -2.40
O2' SAH Y . 18.24 19.34 -3.55
C1' SAH Y . 18.35 19.60 -1.11
N9 SAH Y . 18.17 18.40 -0.53
C8 SAH Y . 17.08 17.57 -0.43
N7 SAH Y . 17.28 16.49 0.23
C5 SAH Y . 18.62 16.59 0.63
C6 SAH Y . 19.42 15.72 1.41
N6 SAH Y . 18.98 14.56 1.92
N1 SAH Y . 20.72 16.16 1.62
C2 SAH Y . 21.20 17.32 1.11
N3 SAH Y . 20.46 18.18 0.36
C4 SAH Y . 19.18 17.74 0.16
N SAH Z . -19.11 -21.09 -18.68
CA SAH Z . -19.13 -21.60 -17.25
CB SAH Z . -18.38 -22.84 -16.91
CG SAH Z . -18.69 -24.10 -17.70
SD SAH Z . -17.63 -25.39 -16.97
C SAH Z . -18.66 -20.42 -16.32
O SAH Z . -18.36 -19.33 -16.86
OXT SAH Z . -18.63 -20.68 -15.05
C5' SAH Z . -18.44 -26.85 -17.51
C4' SAH Z . -19.71 -27.23 -16.58
O4' SAH Z . -20.17 -28.42 -17.19
C3' SAH Z . -19.43 -27.66 -15.16
O3' SAH Z . -20.04 -26.77 -14.25
C2' SAH Z . -19.99 -29.15 -15.09
O2' SAH Z . -20.56 -29.42 -13.82
C1' SAH Z . -20.99 -29.17 -16.23
N9 SAH Z . -21.29 -30.36 -16.81
C8 SAH Z . -20.56 -31.48 -17.14
N7 SAH Z . -21.23 -32.43 -17.72
C5 SAH Z . -22.55 -31.93 -17.81
C6 SAH Z . -23.76 -32.50 -18.37
N6 SAH Z . -23.83 -33.71 -18.96
N1 SAH Z . -24.87 -31.70 -18.25
C2 SAH Z . -24.87 -30.47 -17.69
N3 SAH Z . -23.73 -29.90 -17.16
C4 SAH Z . -22.62 -30.67 -17.25
N SAH AA . 9.38 -87.16 -6.41
CA SAH AA . 8.48 -87.25 -7.65
CB SAH AA . 7.09 -87.79 -7.50
CG SAH AA . 6.87 -89.17 -6.91
SD SAH AA . 5.45 -89.90 -7.84
C SAH AA . 8.46 -85.80 -8.28
O SAH AA . 9.11 -84.89 -7.73
OXT SAH AA . 7.75 -85.64 -9.36
C5' SAH AA . 5.57 -91.62 -7.48
C4' SAH AA . 6.27 -92.41 -8.70
O4' SAH AA . 6.25 -93.77 -8.32
C3' SAH AA . 5.55 -92.38 -10.04
O3' SAH AA . 6.26 -91.60 -10.97
C2' SAH AA . 5.44 -93.92 -10.42
O2' SAH AA . 5.63 -94.13 -11.82
C1' SAH AA . 6.50 -94.56 -9.54
N9 SAH AA . 6.38 -95.87 -9.27
C8 SAH AA . 5.29 -96.74 -9.21
N7 SAH AA . 5.59 -97.96 -8.90
C5 SAH AA . 6.99 -97.95 -8.73
C6 SAH AA . 7.92 -98.98 -8.37
N6 SAH AA . 7.57 -100.24 -8.13
N1 SAH AA . 9.24 -98.58 -8.30
C2 SAH AA . 9.65 -97.31 -8.54
N3 SAH AA . 8.78 -96.29 -8.87
C4 SAH AA . 7.49 -96.68 -8.95
N SAH BA . -16.45 -53.89 6.98
CA SAH BA . -15.54 -54.76 7.84
CB SAH BA . -14.95 -56.01 7.25
CG SAH BA . -15.83 -57.10 6.65
SD SAH BA . -14.74 -58.05 5.52
C SAH BA . -14.37 -53.82 8.38
O SAH BA . -14.34 -52.61 8.08
OXT SAH BA . -13.49 -54.39 9.13
C5' SAH BA . -15.48 -59.63 5.39
C4' SAH BA . -14.91 -60.60 6.51
O4' SAH BA . -15.55 -61.84 6.27
C3' SAH BA . -13.45 -60.95 6.49
O3' SAH BA . -12.75 -60.20 7.45
C2' SAH BA . -13.47 -62.51 6.75
O2' SAH BA . -12.50 -62.89 7.71
C1' SAH BA . -14.90 -62.78 7.20
N9 SAH BA . -15.37 -64.02 7.01
C8 SAH BA . -15.23 -64.98 6.01
N7 SAH BA . -15.87 -66.09 6.23
C5 SAH BA . -16.53 -65.88 7.48
C6 SAH BA . -17.41 -66.72 8.25
N6 SAH BA . -17.77 -67.96 7.88
N1 SAH BA . -17.86 -66.17 9.43
C2 SAH BA . -17.52 -64.92 9.85
N3 SAH BA . -16.69 -64.08 9.14
C4 SAH BA . -16.24 -64.62 7.96
#